data_1IRI
#
_entry.id   1IRI
#
_cell.length_a   80.651
_cell.length_b   107.771
_cell.length_c   270.345
_cell.angle_alpha   90.00
_cell.angle_beta   90.00
_cell.angle_gamma   90.00
#
_symmetry.space_group_name_H-M   'P 21 21 21'
#
loop_
_entity.id
_entity.type
_entity.pdbx_description
1 polymer 'autocrine motility factor'
2 non-polymer ERYTHOSE-4-PHOSPHATE
3 water water
#
_entity_poly.entity_id   1
_entity_poly.type   'polypeptide(L)'
_entity_poly.pdbx_seq_one_letter_code
;MAALTRDPQFQKLQQWYREHRSELNLRRLFDANKDRFNHFSLTLNTNHGHILVDYSKNLVTEDVMRMLVDLAKSRGVEAA
RERMFNGEKINYTEGRAVLHVALRNRSNTPILVDGKDVMPEVNKVLDKMKSFCQRVRSGDWKGYTGKTITDVINIGIGGS
DLGPLMVTEALKPYSSGGPRVWYVSNIDGTHIAKTLAQLNPESSLFIIASKTFTTQETITNAETAKEWFLQAAKDPSAVA
KHFVALSTNTTKVKEFGIDPQNMFEFWDWVGGRYSLWSAIGLSIALHVGFDNFEQLLSGAHWMDQHFRTTPLEKNAPVLL
ALLGIWYINCFGCETHAMLPYDQYLHRFAAYFQQGDMESNGKYITKSGTRVDHQTGPIVWGEPGTNGQHAFYQLIHQGTK
MIPCDFLIPVQTQHPIRKGLHHKILLANFLAQTEALMRGKSTEEARKELQAAGKSPEDLERLLPHKVFEGNRPTNSIVFT
KLTPFMLGALVAMYEHKIFVQGIIWDINSFDQWGVELGKQLAKKIEPELDGSAQVTSHDASTNGLINFIKQQREARVQ
;
_entity_poly.pdbx_strand_id   A,B,C,D
#
loop_
_chem_comp.id
_chem_comp.type
_chem_comp.name
_chem_comp.formula
E4P saccharide ERYTHOSE-4-PHOSPHATE 'C4 H9 O7 P'
#
# COMPACT_ATOMS: atom_id res chain seq x y z
N MET A 1 -26.73 -62.48 0.12
CA MET A 1 -27.83 -62.24 -0.86
C MET A 1 -28.72 -61.07 -0.45
N ALA A 2 -28.49 -59.89 -1.02
CA ALA A 2 -29.36 -58.74 -0.81
C ALA A 2 -30.68 -58.83 -1.59
N ALA A 3 -31.60 -57.95 -1.24
CA ALA A 3 -32.90 -57.89 -1.90
C ALA A 3 -32.82 -57.79 -3.42
N LEU A 4 -31.84 -57.07 -3.94
CA LEU A 4 -31.77 -56.88 -5.37
C LEU A 4 -31.30 -58.15 -6.09
N THR A 5 -30.34 -58.88 -5.54
CA THR A 5 -29.86 -60.08 -6.23
C THR A 5 -30.87 -61.22 -6.10
N ARG A 6 -31.73 -61.14 -5.07
CA ARG A 6 -32.79 -62.10 -4.86
C ARG A 6 -34.04 -61.83 -5.70
N ASP A 7 -34.15 -60.64 -6.29
CA ASP A 7 -35.35 -60.29 -7.02
C ASP A 7 -35.40 -60.98 -8.36
N PRO A 8 -36.46 -61.73 -8.61
CA PRO A 8 -36.64 -62.49 -9.86
C PRO A 8 -36.55 -61.62 -11.09
N GLN A 9 -37.12 -60.42 -11.04
CA GLN A 9 -37.01 -59.53 -12.18
C GLN A 9 -35.55 -59.23 -12.39
N PHE A 10 -34.84 -58.95 -11.30
CA PHE A 10 -33.44 -58.62 -11.46
C PHE A 10 -32.75 -59.81 -12.11
N GLN A 11 -32.99 -60.99 -11.56
CA GLN A 11 -32.40 -62.23 -12.11
C GLN A 11 -32.69 -62.39 -13.61
N LYS A 12 -33.93 -62.14 -14.02
CA LYS A 12 -34.35 -62.22 -15.41
C LYS A 12 -33.51 -61.28 -16.28
N LEU A 13 -33.30 -60.06 -15.79
CA LEU A 13 -32.46 -59.05 -16.48
C LEU A 13 -31.02 -59.52 -16.70
N GLN A 14 -30.40 -60.07 -15.66
CA GLN A 14 -29.05 -60.64 -15.79
C GLN A 14 -29.03 -61.74 -16.85
N GLN A 15 -30.01 -62.63 -16.74
CA GLN A 15 -30.11 -63.72 -17.69
C GLN A 15 -30.09 -63.13 -19.09
N TRP A 16 -31.00 -62.22 -19.38
CA TRP A 16 -31.08 -61.64 -20.72
C TRP A 16 -29.76 -61.01 -21.14
N TYR A 17 -29.11 -60.31 -20.22
CA TYR A 17 -27.80 -59.71 -20.51
C TYR A 17 -26.81 -60.79 -20.98
N ARG A 18 -26.73 -61.89 -20.24
CA ARG A 18 -25.85 -63.00 -20.57
C ARG A 18 -26.10 -63.52 -22.00
N GLU A 19 -27.38 -63.72 -22.32
CA GLU A 19 -27.79 -64.28 -23.60
C GLU A 19 -27.67 -63.30 -24.77
N HIS A 20 -28.15 -62.07 -24.63
CA HIS A 20 -28.21 -61.19 -25.80
C HIS A 20 -27.17 -60.05 -25.92
N ARG A 21 -26.32 -59.88 -24.92
CA ARG A 21 -25.35 -58.81 -24.95
C ARG A 21 -24.90 -58.43 -26.38
N SER A 22 -24.46 -59.42 -27.16
CA SER A 22 -23.92 -59.19 -28.52
C SER A 22 -24.93 -58.59 -29.51
N GLU A 23 -26.21 -58.78 -29.17
CA GLU A 23 -27.33 -58.34 -29.96
C GLU A 23 -27.59 -56.83 -29.72
N LEU A 24 -26.73 -56.20 -28.92
CA LEU A 24 -26.91 -54.80 -28.56
C LEU A 24 -25.90 -53.89 -29.24
N ASN A 25 -26.07 -53.71 -30.55
CA ASN A 25 -25.24 -52.79 -31.30
C ASN A 25 -26.12 -51.69 -31.87
N LEU A 26 -25.79 -50.45 -31.51
CA LEU A 26 -26.63 -49.30 -31.84
C LEU A 26 -26.78 -48.98 -33.30
N ARG A 27 -25.67 -49.01 -34.03
CA ARG A 27 -25.69 -48.69 -35.43
C ARG A 27 -26.68 -49.63 -36.11
N ARG A 28 -26.64 -50.90 -35.73
CA ARG A 28 -27.58 -51.86 -36.29
C ARG A 28 -28.99 -51.59 -35.81
N LEU A 29 -29.14 -51.30 -34.52
CA LEU A 29 -30.47 -51.04 -33.98
C LEU A 29 -31.15 -49.86 -34.64
N PHE A 30 -30.38 -48.82 -34.96
CA PHE A 30 -30.94 -47.63 -35.58
C PHE A 30 -31.18 -47.81 -37.06
N ASP A 31 -30.44 -48.73 -37.69
CA ASP A 31 -30.63 -49.04 -39.11
C ASP A 31 -31.85 -49.94 -39.25
N ALA A 32 -32.10 -50.76 -38.23
CA ALA A 32 -33.20 -51.74 -38.25
C ALA A 32 -34.58 -51.22 -37.83
N ASN A 33 -34.60 -50.09 -37.12
CA ASN A 33 -35.86 -49.49 -36.66
C ASN A 33 -35.78 -48.00 -36.82
N LYS A 34 -36.35 -47.47 -37.90
CA LYS A 34 -36.28 -46.04 -38.18
C LYS A 34 -37.03 -45.24 -37.12
N ASP A 35 -37.80 -45.92 -36.28
CA ASP A 35 -38.61 -45.27 -35.25
C ASP A 35 -38.06 -45.27 -33.84
N ARG A 36 -36.80 -45.62 -33.73
CA ARG A 36 -36.15 -45.76 -32.44
C ARG A 36 -36.28 -44.50 -31.59
N PHE A 37 -35.94 -43.36 -32.15
CA PHE A 37 -36.02 -42.13 -31.39
C PHE A 37 -37.41 -41.96 -30.80
N ASN A 38 -38.42 -42.19 -31.63
CA ASN A 38 -39.80 -42.08 -31.20
C ASN A 38 -40.15 -43.09 -30.08
N HIS A 39 -39.59 -44.29 -30.09
CA HIS A 39 -39.92 -45.21 -29.02
C HIS A 39 -39.10 -45.01 -27.76
N PHE A 40 -37.94 -44.35 -27.87
CA PHE A 40 -37.05 -44.21 -26.72
C PHE A 40 -36.69 -42.75 -26.36
N SER A 41 -37.68 -41.88 -26.36
CA SER A 41 -37.48 -40.49 -26.00
C SER A 41 -38.73 -39.95 -25.34
N LEU A 42 -38.54 -38.98 -24.45
CA LEU A 42 -39.64 -38.36 -23.73
C LEU A 42 -39.68 -36.90 -24.06
N THR A 43 -40.89 -36.39 -24.32
CA THR A 43 -41.07 -34.97 -24.55
C THR A 43 -42.04 -34.52 -23.50
N LEU A 44 -41.56 -33.63 -22.65
CA LEU A 44 -42.31 -33.09 -21.54
C LEU A 44 -42.56 -31.59 -21.76
N ASN A 45 -43.83 -31.18 -21.70
CA ASN A 45 -44.19 -29.77 -21.80
C ASN A 45 -44.51 -29.29 -20.40
N THR A 46 -43.68 -28.41 -19.87
CA THR A 46 -43.89 -27.85 -18.53
C THR A 46 -44.73 -26.60 -18.52
N ASN A 47 -45.02 -26.07 -19.70
CA ASN A 47 -45.68 -24.76 -19.86
C ASN A 47 -44.67 -23.60 -19.71
N HIS A 48 -43.43 -23.92 -19.38
CA HIS A 48 -42.37 -22.94 -19.25
C HIS A 48 -41.11 -23.41 -19.97
N GLY A 49 -41.32 -24.16 -21.05
CA GLY A 49 -40.27 -24.73 -21.84
C GLY A 49 -40.48 -26.22 -21.92
N HIS A 50 -39.93 -26.83 -22.96
CA HIS A 50 -39.98 -28.28 -23.09
C HIS A 50 -38.68 -28.95 -22.67
N ILE A 51 -38.79 -30.20 -22.27
CA ILE A 51 -37.63 -31.03 -22.02
C ILE A 51 -37.72 -32.26 -22.85
N LEU A 52 -36.71 -32.48 -23.68
CA LEU A 52 -36.58 -33.69 -24.45
C LEU A 52 -35.55 -34.61 -23.76
N VAL A 53 -36.01 -35.78 -23.32
CA VAL A 53 -35.13 -36.78 -22.74
C VAL A 53 -34.99 -37.90 -23.74
N ASP A 54 -33.93 -37.82 -24.54
CA ASP A 54 -33.69 -38.79 -25.59
C ASP A 54 -32.70 -39.86 -25.15
N TYR A 55 -33.26 -41.01 -24.80
CA TYR A 55 -32.48 -42.15 -24.36
C TYR A 55 -32.31 -43.18 -25.50
N SER A 56 -32.50 -42.77 -26.76
CA SER A 56 -32.46 -43.72 -27.87
C SER A 56 -31.04 -44.25 -28.17
N LYS A 57 -30.03 -43.44 -27.90
CA LYS A 57 -28.68 -43.93 -28.11
C LYS A 57 -28.18 -44.76 -26.92
N ASN A 58 -29.05 -45.58 -26.34
CA ASN A 58 -28.67 -46.48 -25.26
C ASN A 58 -28.66 -47.95 -25.73
N LEU A 59 -27.94 -48.81 -25.02
CA LEU A 59 -27.86 -50.23 -25.38
C LEU A 59 -29.04 -51.00 -24.81
N VAL A 60 -30.21 -50.74 -25.36
CA VAL A 60 -31.44 -51.31 -24.89
C VAL A 60 -32.43 -51.58 -26.02
N THR A 61 -33.36 -52.46 -25.75
CA THR A 61 -34.46 -52.75 -26.65
C THR A 61 -35.74 -52.67 -25.86
N GLU A 62 -36.85 -52.68 -26.57
CA GLU A 62 -38.14 -52.62 -25.92
C GLU A 62 -38.20 -53.69 -24.84
N ASP A 63 -37.73 -54.88 -25.18
CA ASP A 63 -37.74 -55.98 -24.23
C ASP A 63 -36.95 -55.63 -22.98
N VAL A 64 -35.80 -55.03 -23.18
CA VAL A 64 -34.98 -54.60 -22.06
C VAL A 64 -35.71 -53.55 -21.23
N MET A 65 -36.28 -52.56 -21.92
CA MET A 65 -36.97 -51.48 -21.22
C MET A 65 -38.11 -52.04 -20.38
N ARG A 66 -38.83 -52.98 -20.95
CA ARG A 66 -39.94 -53.65 -20.26
C ARG A 66 -39.45 -54.29 -18.95
N MET A 67 -38.40 -55.09 -19.02
CA MET A 67 -37.88 -55.74 -17.84
C MET A 67 -37.38 -54.71 -16.81
N LEU A 68 -36.74 -53.64 -17.29
CA LEU A 68 -36.21 -52.62 -16.41
C LEU A 68 -37.38 -52.02 -15.60
N VAL A 69 -38.49 -51.76 -16.27
CA VAL A 69 -39.68 -51.25 -15.61
C VAL A 69 -40.21 -52.29 -14.64
N ASP A 70 -40.26 -53.55 -15.08
CA ASP A 70 -40.73 -54.61 -14.19
C ASP A 70 -39.87 -54.68 -12.95
N LEU A 71 -38.56 -54.46 -13.09
CA LEU A 71 -37.66 -54.46 -11.94
C LEU A 71 -38.09 -53.40 -10.98
N ALA A 72 -38.43 -52.24 -11.50
CA ALA A 72 -38.89 -51.14 -10.64
C ALA A 72 -40.21 -51.48 -9.95
N LYS A 73 -41.18 -52.06 -10.66
CA LYS A 73 -42.44 -52.45 -10.02
C LYS A 73 -42.12 -53.44 -8.92
N SER A 74 -41.29 -54.42 -9.25
CA SER A 74 -40.90 -55.44 -8.31
C SER A 74 -40.13 -54.94 -7.09
N ARG A 75 -39.26 -53.95 -7.26
CA ARG A 75 -38.52 -53.42 -6.12
C ARG A 75 -39.33 -52.38 -5.33
N GLY A 76 -40.54 -52.06 -5.80
CA GLY A 76 -41.45 -51.23 -5.04
C GLY A 76 -41.19 -49.73 -5.11
N VAL A 77 -40.83 -49.24 -6.28
CA VAL A 77 -40.48 -47.83 -6.46
C VAL A 77 -41.65 -46.88 -6.12
N GLU A 78 -42.84 -47.20 -6.61
CA GLU A 78 -44.05 -46.41 -6.37
C GLU A 78 -44.40 -46.28 -4.90
N ALA A 79 -44.49 -47.41 -4.23
CA ALA A 79 -44.80 -47.40 -2.82
C ALA A 79 -43.76 -46.58 -2.07
N ALA A 80 -42.48 -46.77 -2.41
CA ALA A 80 -41.37 -46.02 -1.79
C ALA A 80 -41.51 -44.55 -2.08
N ARG A 81 -41.89 -44.23 -3.32
CA ARG A 81 -42.09 -42.84 -3.69
C ARG A 81 -43.17 -42.23 -2.80
N GLU A 82 -44.29 -42.91 -2.64
CA GLU A 82 -45.37 -42.39 -1.81
C GLU A 82 -44.95 -42.18 -0.35
N ARG A 83 -44.18 -43.10 0.22
CA ARG A 83 -43.78 -42.93 1.60
C ARG A 83 -43.01 -41.62 1.75
N MET A 84 -42.16 -41.32 0.76
CA MET A 84 -41.40 -40.08 0.79
C MET A 84 -42.33 -38.91 0.77
N PHE A 85 -43.21 -38.88 -0.23
CA PHE A 85 -44.09 -37.75 -0.39
C PHE A 85 -45.09 -37.60 0.75
N ASN A 86 -45.36 -38.67 1.50
CA ASN A 86 -46.34 -38.59 2.57
C ASN A 86 -45.74 -38.23 3.92
N GLY A 87 -44.43 -38.00 3.94
CA GLY A 87 -43.75 -37.65 5.16
C GLY A 87 -43.38 -38.82 6.05
N GLU A 88 -43.35 -40.03 5.50
CA GLU A 88 -42.93 -41.18 6.29
C GLU A 88 -41.42 -41.06 6.50
N LYS A 89 -40.92 -41.73 7.53
CA LYS A 89 -39.54 -41.62 7.94
C LYS A 89 -38.67 -42.64 7.23
N ILE A 90 -38.51 -42.47 5.92
CA ILE A 90 -37.73 -43.41 5.11
C ILE A 90 -36.19 -43.33 5.28
N ASN A 91 -35.72 -42.26 5.90
CA ASN A 91 -34.34 -42.17 6.33
C ASN A 91 -34.31 -43.00 7.63
N TYR A 92 -34.27 -44.32 7.47
CA TYR A 92 -34.55 -45.20 8.58
C TYR A 92 -33.44 -45.39 9.58
N THR A 93 -32.23 -44.96 9.25
CA THR A 93 -31.13 -45.04 10.21
C THR A 93 -31.08 -43.77 11.08
N GLU A 94 -31.58 -42.66 10.59
CA GLU A 94 -31.57 -41.47 11.43
C GLU A 94 -32.97 -41.25 12.06
N GLY A 95 -33.95 -41.97 11.55
CA GLY A 95 -35.33 -41.87 12.03
C GLY A 95 -35.96 -40.58 11.56
N ARG A 96 -35.84 -40.32 10.27
CA ARG A 96 -36.25 -39.05 9.72
C ARG A 96 -37.05 -39.14 8.48
N ALA A 97 -37.85 -38.10 8.27
CA ALA A 97 -38.54 -37.99 7.00
C ALA A 97 -37.55 -37.40 5.99
N VAL A 98 -37.91 -37.49 4.72
CA VAL A 98 -37.09 -36.96 3.66
C VAL A 98 -38.02 -36.09 2.84
N LEU A 99 -37.98 -34.79 3.11
CA LEU A 99 -38.95 -33.88 2.51
C LEU A 99 -38.38 -32.68 1.74
N HIS A 100 -37.38 -32.90 0.91
CA HIS A 100 -36.96 -31.80 0.06
C HIS A 100 -38.19 -31.41 -0.78
N VAL A 101 -39.08 -32.35 -1.07
CA VAL A 101 -40.24 -32.03 -1.90
C VAL A 101 -41.23 -31.10 -1.23
N ALA A 102 -41.17 -31.00 0.10
CA ALA A 102 -42.07 -30.08 0.79
C ALA A 102 -41.58 -28.65 0.65
N LEU A 103 -40.27 -28.46 0.43
CA LEU A 103 -39.66 -27.12 0.37
C LEU A 103 -40.14 -26.32 -0.84
N ARG A 104 -40.58 -27.03 -1.86
CA ARG A 104 -41.04 -26.44 -3.11
C ARG A 104 -42.46 -26.84 -3.41
N ASN A 105 -43.17 -27.30 -2.41
CA ASN A 105 -44.55 -27.72 -2.60
C ASN A 105 -45.42 -26.46 -2.79
N ARG A 106 -45.38 -25.92 -4.02
CA ARG A 106 -46.12 -24.70 -4.36
C ARG A 106 -47.63 -24.84 -4.19
N SER A 107 -48.13 -26.07 -4.28
CA SER A 107 -49.55 -26.35 -4.11
C SER A 107 -49.99 -26.16 -2.68
N ASN A 108 -49.05 -26.23 -1.74
CA ASN A 108 -49.37 -26.12 -0.33
C ASN A 108 -50.30 -27.20 0.17
N THR A 109 -50.41 -28.30 -0.58
CA THR A 109 -51.17 -29.43 -0.11
C THR A 109 -50.47 -29.87 1.14
N PRO A 110 -51.21 -30.10 2.22
CA PRO A 110 -50.56 -30.42 3.50
C PRO A 110 -49.65 -31.63 3.40
N ILE A 111 -48.53 -31.57 4.11
CA ILE A 111 -47.64 -32.70 4.26
C ILE A 111 -47.37 -32.84 5.74
N LEU A 112 -47.68 -34.01 6.29
CA LEU A 112 -47.58 -34.21 7.74
C LEU A 112 -46.45 -35.15 8.17
N VAL A 113 -45.72 -34.73 9.20
CA VAL A 113 -44.77 -35.63 9.83
C VAL A 113 -45.18 -35.60 11.30
N ASP A 114 -45.40 -36.78 11.87
CA ASP A 114 -45.89 -36.88 13.25
C ASP A 114 -47.23 -36.15 13.34
N GLY A 115 -48.10 -36.41 12.36
CA GLY A 115 -49.43 -35.81 12.36
C GLY A 115 -49.50 -34.30 12.34
N LYS A 116 -48.41 -33.63 11.98
CA LYS A 116 -48.40 -32.17 11.88
C LYS A 116 -47.92 -31.67 10.50
N ASP A 117 -48.74 -30.84 9.87
CA ASP A 117 -48.44 -30.22 8.58
C ASP A 117 -47.17 -29.35 8.63
N VAL A 118 -46.24 -29.55 7.68
CA VAL A 118 -45.01 -28.73 7.66
C VAL A 118 -45.06 -27.48 6.77
N MET A 119 -46.09 -27.34 5.96
CA MET A 119 -46.11 -26.25 5.00
C MET A 119 -46.07 -24.89 5.66
N PRO A 120 -46.79 -24.69 6.74
CA PRO A 120 -46.70 -23.41 7.45
C PRO A 120 -45.27 -23.01 7.83
N GLU A 121 -44.51 -23.84 8.53
CA GLU A 121 -43.15 -23.43 8.89
C GLU A 121 -42.37 -23.19 7.59
N VAL A 122 -42.55 -24.07 6.62
CA VAL A 122 -41.88 -23.93 5.37
C VAL A 122 -42.18 -22.56 4.79
N ASN A 123 -43.47 -22.26 4.70
CA ASN A 123 -43.90 -20.97 4.15
C ASN A 123 -43.49 -19.79 5.03
N LYS A 124 -43.46 -19.98 6.35
CA LYS A 124 -43.01 -18.91 7.24
C LYS A 124 -41.52 -18.53 7.01
N VAL A 125 -40.67 -19.48 6.68
CA VAL A 125 -39.29 -19.11 6.43
C VAL A 125 -39.17 -18.46 5.04
N LEU A 126 -39.87 -19.01 4.08
CA LEU A 126 -39.88 -18.42 2.75
C LEU A 126 -40.26 -16.93 2.81
N ASP A 127 -41.22 -16.58 3.67
CA ASP A 127 -41.66 -15.18 3.84
C ASP A 127 -40.57 -14.36 4.48
N LYS A 128 -39.87 -14.94 5.46
CA LYS A 128 -38.71 -14.29 6.06
C LYS A 128 -37.60 -14.07 5.03
N MET A 129 -37.19 -15.12 4.31
CA MET A 129 -36.17 -14.94 3.30
C MET A 129 -36.60 -13.77 2.42
N LYS A 130 -37.84 -13.84 1.97
CA LYS A 130 -38.38 -12.89 0.98
C LYS A 130 -38.31 -11.42 1.44
N SER A 131 -38.79 -11.15 2.64
CA SER A 131 -38.67 -9.82 3.19
C SER A 131 -37.21 -9.42 3.26
N PHE A 132 -36.38 -10.31 3.81
CA PHE A 132 -34.97 -10.00 3.99
C PHE A 132 -34.31 -9.67 2.66
N CYS A 133 -34.62 -10.44 1.61
CA CYS A 133 -34.05 -10.19 0.27
C CYS A 133 -34.46 -8.80 -0.23
N GLN A 134 -35.75 -8.51 -0.18
CA GLN A 134 -36.25 -7.18 -0.55
C GLN A 134 -35.42 -6.08 0.14
N ARG A 135 -35.35 -6.14 1.46
CA ARG A 135 -34.63 -5.13 2.23
C ARG A 135 -33.14 -5.02 1.84
N VAL A 136 -32.51 -6.14 1.54
CA VAL A 136 -31.10 -6.08 1.22
C VAL A 136 -30.90 -5.55 -0.18
N ARG A 137 -31.65 -6.10 -1.14
CA ARG A 137 -31.50 -5.72 -2.53
C ARG A 137 -31.88 -4.27 -2.77
N SER A 138 -32.84 -3.75 -2.02
CA SER A 138 -33.29 -2.40 -2.27
C SER A 138 -32.40 -1.36 -1.58
N GLY A 139 -31.54 -1.80 -0.68
CA GLY A 139 -30.74 -0.87 0.09
C GLY A 139 -31.35 -0.49 1.44
N ASP A 140 -32.54 -0.99 1.75
CA ASP A 140 -33.16 -0.71 3.04
C ASP A 140 -32.30 -1.25 4.17
N TRP A 141 -31.59 -2.35 3.92
CA TRP A 141 -30.74 -2.94 4.96
C TRP A 141 -29.37 -2.36 4.82
N LYS A 142 -28.84 -1.78 5.86
CA LYS A 142 -27.55 -1.14 5.72
C LYS A 142 -26.56 -1.70 6.70
N GLY A 143 -25.29 -1.52 6.38
CA GLY A 143 -24.20 -1.94 7.23
C GLY A 143 -24.00 -0.95 8.37
N TYR A 144 -22.94 -1.18 9.16
CA TYR A 144 -22.66 -0.42 10.39
C TYR A 144 -22.19 1.03 10.17
N THR A 145 -21.82 1.42 8.94
CA THR A 145 -21.54 2.83 8.64
C THR A 145 -22.61 3.33 7.67
N GLY A 146 -23.74 2.64 7.67
CA GLY A 146 -24.85 3.00 6.79
C GLY A 146 -24.80 2.72 5.29
N LYS A 147 -23.92 1.85 4.81
CA LYS A 147 -23.85 1.59 3.36
C LYS A 147 -24.66 0.38 2.97
N THR A 148 -25.06 0.34 1.70
CA THR A 148 -25.80 -0.76 1.17
C THR A 148 -24.86 -1.96 1.01
N ILE A 149 -25.42 -3.15 1.06
CA ILE A 149 -24.64 -4.37 0.94
C ILE A 149 -24.30 -4.58 -0.50
N THR A 150 -23.03 -4.71 -0.82
CA THR A 150 -22.63 -4.97 -2.20
C THR A 150 -22.18 -6.42 -2.42
N ASP A 151 -21.82 -7.08 -1.33
CA ASP A 151 -21.24 -8.42 -1.39
C ASP A 151 -21.81 -9.29 -0.33
N VAL A 152 -22.22 -10.48 -0.74
CA VAL A 152 -22.77 -11.46 0.17
C VAL A 152 -21.85 -12.67 0.18
N ILE A 153 -21.46 -13.12 1.38
CA ILE A 153 -20.52 -14.22 1.55
C ILE A 153 -21.15 -15.42 2.22
N ASN A 154 -21.49 -16.45 1.46
CA ASN A 154 -21.98 -17.69 2.05
C ASN A 154 -20.78 -18.45 2.59
N ILE A 155 -20.84 -18.83 3.85
CA ILE A 155 -19.79 -19.64 4.43
C ILE A 155 -20.44 -20.94 4.85
N GLY A 156 -20.04 -22.04 4.22
CA GLY A 156 -20.60 -23.35 4.46
C GLY A 156 -19.82 -24.37 3.63
N ILE A 157 -20.06 -25.66 3.82
CA ILE A 157 -19.32 -26.67 3.07
C ILE A 157 -20.29 -27.77 2.71
N GLY A 158 -19.98 -28.50 1.65
CA GLY A 158 -20.85 -29.59 1.22
C GLY A 158 -22.23 -29.07 0.84
N GLY A 159 -23.26 -29.66 1.45
CA GLY A 159 -24.64 -29.27 1.17
C GLY A 159 -24.97 -27.82 1.46
N SER A 160 -24.20 -27.19 2.33
CA SER A 160 -24.42 -25.81 2.67
C SER A 160 -23.55 -24.91 1.82
N ASP A 161 -23.04 -25.46 0.71
CA ASP A 161 -22.18 -24.71 -0.20
C ASP A 161 -22.48 -24.95 -1.66
N LEU A 162 -22.61 -26.21 -2.03
CA LEU A 162 -22.49 -26.55 -3.45
C LEU A 162 -23.69 -26.15 -4.26
N GLY A 163 -24.87 -26.32 -3.67
CA GLY A 163 -26.11 -25.97 -4.34
C GLY A 163 -26.21 -24.49 -4.60
N PRO A 164 -26.16 -23.68 -3.57
CA PRO A 164 -26.20 -22.23 -3.77
C PRO A 164 -25.14 -21.76 -4.78
N LEU A 165 -23.95 -22.36 -4.74
CA LEU A 165 -22.87 -22.00 -5.65
C LEU A 165 -23.22 -22.39 -7.09
N MET A 166 -23.59 -23.65 -7.28
CA MET A 166 -23.95 -24.13 -8.62
C MET A 166 -25.11 -23.32 -9.25
N VAL A 167 -26.17 -23.09 -8.48
CA VAL A 167 -27.32 -22.32 -8.94
C VAL A 167 -27.04 -20.82 -9.19
N THR A 168 -26.29 -20.15 -8.33
CA THR A 168 -25.95 -18.75 -8.63
C THR A 168 -25.03 -18.69 -9.87
N GLU A 169 -24.17 -19.68 -10.05
CA GLU A 169 -23.36 -19.73 -11.27
C GLU A 169 -24.28 -19.93 -12.49
N ALA A 170 -25.16 -20.94 -12.44
CA ALA A 170 -26.05 -21.23 -13.57
C ALA A 170 -27.07 -20.15 -13.91
N LEU A 171 -27.49 -19.36 -12.93
CA LEU A 171 -28.45 -18.27 -13.15
C LEU A 171 -27.86 -16.83 -13.05
N LYS A 172 -26.57 -16.71 -13.29
CA LYS A 172 -25.87 -15.43 -13.24
C LYS A 172 -26.56 -14.35 -14.11
N PRO A 173 -27.14 -14.74 -15.23
CA PRO A 173 -27.79 -13.77 -16.10
C PRO A 173 -28.96 -13.09 -15.44
N TYR A 174 -29.54 -13.73 -14.43
CA TYR A 174 -30.66 -13.14 -13.75
C TYR A 174 -30.27 -12.39 -12.49
N SER A 175 -29.02 -11.97 -12.35
CA SER A 175 -28.63 -11.25 -11.12
C SER A 175 -28.57 -9.71 -11.21
N SER A 176 -29.03 -9.13 -12.31
CA SER A 176 -29.00 -7.66 -12.41
C SER A 176 -29.59 -7.00 -11.15
N GLY A 177 -28.88 -6.05 -10.59
CA GLY A 177 -29.37 -5.43 -9.36
C GLY A 177 -29.23 -6.34 -8.15
N GLY A 178 -28.34 -7.33 -8.22
CA GLY A 178 -28.13 -8.17 -7.06
C GLY A 178 -26.75 -7.88 -6.53
N PRO A 179 -26.54 -8.05 -5.25
CA PRO A 179 -25.19 -7.92 -4.72
C PRO A 179 -24.35 -9.09 -5.26
N ARG A 180 -23.05 -8.90 -5.32
CA ARG A 180 -22.18 -10.00 -5.73
C ARG A 180 -22.29 -11.08 -4.66
N VAL A 181 -22.13 -12.34 -5.04
CA VAL A 181 -22.04 -13.46 -4.10
C VAL A 181 -20.70 -14.21 -4.22
N TRP A 182 -20.22 -14.69 -3.08
CA TRP A 182 -18.96 -15.33 -2.91
C TRP A 182 -19.24 -16.59 -2.10
N TYR A 183 -18.58 -17.70 -2.45
CA TYR A 183 -18.79 -18.94 -1.71
C TYR A 183 -17.49 -19.42 -1.07
N VAL A 184 -17.44 -19.36 0.25
CA VAL A 184 -16.28 -19.76 1.02
C VAL A 184 -16.66 -21.04 1.75
N SER A 185 -15.84 -22.10 1.62
CA SER A 185 -16.17 -23.43 2.13
C SER A 185 -14.97 -24.18 2.70
N ASN A 186 -13.88 -24.22 1.97
CA ASN A 186 -12.72 -24.98 2.41
C ASN A 186 -12.20 -24.45 3.75
N ILE A 187 -11.65 -25.33 4.57
CA ILE A 187 -11.00 -24.88 5.77
C ILE A 187 -9.67 -24.21 5.40
N ASP A 188 -9.04 -24.71 4.35
CA ASP A 188 -7.82 -24.09 3.82
C ASP A 188 -7.93 -22.56 3.89
N GLY A 189 -7.04 -21.92 4.64
CA GLY A 189 -7.11 -20.49 4.89
C GLY A 189 -7.12 -19.62 3.66
N THR A 190 -6.55 -20.14 2.60
CA THR A 190 -6.57 -19.46 1.32
C THR A 190 -7.95 -19.02 0.97
N HIS A 191 -8.91 -19.90 1.20
CA HIS A 191 -10.24 -19.61 0.73
C HIS A 191 -10.76 -18.33 1.38
N ILE A 192 -10.86 -18.32 2.72
CA ILE A 192 -11.37 -17.13 3.40
C ILE A 192 -10.48 -15.93 3.14
N ALA A 193 -9.16 -16.09 3.20
CA ALA A 193 -8.23 -14.96 3.07
C ALA A 193 -8.24 -14.28 1.72
N LYS A 194 -8.39 -15.02 0.64
CA LYS A 194 -8.35 -14.35 -0.65
C LYS A 194 -9.71 -13.74 -0.96
N THR A 195 -10.73 -14.16 -0.22
CA THR A 195 -12.06 -13.60 -0.38
C THR A 195 -12.15 -12.31 0.41
N LEU A 196 -11.77 -12.36 1.68
CA LEU A 196 -11.82 -11.18 2.54
C LEU A 196 -10.95 -10.04 2.02
N ALA A 197 -9.83 -10.39 1.40
CA ALA A 197 -8.94 -9.37 0.87
C ALA A 197 -9.59 -8.58 -0.24
N GLN A 198 -10.72 -9.06 -0.76
CA GLN A 198 -11.40 -8.35 -1.84
C GLN A 198 -12.68 -7.61 -1.38
N LEU A 199 -12.93 -7.55 -0.08
CA LEU A 199 -14.16 -6.92 0.42
C LEU A 199 -13.95 -5.75 1.35
N ASN A 200 -15.00 -4.94 1.44
CA ASN A 200 -15.15 -3.86 2.39
C ASN A 200 -16.15 -4.37 3.45
N PRO A 201 -15.71 -4.45 4.69
CA PRO A 201 -16.53 -4.99 5.77
C PRO A 201 -17.81 -4.17 5.93
N GLU A 202 -17.70 -2.89 5.65
CA GLU A 202 -18.84 -1.98 5.72
C GLU A 202 -19.96 -2.45 4.83
N SER A 203 -19.65 -3.04 3.69
CA SER A 203 -20.69 -3.41 2.73
C SER A 203 -20.80 -4.90 2.47
N SER A 204 -20.33 -5.71 3.41
CA SER A 204 -20.38 -7.15 3.27
C SER A 204 -21.32 -7.77 4.28
N LEU A 205 -22.17 -8.66 3.77
CA LEU A 205 -23.04 -9.48 4.57
C LEU A 205 -22.60 -10.96 4.55
N PHE A 206 -22.27 -11.50 5.72
CA PHE A 206 -21.86 -12.90 5.86
C PHE A 206 -23.06 -13.75 6.24
N ILE A 207 -23.24 -14.85 5.51
CA ILE A 207 -24.31 -15.82 5.74
C ILE A 207 -23.65 -17.11 6.17
N ILE A 208 -23.90 -17.53 7.41
CA ILE A 208 -23.22 -18.70 7.90
C ILE A 208 -24.15 -19.89 7.68
N ALA A 209 -23.86 -20.69 6.66
CA ALA A 209 -24.72 -21.80 6.24
C ALA A 209 -24.30 -23.14 6.84
N SER A 210 -25.10 -23.61 7.76
CA SER A 210 -24.77 -24.85 8.46
C SER A 210 -25.95 -25.52 9.14
N LYS A 211 -26.36 -26.68 8.65
CA LYS A 211 -27.47 -27.43 9.27
C LYS A 211 -27.24 -27.64 10.78
N THR A 212 -26.05 -28.11 11.15
CA THR A 212 -25.72 -28.38 12.54
C THR A 212 -25.10 -27.22 13.29
N PHE A 213 -24.58 -26.25 12.56
CA PHE A 213 -23.86 -25.12 13.13
C PHE A 213 -22.70 -25.55 14.01
N THR A 214 -22.22 -26.79 13.85
CA THR A 214 -21.01 -27.22 14.54
C THR A 214 -19.91 -27.72 13.60
N THR A 215 -20.17 -27.73 12.30
CA THR A 215 -19.21 -28.31 11.38
C THR A 215 -17.90 -27.53 11.47
N GLN A 216 -16.78 -28.21 11.62
CA GLN A 216 -15.52 -27.51 11.90
C GLN A 216 -15.05 -26.49 10.88
N GLU A 217 -15.15 -26.82 9.61
CA GLU A 217 -14.72 -25.86 8.61
C GLU A 217 -15.56 -24.58 8.67
N THR A 218 -16.86 -24.71 8.81
CA THR A 218 -17.73 -23.57 8.68
C THR A 218 -17.65 -22.69 9.89
N ILE A 219 -17.56 -23.30 11.05
CA ILE A 219 -17.43 -22.56 12.29
C ILE A 219 -16.11 -21.80 12.34
N THR A 220 -15.00 -22.43 11.98
CA THR A 220 -13.73 -21.74 12.03
C THR A 220 -13.73 -20.57 11.04
N ASN A 221 -14.21 -20.77 9.83
CA ASN A 221 -14.32 -19.69 8.86
C ASN A 221 -15.21 -18.55 9.38
N ALA A 222 -16.34 -18.90 9.99
CA ALA A 222 -17.27 -17.92 10.52
C ALA A 222 -16.54 -17.09 11.55
N GLU A 223 -15.77 -17.77 12.40
CA GLU A 223 -15.08 -17.12 13.48
C GLU A 223 -14.02 -16.22 12.93
N THR A 224 -13.36 -16.69 11.87
CA THR A 224 -12.28 -15.93 11.26
C THR A 224 -12.85 -14.66 10.66
N ALA A 225 -13.99 -14.81 10.00
CA ALA A 225 -14.67 -13.74 9.32
C ALA A 225 -15.17 -12.71 10.34
N LYS A 226 -15.67 -13.21 11.46
CA LYS A 226 -16.18 -12.35 12.50
C LYS A 226 -15.04 -11.55 13.11
N GLU A 227 -13.91 -12.20 13.28
CA GLU A 227 -12.76 -11.53 13.83
C GLU A 227 -12.30 -10.41 12.90
N TRP A 228 -12.29 -10.64 11.60
CA TRP A 228 -11.89 -9.61 10.62
C TRP A 228 -12.89 -8.46 10.62
N PHE A 229 -14.15 -8.77 10.83
CA PHE A 229 -15.16 -7.75 10.77
C PHE A 229 -15.04 -6.82 11.98
N LEU A 230 -14.82 -7.43 13.14
CA LEU A 230 -14.66 -6.66 14.35
C LEU A 230 -13.34 -5.93 14.38
N GLN A 231 -12.33 -6.39 13.64
CA GLN A 231 -11.09 -5.64 13.57
C GLN A 231 -11.43 -4.26 13.00
N ALA A 232 -12.35 -4.22 12.05
CA ALA A 232 -12.73 -2.97 11.39
C ALA A 232 -13.85 -2.21 12.12
N ALA A 233 -14.85 -2.93 12.61
CA ALA A 233 -16.03 -2.32 13.23
C ALA A 233 -15.88 -2.08 14.75
N LYS A 234 -15.16 -2.96 15.42
CA LYS A 234 -14.83 -2.80 16.84
C LYS A 234 -16.00 -2.97 17.82
N ASP A 235 -17.24 -2.86 17.36
CA ASP A 235 -18.39 -2.89 18.25
C ASP A 235 -19.22 -4.12 18.05
N PRO A 236 -19.24 -4.99 19.05
CA PRO A 236 -19.93 -6.27 18.95
C PRO A 236 -21.31 -6.13 18.38
N SER A 237 -21.98 -5.04 18.68
CA SER A 237 -23.34 -4.94 18.23
C SER A 237 -23.43 -4.78 16.71
N ALA A 238 -22.33 -4.40 16.05
CA ALA A 238 -22.37 -4.25 14.61
C ALA A 238 -22.57 -5.60 13.91
N VAL A 239 -22.32 -6.68 14.63
CA VAL A 239 -22.41 -8.01 14.08
C VAL A 239 -23.80 -8.33 13.54
N ALA A 240 -24.80 -7.81 14.22
CA ALA A 240 -26.20 -8.04 13.85
C ALA A 240 -26.55 -7.49 12.51
N LYS A 241 -25.74 -6.58 12.00
CA LYS A 241 -26.00 -6.00 10.70
C LYS A 241 -25.23 -6.71 9.58
N HIS A 242 -24.31 -7.61 9.94
CA HIS A 242 -23.43 -8.22 8.95
C HIS A 242 -23.33 -9.72 8.95
N PHE A 243 -24.00 -10.36 9.90
CA PHE A 243 -23.96 -11.81 10.02
C PHE A 243 -25.37 -12.34 10.20
N VAL A 244 -25.73 -13.36 9.45
CA VAL A 244 -27.01 -14.05 9.63
C VAL A 244 -26.68 -15.52 9.49
N ALA A 245 -27.61 -16.36 9.94
CA ALA A 245 -27.37 -17.80 9.97
C ALA A 245 -28.47 -18.59 9.27
N LEU A 246 -28.10 -19.70 8.63
CA LEU A 246 -29.08 -20.63 8.03
C LEU A 246 -28.84 -21.91 8.78
N SER A 247 -29.77 -22.33 9.62
CA SER A 247 -29.50 -23.48 10.46
C SER A 247 -30.72 -24.15 11.00
N THR A 248 -30.52 -25.25 11.71
CA THR A 248 -31.60 -25.85 12.45
C THR A 248 -31.28 -25.66 13.93
N ASN A 249 -30.13 -25.07 14.25
CA ASN A 249 -29.64 -25.02 15.64
C ASN A 249 -29.60 -23.65 16.30
N THR A 250 -30.76 -23.24 16.79
CA THR A 250 -30.93 -21.98 17.47
C THR A 250 -29.90 -21.81 18.58
N THR A 251 -29.63 -22.87 19.32
CA THR A 251 -28.68 -22.70 20.40
C THR A 251 -27.29 -22.41 19.90
N LYS A 252 -26.74 -23.26 19.04
CA LYS A 252 -25.37 -22.99 18.52
C LYS A 252 -25.31 -21.64 17.83
N VAL A 253 -26.39 -21.25 17.16
CA VAL A 253 -26.43 -19.94 16.54
C VAL A 253 -26.40 -18.83 17.59
N LYS A 254 -27.19 -19.00 18.66
CA LYS A 254 -27.21 -17.98 19.71
C LYS A 254 -25.82 -17.84 20.33
N GLU A 255 -25.12 -18.95 20.48
CA GLU A 255 -23.80 -18.92 21.13
C GLU A 255 -22.65 -18.40 20.27
N PHE A 256 -22.83 -18.39 18.95
CA PHE A 256 -21.78 -17.90 18.07
C PHE A 256 -21.81 -16.38 18.13
N GLY A 257 -22.95 -15.84 18.56
CA GLY A 257 -23.12 -14.40 18.66
C GLY A 257 -24.16 -13.88 17.70
N ILE A 258 -24.89 -14.77 17.06
CA ILE A 258 -25.87 -14.29 16.11
C ILE A 258 -27.28 -14.08 16.66
N ASP A 259 -27.79 -12.92 16.31
CA ASP A 259 -29.11 -12.44 16.63
C ASP A 259 -30.11 -13.53 16.23
N PRO A 260 -31.01 -13.89 17.13
CA PRO A 260 -32.03 -14.91 16.87
C PRO A 260 -33.00 -14.49 15.75
N GLN A 261 -33.10 -13.18 15.52
CA GLN A 261 -33.92 -12.61 14.46
C GLN A 261 -33.22 -12.81 13.12
N ASN A 262 -31.92 -13.11 13.18
CA ASN A 262 -31.06 -13.32 11.99
C ASN A 262 -30.83 -14.79 11.65
N MET A 263 -31.77 -15.64 12.02
CA MET A 263 -31.65 -17.05 11.75
C MET A 263 -32.75 -17.50 10.82
N PHE A 264 -32.38 -18.08 9.69
CA PHE A 264 -33.36 -18.62 8.78
C PHE A 264 -33.31 -20.12 8.96
N GLU A 265 -34.42 -20.70 9.38
CA GLU A 265 -34.51 -22.11 9.77
C GLU A 265 -34.86 -23.13 8.71
N PHE A 266 -34.39 -24.35 8.94
CA PHE A 266 -34.84 -25.49 8.17
C PHE A 266 -34.97 -26.70 9.13
N TRP A 267 -35.15 -27.89 8.59
CA TRP A 267 -35.55 -29.05 9.36
C TRP A 267 -34.71 -30.26 9.15
N ASP A 268 -34.74 -31.13 10.15
CA ASP A 268 -33.91 -32.31 10.12
C ASP A 268 -34.24 -33.15 8.93
N TRP A 269 -35.42 -32.97 8.35
CA TRP A 269 -35.80 -33.77 7.21
C TRP A 269 -35.31 -33.17 5.88
N VAL A 270 -34.58 -32.07 5.97
CA VAL A 270 -33.98 -31.46 4.79
C VAL A 270 -32.52 -31.93 4.73
N GLY A 271 -32.21 -32.85 3.84
CA GLY A 271 -30.83 -33.32 3.69
C GLY A 271 -29.95 -32.22 3.11
N GLY A 272 -28.70 -32.12 3.56
CA GLY A 272 -27.82 -31.07 3.05
C GLY A 272 -27.72 -31.05 1.52
N ARG A 273 -27.37 -32.20 0.94
CA ARG A 273 -27.21 -32.27 -0.50
C ARG A 273 -28.54 -32.11 -1.23
N TYR A 274 -29.62 -31.98 -0.44
CA TYR A 274 -30.96 -31.74 -0.93
C TYR A 274 -31.52 -30.40 -0.37
N SER A 275 -30.65 -29.48 0.06
CA SER A 275 -31.12 -28.33 0.82
C SER A 275 -31.21 -26.95 0.15
N LEU A 276 -30.80 -26.80 -1.11
CA LEU A 276 -30.82 -25.47 -1.72
C LEU A 276 -32.22 -24.87 -1.84
N TRP A 277 -33.23 -25.73 -1.81
CA TRP A 277 -34.61 -25.30 -1.94
C TRP A 277 -35.10 -24.64 -0.64
N SER A 278 -34.30 -24.76 0.42
CA SER A 278 -34.69 -24.23 1.70
C SER A 278 -33.96 -22.94 2.04
N ALA A 279 -34.01 -22.58 3.31
CA ALA A 279 -33.30 -21.42 3.81
C ALA A 279 -31.86 -21.40 3.29
N ILE A 280 -31.31 -22.58 2.99
CA ILE A 280 -29.91 -22.68 2.48
C ILE A 280 -29.79 -21.92 1.16
N GLY A 281 -30.88 -21.80 0.42
CA GLY A 281 -30.84 -21.07 -0.83
C GLY A 281 -30.87 -19.55 -0.67
N LEU A 282 -30.84 -19.06 0.57
CA LEU A 282 -30.90 -17.64 0.80
C LEU A 282 -30.03 -16.87 -0.17
N SER A 283 -28.76 -17.28 -0.31
CA SER A 283 -27.86 -16.54 -1.15
C SER A 283 -28.34 -16.53 -2.59
N ILE A 284 -29.04 -17.56 -3.03
CA ILE A 284 -29.57 -17.61 -4.40
C ILE A 284 -30.58 -16.50 -4.54
N ALA A 285 -31.48 -16.39 -3.56
CA ALA A 285 -32.52 -15.35 -3.58
C ALA A 285 -31.93 -13.94 -3.45
N LEU A 286 -30.84 -13.79 -2.74
CA LEU A 286 -30.28 -12.46 -2.66
C LEU A 286 -29.74 -12.06 -4.05
N HIS A 287 -29.15 -13.04 -4.74
CA HIS A 287 -28.47 -12.78 -5.99
C HIS A 287 -29.38 -12.51 -7.17
N VAL A 288 -30.31 -13.40 -7.42
CA VAL A 288 -31.23 -13.25 -8.56
C VAL A 288 -32.63 -12.74 -8.14
N GLY A 289 -32.84 -12.54 -6.86
CA GLY A 289 -34.11 -12.02 -6.38
C GLY A 289 -34.99 -13.14 -5.84
N PHE A 290 -36.02 -12.81 -5.08
CA PHE A 290 -36.87 -13.85 -4.52
C PHE A 290 -37.89 -14.41 -5.51
N ASP A 291 -38.36 -13.60 -6.47
CA ASP A 291 -39.26 -14.09 -7.51
C ASP A 291 -38.60 -15.20 -8.33
N ASN A 292 -37.38 -14.98 -8.77
CA ASN A 292 -36.64 -16.00 -9.49
C ASN A 292 -36.36 -17.22 -8.60
N PHE A 293 -36.23 -16.99 -7.29
CA PHE A 293 -36.02 -18.09 -6.38
C PHE A 293 -37.28 -18.89 -6.38
N GLU A 294 -38.41 -18.21 -6.39
CA GLU A 294 -39.67 -18.92 -6.42
C GLU A 294 -39.82 -19.65 -7.73
N GLN A 295 -39.28 -19.10 -8.80
CA GLN A 295 -39.38 -19.80 -10.08
C GLN A 295 -38.59 -21.15 -10.05
N LEU A 296 -37.44 -21.16 -9.35
CA LEU A 296 -36.62 -22.36 -9.22
C LEU A 296 -37.41 -23.43 -8.45
N LEU A 297 -37.97 -23.05 -7.31
CA LEU A 297 -38.76 -24.01 -6.53
C LEU A 297 -39.86 -24.54 -7.40
N SER A 298 -40.43 -23.64 -8.15
CA SER A 298 -41.62 -23.95 -8.88
C SER A 298 -41.32 -24.97 -9.97
N GLY A 299 -40.14 -24.89 -10.57
CA GLY A 299 -39.74 -25.89 -11.55
C GLY A 299 -39.49 -27.22 -10.88
N ALA A 300 -39.05 -27.21 -9.62
CA ALA A 300 -38.84 -28.49 -8.93
C ALA A 300 -40.19 -29.16 -8.68
N HIS A 301 -41.17 -28.34 -8.33
CA HIS A 301 -42.53 -28.81 -8.08
C HIS A 301 -43.12 -29.48 -9.30
N TRP A 302 -42.90 -28.88 -10.45
CA TRP A 302 -43.38 -29.48 -11.68
C TRP A 302 -42.82 -30.89 -11.90
N MET A 303 -41.50 -31.05 -11.76
CA MET A 303 -40.87 -32.33 -11.95
C MET A 303 -41.29 -33.27 -10.85
N ASP A 304 -41.53 -32.69 -9.68
CA ASP A 304 -42.04 -33.47 -8.56
C ASP A 304 -43.38 -34.10 -8.92
N GLN A 305 -44.21 -33.42 -9.70
CA GLN A 305 -45.53 -33.97 -10.02
C GLN A 305 -45.36 -35.01 -11.06
N HIS A 306 -44.50 -34.73 -12.01
CA HIS A 306 -44.24 -35.70 -13.06
C HIS A 306 -43.79 -37.03 -12.47
N PHE A 307 -42.88 -36.96 -11.52
CA PHE A 307 -42.35 -38.17 -10.92
C PHE A 307 -43.51 -38.95 -10.31
N ARG A 308 -44.40 -38.17 -9.70
CA ARG A 308 -45.50 -38.71 -8.97
C ARG A 308 -46.66 -39.29 -9.76
N THR A 309 -46.96 -38.79 -10.96
CA THR A 309 -48.17 -39.25 -11.65
C THR A 309 -47.93 -40.01 -12.94
N THR A 310 -46.71 -39.96 -13.44
CA THR A 310 -46.40 -40.58 -14.72
C THR A 310 -46.16 -42.06 -14.53
N PRO A 311 -46.77 -42.88 -15.39
CA PRO A 311 -46.49 -44.33 -15.37
C PRO A 311 -45.00 -44.55 -15.49
N LEU A 312 -44.48 -45.58 -14.81
CA LEU A 312 -43.05 -45.86 -14.79
C LEU A 312 -42.42 -45.90 -16.18
N GLU A 313 -43.08 -46.55 -17.14
CA GLU A 313 -42.50 -46.69 -18.45
C GLU A 313 -42.26 -45.37 -19.19
N LYS A 314 -42.89 -44.28 -18.77
CA LYS A 314 -42.69 -43.00 -19.48
C LYS A 314 -42.16 -41.93 -18.54
N ASN A 315 -41.82 -42.33 -17.33
CA ASN A 315 -41.43 -41.47 -16.23
C ASN A 315 -39.92 -41.17 -16.28
N ALA A 316 -39.59 -39.89 -16.46
CA ALA A 316 -38.21 -39.49 -16.75
C ALA A 316 -37.15 -39.90 -15.72
N PRO A 317 -37.31 -39.55 -14.46
CA PRO A 317 -36.32 -39.91 -13.44
C PRO A 317 -36.24 -41.38 -13.25
N VAL A 318 -37.37 -42.05 -13.41
CA VAL A 318 -37.38 -43.50 -13.31
C VAL A 318 -36.59 -44.10 -14.45
N LEU A 319 -36.73 -43.59 -15.66
CA LEU A 319 -36.00 -44.18 -16.80
C LEU A 319 -34.49 -43.91 -16.73
N LEU A 320 -34.08 -42.70 -16.36
CA LEU A 320 -32.65 -42.43 -16.25
C LEU A 320 -32.06 -43.36 -15.22
N ALA A 321 -32.82 -43.63 -14.17
CA ALA A 321 -32.37 -44.51 -13.11
C ALA A 321 -32.15 -45.92 -13.59
N LEU A 322 -33.15 -46.43 -14.29
CA LEU A 322 -33.14 -47.80 -14.72
C LEU A 322 -32.00 -48.02 -15.68
N LEU A 323 -31.81 -47.08 -16.60
CA LEU A 323 -30.69 -47.17 -17.52
C LEU A 323 -29.38 -47.26 -16.72
N GLY A 324 -29.30 -46.51 -15.65
CA GLY A 324 -28.14 -46.54 -14.79
C GLY A 324 -27.94 -47.91 -14.17
N ILE A 325 -29.02 -48.47 -13.62
CA ILE A 325 -29.01 -49.82 -13.08
C ILE A 325 -28.55 -50.81 -14.16
N TRP A 326 -29.05 -50.67 -15.38
CA TRP A 326 -28.68 -51.56 -16.49
C TRP A 326 -27.16 -51.52 -16.66
N TYR A 327 -26.62 -50.31 -16.74
CA TYR A 327 -25.19 -50.12 -16.93
C TYR A 327 -24.30 -50.42 -15.72
N ILE A 328 -24.82 -50.26 -14.51
CA ILE A 328 -24.02 -50.48 -13.33
C ILE A 328 -24.04 -51.96 -12.90
N ASN A 329 -25.22 -52.53 -12.75
CA ASN A 329 -25.38 -53.91 -12.34
C ASN A 329 -25.32 -54.99 -13.44
N CYS A 330 -25.49 -54.66 -14.72
CA CYS A 330 -25.28 -55.71 -15.73
C CYS A 330 -23.96 -55.52 -16.47
N PHE A 331 -23.76 -54.33 -17.04
CA PHE A 331 -22.53 -54.01 -17.71
C PHE A 331 -21.32 -53.73 -16.80
N GLY A 332 -21.54 -53.45 -15.52
CA GLY A 332 -20.44 -53.17 -14.61
C GLY A 332 -19.73 -51.81 -14.72
N CYS A 333 -20.33 -50.82 -15.35
CA CYS A 333 -19.66 -49.51 -15.45
C CYS A 333 -19.61 -48.81 -14.07
N GLU A 334 -18.41 -48.39 -13.69
CA GLU A 334 -18.20 -47.73 -12.42
C GLU A 334 -18.63 -46.26 -12.44
N THR A 335 -18.60 -45.61 -13.58
CA THR A 335 -18.84 -44.19 -13.61
C THR A 335 -20.01 -43.74 -14.50
N HIS A 336 -20.38 -42.48 -14.32
CA HIS A 336 -21.43 -41.85 -15.07
C HIS A 336 -21.00 -40.43 -15.32
N ALA A 337 -20.90 -40.07 -16.58
CA ALA A 337 -20.43 -38.75 -16.94
C ALA A 337 -21.61 -37.80 -17.15
N MET A 338 -21.47 -36.56 -16.69
CA MET A 338 -22.50 -35.56 -16.86
C MET A 338 -21.81 -34.41 -17.51
N LEU A 339 -22.30 -34.07 -18.71
CA LEU A 339 -21.60 -33.18 -19.58
C LEU A 339 -22.54 -32.11 -20.15
N PRO A 340 -22.76 -31.06 -19.39
CA PRO A 340 -23.58 -29.95 -19.89
C PRO A 340 -22.87 -29.09 -20.89
N TYR A 341 -23.48 -28.91 -22.06
CA TYR A 341 -22.96 -28.00 -23.05
C TYR A 341 -23.43 -26.59 -22.68
N ASP A 342 -22.95 -26.14 -21.55
CA ASP A 342 -23.33 -24.86 -21.04
C ASP A 342 -22.39 -24.39 -19.94
N GLN A 343 -21.69 -23.28 -20.21
CA GLN A 343 -20.70 -22.70 -19.31
C GLN A 343 -21.32 -22.29 -17.98
N TYR A 344 -22.55 -21.78 -18.05
CA TYR A 344 -23.28 -21.44 -16.85
C TYR A 344 -23.44 -22.67 -15.93
N LEU A 345 -23.57 -23.86 -16.48
CA LEU A 345 -23.68 -25.07 -15.67
C LEU A 345 -22.34 -25.70 -15.35
N HIS A 346 -21.29 -24.91 -15.22
CA HIS A 346 -19.96 -25.47 -15.00
C HIS A 346 -19.74 -26.18 -13.69
N ARG A 347 -20.60 -25.94 -12.70
CA ARG A 347 -20.51 -26.66 -11.45
C ARG A 347 -21.66 -27.67 -11.34
N PHE A 348 -22.36 -27.91 -12.45
CA PHE A 348 -23.50 -28.85 -12.44
C PHE A 348 -23.00 -30.29 -12.20
N ALA A 349 -21.90 -30.69 -12.85
CA ALA A 349 -21.38 -32.04 -12.67
C ALA A 349 -20.92 -32.20 -11.22
N ALA A 350 -20.23 -31.20 -10.75
CA ALA A 350 -19.73 -31.29 -9.40
C ALA A 350 -20.88 -31.38 -8.36
N TYR A 351 -21.96 -30.65 -8.57
CA TYR A 351 -23.06 -30.69 -7.62
C TYR A 351 -23.64 -32.09 -7.58
N PHE A 352 -23.82 -32.72 -8.72
CA PHE A 352 -24.37 -34.06 -8.67
C PHE A 352 -23.37 -35.14 -8.35
N GLN A 353 -22.07 -34.78 -8.36
CA GLN A 353 -21.05 -35.67 -7.86
C GLN A 353 -21.38 -35.83 -6.38
N GLN A 354 -21.63 -34.73 -5.68
CA GLN A 354 -22.05 -34.86 -4.28
C GLN A 354 -23.38 -35.52 -4.16
N GLY A 355 -24.34 -35.10 -4.97
CA GLY A 355 -25.71 -35.54 -4.79
C GLY A 355 -25.91 -37.03 -5.00
N ASP A 356 -25.21 -37.55 -5.98
CA ASP A 356 -25.36 -38.96 -6.34
C ASP A 356 -24.47 -39.80 -5.40
N MET A 357 -23.20 -39.44 -5.34
CA MET A 357 -22.21 -40.24 -4.61
C MET A 357 -22.43 -40.24 -3.10
N GLU A 358 -22.82 -39.11 -2.56
CA GLU A 358 -23.08 -39.05 -1.12
C GLU A 358 -24.39 -39.78 -0.77
N SER A 359 -25.32 -39.88 -1.71
CA SER A 359 -26.58 -40.58 -1.45
C SER A 359 -26.43 -42.10 -1.61
N ASN A 360 -25.81 -42.53 -2.71
CA ASN A 360 -25.79 -43.96 -3.01
C ASN A 360 -24.46 -44.68 -2.98
N GLY A 361 -23.44 -44.02 -2.47
CA GLY A 361 -22.18 -44.72 -2.28
C GLY A 361 -22.33 -45.37 -0.92
N LYS A 362 -23.09 -46.46 -0.90
CA LYS A 362 -23.50 -47.17 0.29
C LYS A 362 -23.30 -48.66 0.06
N TYR A 363 -23.19 -49.41 1.15
CA TYR A 363 -23.08 -50.86 1.07
C TYR A 363 -23.92 -51.68 2.04
N ILE A 364 -24.74 -51.03 2.85
CA ILE A 364 -25.57 -51.72 3.80
C ILE A 364 -27.04 -51.51 3.52
N THR A 365 -27.79 -52.58 3.41
CA THR A 365 -29.22 -52.49 3.06
C THR A 365 -30.09 -52.25 4.28
N LYS A 366 -31.39 -52.06 4.02
CA LYS A 366 -32.35 -51.80 5.08
C LYS A 366 -32.40 -52.94 6.07
N SER A 367 -32.28 -54.17 5.61
CA SER A 367 -32.29 -55.28 6.54
C SER A 367 -31.00 -55.38 7.37
N GLY A 368 -30.02 -54.52 7.08
CA GLY A 368 -28.76 -54.51 7.80
C GLY A 368 -27.78 -55.48 7.18
N THR A 369 -28.09 -55.88 5.96
CA THR A 369 -27.29 -56.85 5.23
C THR A 369 -26.34 -56.18 4.25
N ARG A 370 -25.11 -56.70 4.15
CA ARG A 370 -24.13 -56.18 3.20
C ARG A 370 -24.61 -56.51 1.80
N VAL A 371 -24.57 -55.53 0.88
CA VAL A 371 -24.96 -55.77 -0.50
C VAL A 371 -23.95 -56.72 -1.14
N ASP A 372 -24.37 -57.44 -2.15
CA ASP A 372 -23.49 -58.34 -2.90
C ASP A 372 -23.56 -57.95 -4.37
N HIS A 373 -23.71 -56.66 -4.59
CA HIS A 373 -23.80 -56.10 -5.92
C HIS A 373 -23.36 -54.66 -5.81
N GLN A 374 -23.06 -54.04 -6.94
CA GLN A 374 -22.63 -52.64 -6.94
C GLN A 374 -23.73 -51.70 -6.49
N THR A 375 -23.30 -50.56 -5.96
CA THR A 375 -24.22 -49.49 -5.70
C THR A 375 -23.81 -48.30 -6.58
N GLY A 376 -23.79 -47.10 -6.00
CA GLY A 376 -23.64 -45.89 -6.80
C GLY A 376 -22.36 -45.78 -7.58
N PRO A 377 -22.43 -45.15 -8.75
CA PRO A 377 -21.25 -44.96 -9.59
C PRO A 377 -20.50 -43.71 -9.20
N ILE A 378 -19.32 -43.54 -9.76
CA ILE A 378 -18.55 -42.34 -9.59
C ILE A 378 -19.06 -41.42 -10.68
N VAL A 379 -19.42 -40.22 -10.27
CA VAL A 379 -19.99 -39.21 -11.11
C VAL A 379 -18.97 -38.10 -11.30
N TRP A 380 -18.87 -37.59 -12.53
CA TRP A 380 -17.88 -36.59 -12.91
C TRP A 380 -18.25 -35.95 -14.23
N GLY A 381 -17.52 -34.90 -14.63
CA GLY A 381 -17.74 -34.26 -15.93
C GLY A 381 -17.28 -32.81 -15.94
N GLU A 382 -17.15 -32.24 -17.14
CA GLU A 382 -16.83 -30.85 -17.38
C GLU A 382 -17.72 -30.45 -18.56
N PRO A 383 -18.05 -29.18 -18.67
CA PRO A 383 -18.91 -28.71 -19.75
C PRO A 383 -18.28 -28.88 -21.11
N GLY A 384 -19.15 -29.12 -22.09
CA GLY A 384 -18.74 -29.17 -23.47
C GLY A 384 -18.71 -27.75 -23.97
N THR A 385 -17.91 -27.45 -24.98
CA THR A 385 -17.14 -28.45 -25.72
C THR A 385 -15.78 -28.75 -25.16
N ASN A 386 -15.35 -28.04 -24.12
CA ASN A 386 -14.00 -28.19 -23.60
C ASN A 386 -13.59 -29.63 -23.40
N GLY A 387 -14.49 -30.44 -22.88
CA GLY A 387 -14.22 -31.85 -22.66
C GLY A 387 -13.81 -32.60 -23.92
N GLN A 388 -14.37 -32.20 -25.06
CA GLN A 388 -14.05 -32.78 -26.35
C GLN A 388 -12.53 -32.73 -26.61
N HIS A 389 -11.87 -31.76 -26.02
CA HIS A 389 -10.45 -31.62 -26.26
C HIS A 389 -9.65 -32.14 -25.09
N ALA A 390 -10.33 -32.63 -24.06
CA ALA A 390 -9.68 -33.10 -22.84
C ALA A 390 -9.81 -34.59 -22.63
N PHE A 391 -10.98 -35.09 -22.26
CA PHE A 391 -11.07 -36.50 -21.95
C PHE A 391 -11.94 -37.32 -22.92
N TYR A 392 -12.58 -36.68 -23.89
CA TYR A 392 -13.40 -37.45 -24.84
C TYR A 392 -12.55 -38.49 -25.59
N GLN A 393 -11.26 -38.18 -25.74
CA GLN A 393 -10.31 -39.11 -26.35
C GLN A 393 -10.44 -40.48 -25.75
N LEU A 394 -10.49 -40.57 -24.43
CA LEU A 394 -10.67 -41.86 -23.73
C LEU A 394 -12.10 -42.37 -23.85
N ILE A 395 -13.08 -41.48 -23.76
CA ILE A 395 -14.45 -41.96 -23.90
C ILE A 395 -14.60 -42.59 -25.30
N HIS A 396 -13.91 -42.04 -26.29
CA HIS A 396 -13.99 -42.56 -27.65
C HIS A 396 -13.11 -43.76 -27.92
N GLN A 397 -11.87 -43.73 -27.43
CA GLN A 397 -10.88 -44.72 -27.82
C GLN A 397 -10.12 -45.40 -26.72
N GLY A 398 -10.75 -45.50 -25.56
CA GLY A 398 -10.20 -46.15 -24.39
C GLY A 398 -10.82 -47.50 -24.15
N THR A 399 -10.71 -47.99 -22.92
CA THR A 399 -11.13 -49.36 -22.62
C THR A 399 -12.20 -49.38 -21.56
N LYS A 400 -12.86 -48.24 -21.37
CA LYS A 400 -13.94 -48.10 -20.44
C LYS A 400 -15.25 -47.77 -21.14
N MET A 401 -16.31 -48.41 -20.69
CA MET A 401 -17.65 -48.06 -21.08
C MET A 401 -18.05 -46.97 -20.08
N ILE A 402 -18.38 -45.81 -20.60
CA ILE A 402 -18.79 -44.65 -19.81
C ILE A 402 -20.15 -44.07 -20.23
N PRO A 403 -21.23 -44.49 -19.59
CA PRO A 403 -22.53 -43.89 -19.89
C PRO A 403 -22.40 -42.39 -19.61
N CYS A 404 -22.94 -41.58 -20.51
CA CYS A 404 -22.82 -40.14 -20.46
C CYS A 404 -24.17 -39.47 -20.68
N ASP A 405 -24.44 -38.45 -19.86
CA ASP A 405 -25.56 -37.52 -20.06
C ASP A 405 -25.10 -36.22 -20.70
N PHE A 406 -25.50 -35.99 -21.94
CA PHE A 406 -25.26 -34.73 -22.63
C PHE A 406 -26.45 -33.83 -22.41
N LEU A 407 -26.21 -32.63 -21.94
CA LEU A 407 -27.30 -31.70 -21.71
C LEU A 407 -27.09 -30.38 -22.41
N ILE A 408 -28.18 -29.77 -22.87
CA ILE A 408 -28.06 -28.45 -23.47
C ILE A 408 -29.41 -27.70 -23.61
N PRO A 409 -29.34 -26.40 -23.56
CA PRO A 409 -30.51 -25.56 -23.77
C PRO A 409 -30.54 -25.14 -25.22
N VAL A 410 -31.71 -25.08 -25.77
CA VAL A 410 -31.91 -24.67 -27.15
C VAL A 410 -31.64 -23.19 -27.32
N GLN A 411 -31.99 -22.38 -26.33
CA GLN A 411 -31.80 -20.94 -26.47
C GLN A 411 -30.73 -20.51 -25.50
N THR A 412 -29.73 -19.77 -26.00
CA THR A 412 -28.63 -19.29 -25.19
C THR A 412 -29.02 -17.97 -24.47
N GLN A 413 -28.34 -17.66 -23.37
CA GLN A 413 -28.59 -16.39 -22.67
C GLN A 413 -27.82 -15.32 -23.42
N HIS A 414 -26.96 -15.72 -24.34
CA HIS A 414 -26.07 -14.77 -24.99
C HIS A 414 -25.91 -15.10 -26.46
N PRO A 415 -26.88 -14.69 -27.25
CA PRO A 415 -26.93 -14.95 -28.69
C PRO A 415 -26.02 -14.04 -29.51
N ILE A 416 -24.74 -14.05 -29.24
CA ILE A 416 -23.82 -13.16 -29.94
C ILE A 416 -23.52 -13.62 -31.38
N ARG A 417 -23.07 -12.69 -32.21
CA ARG A 417 -22.81 -12.99 -33.59
C ARG A 417 -24.04 -13.63 -34.24
N LYS A 418 -25.21 -13.12 -33.91
CA LYS A 418 -26.43 -13.63 -34.51
C LYS A 418 -26.53 -15.13 -34.27
N GLY A 419 -26.16 -15.58 -33.07
CA GLY A 419 -26.28 -17.00 -32.77
C GLY A 419 -25.23 -17.96 -33.31
N LEU A 420 -24.19 -17.45 -33.93
CA LEU A 420 -23.16 -18.32 -34.49
C LEU A 420 -22.52 -19.23 -33.42
N HIS A 421 -22.12 -18.67 -32.28
CA HIS A 421 -21.51 -19.43 -31.20
C HIS A 421 -22.44 -20.54 -30.70
N HIS A 422 -23.69 -20.22 -30.48
CA HIS A 422 -24.62 -21.23 -30.03
C HIS A 422 -24.80 -22.29 -31.09
N LYS A 423 -24.76 -21.86 -32.34
CA LYS A 423 -24.94 -22.77 -33.46
C LYS A 423 -23.89 -23.85 -33.46
N ILE A 424 -22.66 -23.42 -33.26
CA ILE A 424 -21.54 -24.31 -33.22
C ILE A 424 -21.63 -25.24 -32.02
N LEU A 425 -22.08 -24.69 -30.91
CA LEU A 425 -22.13 -25.45 -29.67
C LEU A 425 -23.08 -26.58 -29.81
N LEU A 426 -24.19 -26.25 -30.44
CA LEU A 426 -25.25 -27.20 -30.67
C LEU A 426 -24.74 -28.27 -31.59
N ALA A 427 -23.99 -27.85 -32.60
CA ALA A 427 -23.48 -28.81 -33.62
C ALA A 427 -22.56 -29.85 -32.98
N ASN A 428 -21.73 -29.41 -32.06
CA ASN A 428 -20.82 -30.34 -31.41
C ASN A 428 -21.58 -31.27 -30.51
N PHE A 429 -22.64 -30.74 -29.89
CA PHE A 429 -23.48 -31.51 -28.96
C PHE A 429 -24.09 -32.67 -29.68
N LEU A 430 -24.58 -32.39 -30.87
CA LEU A 430 -25.28 -33.42 -31.61
C LEU A 430 -24.27 -34.41 -32.18
N ALA A 431 -23.18 -33.84 -32.70
CA ALA A 431 -22.13 -34.58 -33.35
C ALA A 431 -21.44 -35.58 -32.45
N GLN A 432 -21.21 -35.20 -31.21
CA GLN A 432 -20.46 -36.06 -30.33
C GLN A 432 -21.23 -37.28 -29.96
N THR A 433 -22.55 -37.17 -29.78
CA THR A 433 -23.28 -38.38 -29.45
C THR A 433 -23.37 -39.25 -30.69
N GLU A 434 -23.55 -38.65 -31.85
CA GLU A 434 -23.63 -39.41 -33.07
C GLU A 434 -22.35 -40.22 -33.21
N ALA A 435 -21.22 -39.53 -33.11
CA ALA A 435 -19.96 -40.20 -33.28
C ALA A 435 -19.80 -41.35 -32.31
N LEU A 436 -20.19 -41.16 -31.05
CA LEU A 436 -19.98 -42.15 -29.98
C LEU A 436 -20.82 -43.37 -30.23
N MET A 437 -21.90 -43.15 -30.94
CA MET A 437 -22.80 -44.23 -31.24
C MET A 437 -22.24 -44.94 -32.45
N ARG A 438 -21.95 -44.13 -33.47
CA ARG A 438 -21.62 -44.63 -34.78
C ARG A 438 -20.24 -45.21 -34.95
N GLY A 439 -19.23 -44.55 -34.39
CA GLY A 439 -17.86 -44.94 -34.61
C GLY A 439 -17.49 -44.74 -36.08
N LYS A 440 -16.42 -45.40 -36.48
CA LYS A 440 -15.90 -45.34 -37.84
C LYS A 440 -15.09 -46.61 -38.05
N SER A 441 -15.57 -47.43 -38.98
CA SER A 441 -15.04 -48.76 -39.25
C SER A 441 -13.68 -48.75 -39.92
N THR A 442 -12.98 -49.88 -39.85
CA THR A 442 -11.71 -50.04 -40.58
C THR A 442 -11.88 -49.57 -42.02
N GLU A 443 -12.87 -50.13 -42.72
CA GLU A 443 -13.13 -49.76 -44.11
C GLU A 443 -13.46 -48.29 -44.27
N GLU A 444 -14.30 -47.75 -43.40
CA GLU A 444 -14.59 -46.33 -43.50
C GLU A 444 -13.29 -45.55 -43.41
N ALA A 445 -12.48 -45.88 -42.41
CA ALA A 445 -11.20 -45.18 -42.25
C ALA A 445 -10.28 -45.44 -43.44
N ARG A 446 -10.28 -46.68 -43.92
CA ARG A 446 -9.48 -47.04 -45.08
C ARG A 446 -9.83 -46.15 -46.29
N LYS A 447 -11.11 -46.01 -46.59
CA LYS A 447 -11.53 -45.18 -47.71
C LYS A 447 -11.08 -43.74 -47.50
N GLU A 448 -11.21 -43.23 -46.28
CA GLU A 448 -10.76 -41.88 -46.00
C GLU A 448 -9.26 -41.71 -46.32
N LEU A 449 -8.44 -42.63 -45.83
CA LEU A 449 -7.01 -42.61 -46.10
C LEU A 449 -6.68 -42.68 -47.62
N GLN A 450 -7.31 -43.60 -48.37
CA GLN A 450 -7.05 -43.67 -49.82
C GLN A 450 -7.30 -42.29 -50.44
N ALA A 451 -8.51 -41.78 -50.27
CA ALA A 451 -8.87 -40.48 -50.86
C ALA A 451 -7.89 -39.37 -50.51
N ALA A 452 -7.22 -39.49 -49.38
CA ALA A 452 -6.25 -38.49 -48.93
C ALA A 452 -4.90 -38.58 -49.65
N GLY A 453 -4.70 -39.63 -50.45
CA GLY A 453 -3.45 -39.80 -51.19
C GLY A 453 -2.32 -40.45 -50.41
N LYS A 454 -2.65 -41.30 -49.44
CA LYS A 454 -1.64 -41.98 -48.66
C LYS A 454 -1.19 -43.23 -49.41
N SER A 455 0.07 -43.61 -49.19
CA SER A 455 0.64 -44.82 -49.77
C SER A 455 0.12 -46.00 -48.99
N PRO A 456 -0.04 -47.16 -49.62
CA PRO A 456 -0.52 -48.35 -48.91
C PRO A 456 0.38 -48.66 -47.72
N GLU A 457 1.49 -47.93 -47.65
CA GLU A 457 2.47 -48.12 -46.59
C GLU A 457 2.14 -47.23 -45.42
N ASP A 458 2.16 -45.92 -45.64
CA ASP A 458 1.78 -44.97 -44.59
C ASP A 458 0.35 -45.23 -44.14
N LEU A 459 -0.49 -45.64 -45.08
CA LEU A 459 -1.87 -45.98 -44.77
C LEU A 459 -1.94 -47.16 -43.81
N GLU A 460 -1.14 -48.18 -44.05
CA GLU A 460 -1.19 -49.40 -43.24
C GLU A 460 -0.74 -49.15 -41.81
N ARG A 461 0.27 -48.31 -41.67
CA ARG A 461 0.82 -47.96 -40.36
C ARG A 461 -0.14 -47.07 -39.55
N LEU A 462 -0.86 -46.21 -40.25
CA LEU A 462 -1.78 -45.30 -39.61
C LEU A 462 -3.20 -45.84 -39.43
N LEU A 463 -3.67 -46.63 -40.39
CA LEU A 463 -5.05 -47.11 -40.42
C LEU A 463 -5.72 -47.49 -39.09
N PRO A 464 -5.15 -48.43 -38.36
CA PRO A 464 -5.82 -48.94 -37.15
C PRO A 464 -6.00 -47.85 -36.09
N HIS A 465 -5.17 -46.82 -36.11
CA HIS A 465 -5.30 -45.74 -35.14
C HIS A 465 -6.49 -44.79 -35.39
N LYS A 466 -7.05 -44.81 -36.60
CA LYS A 466 -8.18 -43.94 -36.93
C LYS A 466 -9.52 -44.67 -36.86
N VAL A 467 -9.52 -45.89 -36.30
CA VAL A 467 -10.77 -46.63 -36.14
C VAL A 467 -11.47 -46.39 -34.80
N PHE A 468 -12.78 -46.12 -34.84
CA PHE A 468 -13.60 -45.92 -33.64
C PHE A 468 -14.60 -47.04 -33.62
N GLU A 469 -14.56 -47.86 -32.56
CA GLU A 469 -15.41 -49.02 -32.44
C GLU A 469 -16.86 -48.68 -32.12
N GLY A 470 -17.10 -47.39 -31.87
CA GLY A 470 -18.40 -46.90 -31.48
C GLY A 470 -19.11 -47.66 -30.38
N ASN A 471 -20.43 -47.58 -30.43
CA ASN A 471 -21.29 -48.28 -29.50
C ASN A 471 -21.21 -47.80 -28.07
N ARG A 472 -20.80 -46.55 -27.89
CA ARG A 472 -20.74 -45.92 -26.58
C ARG A 472 -22.06 -45.19 -26.40
N PRO A 473 -22.84 -45.60 -25.42
CA PRO A 473 -24.17 -45.04 -25.26
C PRO A 473 -24.18 -43.72 -24.52
N THR A 474 -25.16 -42.89 -24.84
CA THR A 474 -25.34 -41.62 -24.18
C THR A 474 -26.80 -41.35 -24.01
N ASN A 475 -27.10 -40.39 -23.15
CA ASN A 475 -28.41 -39.80 -23.07
C ASN A 475 -28.23 -38.37 -23.57
N SER A 476 -29.27 -37.84 -24.21
CA SER A 476 -29.29 -36.45 -24.65
C SER A 476 -30.51 -35.81 -24.03
N ILE A 477 -30.25 -34.78 -23.23
CA ILE A 477 -31.29 -34.09 -22.51
C ILE A 477 -31.31 -32.65 -22.99
N VAL A 478 -32.36 -32.27 -23.73
CA VAL A 478 -32.44 -30.93 -24.31
C VAL A 478 -33.63 -30.15 -23.79
N PHE A 479 -33.40 -28.90 -23.48
CA PHE A 479 -34.40 -28.07 -22.86
C PHE A 479 -34.47 -26.76 -23.57
N THR A 480 -35.65 -26.20 -23.66
CA THR A 480 -35.82 -24.96 -24.39
C THR A 480 -34.85 -23.86 -24.02
N LYS A 481 -34.71 -23.62 -22.71
CA LYS A 481 -33.87 -22.55 -22.23
C LYS A 481 -33.54 -22.74 -20.76
N LEU A 482 -32.36 -22.28 -20.32
CA LEU A 482 -32.02 -22.46 -18.93
C LEU A 482 -32.36 -21.26 -18.09
N THR A 483 -33.62 -21.25 -17.66
CA THR A 483 -34.18 -20.29 -16.75
C THR A 483 -34.19 -20.87 -15.35
N PRO A 484 -34.48 -20.03 -14.37
CA PRO A 484 -34.66 -20.50 -12.99
C PRO A 484 -35.64 -21.67 -12.87
N PHE A 485 -36.76 -21.59 -13.59
CA PHE A 485 -37.73 -22.65 -13.57
C PHE A 485 -37.16 -23.96 -14.13
N MET A 486 -36.59 -23.91 -15.32
CA MET A 486 -36.08 -25.11 -15.98
C MET A 486 -34.93 -25.79 -15.22
N LEU A 487 -34.04 -25.00 -14.65
CA LEU A 487 -32.95 -25.49 -13.83
C LEU A 487 -33.49 -26.29 -12.66
N GLY A 488 -34.59 -25.81 -12.11
CA GLY A 488 -35.19 -26.41 -10.92
C GLY A 488 -35.76 -27.74 -11.27
N ALA A 489 -36.37 -27.81 -12.44
CA ALA A 489 -36.93 -29.06 -12.91
C ALA A 489 -35.84 -30.13 -13.17
N LEU A 490 -34.71 -29.68 -13.70
CA LEU A 490 -33.59 -30.50 -14.03
C LEU A 490 -32.95 -30.98 -12.74
N VAL A 491 -32.69 -30.07 -11.81
CA VAL A 491 -32.08 -30.48 -10.56
C VAL A 491 -32.97 -31.57 -9.93
N ALA A 492 -34.27 -31.30 -9.85
CA ALA A 492 -35.25 -32.24 -9.31
C ALA A 492 -35.28 -33.59 -10.02
N MET A 493 -35.11 -33.58 -11.32
CA MET A 493 -35.06 -34.81 -12.08
C MET A 493 -33.94 -35.76 -11.66
N TYR A 494 -32.76 -35.23 -11.35
CA TYR A 494 -31.65 -36.13 -11.01
C TYR A 494 -31.82 -36.62 -9.60
N GLU A 495 -32.33 -35.74 -8.75
CA GLU A 495 -32.60 -36.09 -7.38
C GLU A 495 -33.43 -37.35 -7.35
N HIS A 496 -34.54 -37.31 -8.06
CA HIS A 496 -35.46 -38.41 -8.03
C HIS A 496 -34.87 -39.61 -8.75
N LYS A 497 -34.01 -39.37 -9.72
CA LYS A 497 -33.31 -40.47 -10.34
C LYS A 497 -32.51 -41.19 -9.27
N ILE A 498 -31.85 -40.40 -8.43
CA ILE A 498 -31.03 -40.94 -7.37
C ILE A 498 -31.88 -41.72 -6.39
N PHE A 499 -32.99 -41.14 -5.98
CA PHE A 499 -33.93 -41.86 -5.13
C PHE A 499 -34.27 -43.25 -5.69
N VAL A 500 -34.66 -43.30 -6.94
CA VAL A 500 -35.08 -44.55 -7.56
C VAL A 500 -33.97 -45.58 -7.51
N GLN A 501 -32.77 -45.18 -7.95
CA GLN A 501 -31.65 -46.07 -7.88
C GLN A 501 -31.53 -46.66 -6.48
N GLY A 502 -31.59 -45.80 -5.48
CA GLY A 502 -31.44 -46.23 -4.10
C GLY A 502 -32.50 -47.21 -3.61
N ILE A 503 -33.75 -47.03 -4.00
CA ILE A 503 -34.82 -47.95 -3.61
C ILE A 503 -34.55 -49.33 -4.27
N ILE A 504 -34.04 -49.30 -5.48
CA ILE A 504 -33.74 -50.54 -6.19
C ILE A 504 -32.59 -51.30 -5.54
N TRP A 505 -31.57 -50.57 -5.06
CA TRP A 505 -30.44 -51.17 -4.35
C TRP A 505 -30.72 -51.52 -2.88
N ASP A 506 -31.90 -51.17 -2.40
CA ASP A 506 -32.29 -51.37 -1.01
C ASP A 506 -31.37 -50.65 -0.01
N ILE A 507 -30.79 -49.53 -0.42
CA ILE A 507 -29.92 -48.78 0.49
C ILE A 507 -30.63 -47.52 1.00
N ASN A 508 -29.97 -46.79 1.88
CA ASN A 508 -30.52 -45.55 2.39
C ASN A 508 -29.86 -44.40 1.68
N SER A 509 -30.57 -43.80 0.74
CA SER A 509 -30.04 -42.70 -0.04
C SER A 509 -29.90 -41.41 0.75
N PHE A 510 -30.43 -41.38 1.98
CA PHE A 510 -30.54 -40.12 2.69
C PHE A 510 -29.68 -39.91 3.94
N ASP A 511 -28.86 -40.91 4.32
CA ASP A 511 -27.92 -40.70 5.43
C ASP A 511 -26.53 -40.63 4.85
N GLN A 512 -25.55 -40.36 5.69
CA GLN A 512 -24.17 -40.32 5.23
C GLN A 512 -23.18 -40.66 6.34
N TRP A 513 -23.22 -41.88 6.85
CA TRP A 513 -22.36 -42.22 7.97
C TRP A 513 -20.90 -42.20 7.60
N GLY A 514 -20.62 -42.38 6.31
CA GLY A 514 -19.28 -42.46 5.78
C GLY A 514 -18.32 -41.36 6.12
N VAL A 515 -18.77 -40.25 6.66
CA VAL A 515 -17.91 -39.11 6.97
C VAL A 515 -17.34 -39.10 8.39
N GLU A 516 -17.98 -39.86 9.27
CA GLU A 516 -17.61 -39.82 10.67
C GLU A 516 -16.12 -40.13 10.89
N LEU A 517 -15.72 -41.37 10.59
CA LEU A 517 -14.34 -41.84 10.88
C LEU A 517 -13.20 -40.78 10.70
N GLY A 518 -13.06 -40.22 9.51
CA GLY A 518 -12.07 -39.19 9.30
C GLY A 518 -12.18 -38.08 10.34
N LYS A 519 -13.40 -37.52 10.52
CA LYS A 519 -13.63 -36.48 11.55
C LYS A 519 -13.07 -36.92 12.89
N GLN A 520 -13.58 -38.01 13.43
CA GLN A 520 -13.11 -38.47 14.71
C GLN A 520 -11.60 -38.43 14.70
N LEU A 521 -11.02 -39.03 13.66
CA LEU A 521 -9.56 -39.13 13.53
C LEU A 521 -8.92 -37.77 13.39
N ALA A 522 -9.63 -36.82 12.79
CA ALA A 522 -9.04 -35.49 12.64
C ALA A 522 -8.83 -34.86 14.01
N LYS A 523 -9.84 -35.01 14.86
CA LYS A 523 -9.80 -34.43 16.19
C LYS A 523 -8.62 -34.98 17.00
N LYS A 524 -8.26 -36.23 16.78
CA LYS A 524 -7.13 -36.85 17.45
C LYS A 524 -5.82 -36.20 17.03
N ILE A 525 -5.64 -36.05 15.71
CA ILE A 525 -4.38 -35.54 15.18
C ILE A 525 -4.09 -34.06 15.45
N GLU A 526 -5.11 -33.20 15.50
CA GLU A 526 -4.85 -31.76 15.64
C GLU A 526 -3.86 -31.41 16.75
N PRO A 527 -4.14 -31.79 17.99
CA PRO A 527 -3.23 -31.47 19.10
C PRO A 527 -1.87 -32.15 18.93
N GLU A 528 -1.84 -33.27 18.23
CA GLU A 528 -0.57 -33.95 18.00
C GLU A 528 0.38 -33.18 17.05
N LEU A 529 -0.17 -32.20 16.31
CA LEU A 529 0.61 -31.40 15.37
C LEU A 529 1.45 -30.29 16.00
N ASP A 530 0.97 -29.69 17.07
CA ASP A 530 1.70 -28.63 17.76
C ASP A 530 2.93 -29.23 18.44
N GLY A 531 4.04 -28.50 18.38
CA GLY A 531 5.25 -28.95 19.03
C GLY A 531 6.19 -29.64 18.07
N SER A 532 7.43 -29.82 18.50
CA SER A 532 8.49 -30.39 17.69
C SER A 532 8.62 -31.89 17.88
N ALA A 533 7.96 -32.42 18.90
CA ALA A 533 8.13 -33.82 19.22
C ALA A 533 7.58 -34.72 18.13
N GLN A 534 8.32 -35.79 17.86
CA GLN A 534 7.89 -36.77 16.89
C GLN A 534 6.64 -37.43 17.43
N VAL A 535 5.85 -38.03 16.55
CA VAL A 535 4.62 -38.72 16.92
C VAL A 535 4.78 -40.19 16.54
N THR A 536 4.38 -41.08 17.45
CA THR A 536 4.55 -42.51 17.26
C THR A 536 3.28 -43.26 17.64
N SER A 537 2.21 -42.52 17.88
CA SER A 537 0.97 -43.12 18.34
C SER A 537 0.05 -43.62 17.24
N HIS A 538 0.47 -43.63 15.98
CA HIS A 538 -0.37 -44.20 14.93
C HIS A 538 0.36 -45.31 14.20
N ASP A 539 -0.19 -45.74 13.07
CA ASP A 539 0.52 -46.62 12.16
C ASP A 539 1.71 -45.81 11.65
N ALA A 540 2.74 -46.47 11.19
CA ALA A 540 3.97 -45.78 10.80
C ALA A 540 3.86 -44.76 9.66
N SER A 541 2.84 -44.89 8.81
CA SER A 541 2.65 -43.93 7.71
C SER A 541 2.20 -42.57 8.25
N THR A 542 1.09 -42.57 8.97
CA THR A 542 0.61 -41.38 9.65
C THR A 542 1.72 -40.70 10.47
N ASN A 543 2.51 -41.45 11.25
CA ASN A 543 3.62 -40.85 12.03
C ASN A 543 4.64 -40.24 11.06
N GLY A 544 5.14 -41.04 10.12
CA GLY A 544 6.12 -40.54 9.19
C GLY A 544 5.61 -39.25 8.55
N LEU A 545 4.37 -39.26 8.11
CA LEU A 545 3.82 -38.08 7.47
C LEU A 545 3.87 -36.91 8.44
N ILE A 546 3.43 -37.13 9.69
CA ILE A 546 3.42 -36.07 10.70
C ILE A 546 4.81 -35.57 10.99
N ASN A 547 5.76 -36.49 11.06
CA ASN A 547 7.13 -36.09 11.40
C ASN A 547 7.77 -35.30 10.27
N PHE A 548 7.39 -35.63 9.04
CA PHE A 548 7.90 -34.87 7.92
C PHE A 548 7.26 -33.47 7.96
N ILE A 549 6.02 -33.40 8.39
CA ILE A 549 5.38 -32.09 8.45
C ILE A 549 6.09 -31.18 9.44
N LYS A 550 6.29 -31.68 10.66
CA LYS A 550 7.01 -30.94 11.69
C LYS A 550 8.40 -30.49 11.27
N GLN A 551 9.18 -31.40 10.68
CA GLN A 551 10.54 -31.12 10.18
C GLN A 551 10.50 -30.02 9.13
N GLN A 552 9.63 -30.18 8.12
CA GLN A 552 9.53 -29.19 7.04
C GLN A 552 8.89 -27.86 7.39
N ARG A 553 8.14 -27.82 8.48
CA ARG A 553 7.55 -26.57 8.91
C ARG A 553 8.63 -25.50 9.11
N GLU A 554 9.86 -25.95 9.37
CA GLU A 554 10.99 -25.08 9.69
C GLU A 554 11.84 -24.69 8.48
N ALA A 555 11.63 -25.34 7.35
CA ALA A 555 12.44 -25.10 6.17
C ALA A 555 12.15 -23.72 5.56
N ARG A 556 13.20 -23.03 5.12
CA ARG A 556 13.05 -21.75 4.44
C ARG A 556 13.24 -21.96 2.95
N VAL A 557 12.22 -21.72 2.15
CA VAL A 557 12.34 -21.89 0.70
C VAL A 557 11.64 -20.76 -0.01
N MET B 1 -3.28 -60.74 -28.63
CA MET B 1 -2.38 -60.68 -27.43
C MET B 1 -1.45 -59.49 -27.55
N ALA B 2 -1.70 -58.46 -26.75
CA ALA B 2 -0.82 -57.31 -26.67
C ALA B 2 0.51 -57.58 -25.95
N ALA B 3 1.47 -56.73 -26.24
CA ALA B 3 2.79 -56.78 -25.63
C ALA B 3 2.72 -56.92 -24.12
N LEU B 4 1.80 -56.22 -23.45
CA LEU B 4 1.74 -56.30 -21.99
C LEU B 4 1.34 -57.67 -21.50
N THR B 5 0.24 -58.20 -22.02
CA THR B 5 -0.24 -59.48 -21.53
C THR B 5 0.65 -60.67 -21.90
N ARG B 6 1.40 -60.57 -23.00
CA ARG B 6 2.32 -61.63 -23.41
C ARG B 6 3.59 -61.59 -22.57
N ASP B 7 3.88 -60.44 -21.98
CA ASP B 7 5.09 -60.23 -21.20
C ASP B 7 5.11 -61.11 -19.98
N PRO B 8 6.22 -61.79 -19.73
CA PRO B 8 6.32 -62.70 -18.58
C PRO B 8 6.29 -62.04 -17.20
N GLN B 9 6.90 -60.87 -17.02
CA GLN B 9 6.87 -60.26 -15.70
C GLN B 9 5.43 -59.95 -15.30
N PHE B 10 4.63 -59.55 -16.28
CA PHE B 10 3.24 -59.20 -16.05
C PHE B 10 2.45 -60.43 -15.69
N GLN B 11 2.75 -61.54 -16.37
CA GLN B 11 2.10 -62.81 -16.05
C GLN B 11 2.44 -63.22 -14.62
N LYS B 12 3.65 -62.91 -14.16
CA LYS B 12 4.00 -63.27 -12.78
C LYS B 12 3.12 -62.48 -11.82
N LEU B 13 3.07 -61.16 -12.03
CA LEU B 13 2.23 -60.26 -11.23
C LEU B 13 0.78 -60.72 -11.11
N GLN B 14 0.15 -60.99 -12.25
CA GLN B 14 -1.21 -61.49 -12.28
C GLN B 14 -1.29 -62.76 -11.47
N GLN B 15 -0.29 -63.62 -11.63
CA GLN B 15 -0.27 -64.90 -10.91
C GLN B 15 -0.14 -64.66 -9.42
N TRP B 16 0.76 -63.76 -9.00
CA TRP B 16 0.88 -63.42 -7.58
C TRP B 16 -0.43 -62.86 -7.03
N TYR B 17 -1.08 -62.03 -7.85
CA TYR B 17 -2.32 -61.41 -7.43
C TYR B 17 -3.41 -62.46 -7.28
N ARG B 18 -3.45 -63.39 -8.23
CA ARG B 18 -4.43 -64.46 -8.21
C ARG B 18 -4.28 -65.25 -6.94
N GLU B 19 -3.04 -65.53 -6.55
CA GLU B 19 -2.84 -66.36 -5.38
C GLU B 19 -2.72 -65.64 -4.04
N HIS B 20 -2.35 -64.36 -4.02
CA HIS B 20 -2.16 -63.70 -2.72
C HIS B 20 -3.13 -62.58 -2.36
N ARG B 21 -3.84 -62.02 -3.32
CA ARG B 21 -4.65 -60.84 -3.03
C ARG B 21 -5.42 -60.94 -1.70
N SER B 22 -5.95 -62.10 -1.38
CA SER B 22 -6.71 -62.27 -0.15
C SER B 22 -5.94 -61.93 1.12
N GLU B 23 -4.63 -61.73 0.99
CA GLU B 23 -3.74 -61.48 2.12
C GLU B 23 -3.34 -60.00 2.20
N LEU B 24 -3.85 -59.22 1.27
CA LEU B 24 -3.49 -57.82 1.18
C LEU B 24 -4.41 -56.98 2.10
N ASN B 25 -3.99 -56.79 3.34
CA ASN B 25 -4.73 -56.01 4.33
C ASN B 25 -3.81 -55.05 5.05
N LEU B 26 -4.11 -53.76 4.91
CA LEU B 26 -3.25 -52.71 5.41
C LEU B 26 -3.04 -52.76 6.91
N ARG B 27 -4.08 -53.01 7.68
CA ARG B 27 -3.93 -53.08 9.13
C ARG B 27 -2.82 -54.07 9.48
N ARG B 28 -2.91 -55.26 8.91
CA ARG B 28 -1.96 -56.34 9.19
C ARG B 28 -0.55 -56.08 8.64
N LEU B 29 -0.44 -55.55 7.44
CA LEU B 29 0.88 -55.23 6.89
C LEU B 29 1.61 -54.22 7.80
N PHE B 30 0.87 -53.29 8.39
CA PHE B 30 1.43 -52.26 9.26
C PHE B 30 1.71 -52.76 10.66
N ASP B 31 0.89 -53.69 11.14
CA ASP B 31 1.10 -54.24 12.47
C ASP B 31 2.34 -55.14 12.42
N ALA B 32 2.52 -55.84 11.30
CA ALA B 32 3.65 -56.75 11.12
C ALA B 32 5.00 -56.08 10.75
N ASN B 33 5.03 -54.83 10.30
CA ASN B 33 6.30 -54.20 9.91
C ASN B 33 6.40 -52.71 10.24
N LYS B 34 6.98 -52.40 11.41
CA LYS B 34 7.11 -51.02 11.88
C LYS B 34 7.96 -50.16 10.95
N ASP B 35 8.67 -50.83 10.04
CA ASP B 35 9.47 -50.14 9.05
C ASP B 35 8.74 -49.88 7.71
N ARG B 36 7.46 -50.23 7.60
CA ARG B 36 6.74 -50.04 6.33
C ARG B 36 6.83 -48.65 5.75
N PHE B 37 6.61 -47.62 6.57
CA PHE B 37 6.76 -46.24 6.10
C PHE B 37 8.15 -45.96 5.51
N ASN B 38 9.22 -46.29 6.22
CA ASN B 38 10.57 -46.12 5.68
C ASN B 38 10.78 -46.89 4.37
N HIS B 39 10.28 -48.11 4.29
CA HIS B 39 10.49 -48.93 3.11
C HIS B 39 9.62 -48.60 1.89
N PHE B 40 8.46 -47.99 2.12
CA PHE B 40 7.53 -47.70 1.03
C PHE B 40 7.27 -46.19 0.91
N SER B 41 8.34 -45.40 1.00
CA SER B 41 8.22 -43.96 0.88
C SER B 41 9.47 -43.42 0.18
N LEU B 42 9.36 -42.24 -0.38
CA LEU B 42 10.48 -41.60 -1.01
C LEU B 42 10.56 -40.22 -0.47
N THR B 43 11.73 -39.78 -0.03
CA THR B 43 11.83 -38.37 0.29
C THR B 43 12.91 -37.78 -0.61
N LEU B 44 12.52 -36.77 -1.38
CA LEU B 44 13.35 -36.17 -2.37
C LEU B 44 13.65 -34.76 -1.93
N ASN B 45 14.92 -34.36 -2.08
CA ASN B 45 15.34 -33.00 -1.81
C ASN B 45 15.65 -32.26 -3.12
N THR B 46 14.80 -31.32 -3.50
CA THR B 46 15.02 -30.55 -4.71
C THR B 46 15.96 -29.37 -4.49
N ASN B 47 16.32 -29.11 -3.24
CA ASN B 47 17.12 -27.93 -2.93
C ASN B 47 16.24 -26.67 -2.96
N HIS B 48 14.94 -26.86 -3.20
CA HIS B 48 14.00 -25.75 -3.17
C HIS B 48 12.70 -26.23 -2.57
N GLY B 49 12.82 -27.19 -1.66
CA GLY B 49 11.70 -27.82 -1.03
C GLY B 49 11.85 -29.31 -1.16
N HIS B 50 11.26 -30.02 -0.20
CA HIS B 50 11.31 -31.46 -0.11
C HIS B 50 10.00 -32.08 -0.59
N ILE B 51 10.07 -33.27 -1.17
CA ILE B 51 8.87 -33.98 -1.55
C ILE B 51 8.90 -35.35 -0.92
N LEU B 52 7.88 -35.64 -0.12
CA LEU B 52 7.73 -36.94 0.44
C LEU B 52 6.63 -37.65 -0.36
N VAL B 53 6.99 -38.68 -1.09
CA VAL B 53 5.97 -39.47 -1.77
C VAL B 53 5.77 -40.70 -0.91
N ASP B 54 4.74 -40.71 -0.07
CA ASP B 54 4.45 -41.87 0.76
C ASP B 54 3.44 -42.81 0.12
N TYR B 55 3.87 -44.01 -0.22
CA TYR B 55 3.01 -44.96 -0.90
C TYR B 55 2.88 -46.21 -0.05
N SER B 56 3.10 -46.07 1.25
CA SER B 56 3.03 -47.20 2.16
C SER B 56 1.61 -47.68 2.42
N LYS B 57 0.60 -46.81 2.22
CA LYS B 57 -0.76 -47.28 2.49
C LYS B 57 -1.34 -47.86 1.22
N ASN B 58 -0.52 -48.54 0.43
CA ASN B 58 -0.99 -49.18 -0.79
C ASN B 58 -1.03 -50.69 -0.57
N LEU B 59 -1.86 -51.40 -1.34
CA LEU B 59 -2.00 -52.85 -1.18
C LEU B 59 -0.83 -53.58 -1.84
N VAL B 60 0.35 -53.36 -1.30
CA VAL B 60 1.56 -53.93 -1.89
C VAL B 60 2.55 -54.41 -0.83
N THR B 61 3.37 -55.38 -1.22
CA THR B 61 4.44 -55.90 -0.38
C THR B 61 5.71 -55.64 -1.14
N GLU B 62 6.85 -55.87 -0.49
CA GLU B 62 8.16 -55.78 -1.14
C GLU B 62 8.19 -56.61 -2.43
N ASP B 63 7.70 -57.84 -2.38
CA ASP B 63 7.66 -58.69 -3.57
C ASP B 63 6.91 -58.03 -4.72
N VAL B 64 5.72 -57.52 -4.44
CA VAL B 64 4.95 -56.85 -5.47
C VAL B 64 5.72 -55.68 -6.09
N MET B 65 6.32 -54.85 -5.26
CA MET B 65 7.07 -53.72 -5.78
C MET B 65 8.25 -54.20 -6.61
N ARG B 66 8.82 -55.33 -6.23
CA ARG B 66 9.98 -55.86 -6.95
C ARG B 66 9.52 -56.35 -8.33
N MET B 67 8.42 -57.07 -8.35
CA MET B 67 7.89 -57.52 -9.62
C MET B 67 7.41 -56.35 -10.51
N LEU B 68 6.91 -55.27 -9.93
CA LEU B 68 6.47 -54.14 -10.75
C LEU B 68 7.65 -53.47 -11.42
N VAL B 69 8.74 -53.32 -10.68
CA VAL B 69 9.93 -52.72 -11.27
C VAL B 69 10.46 -53.59 -12.40
N ASP B 70 10.43 -54.90 -12.16
CA ASP B 70 10.87 -55.86 -13.16
C ASP B 70 10.09 -55.66 -14.42
N LEU B 71 8.81 -55.41 -14.24
CA LEU B 71 7.89 -55.20 -15.36
C LEU B 71 8.27 -53.97 -16.13
N ALA B 72 8.68 -52.92 -15.41
CA ALA B 72 9.09 -51.69 -16.08
C ALA B 72 10.33 -51.93 -16.92
N LYS B 73 11.22 -52.79 -16.42
CA LYS B 73 12.49 -53.11 -17.09
C LYS B 73 12.15 -53.97 -18.29
N SER B 74 11.40 -55.02 -18.07
CA SER B 74 11.01 -55.91 -19.14
C SER B 74 10.23 -55.17 -20.23
N ARG B 75 9.43 -54.17 -19.86
CA ARG B 75 8.71 -53.41 -20.87
C ARG B 75 9.58 -52.36 -21.53
N GLY B 76 10.79 -52.13 -21.03
CA GLY B 76 11.70 -51.21 -21.70
C GLY B 76 11.55 -49.73 -21.40
N VAL B 77 11.12 -49.41 -20.17
CA VAL B 77 10.85 -48.05 -19.77
C VAL B 77 12.05 -47.10 -19.90
N GLU B 78 13.24 -47.57 -19.57
CA GLU B 78 14.42 -46.74 -19.65
C GLU B 78 14.86 -46.39 -21.07
N ALA B 79 14.73 -47.35 -21.98
CA ALA B 79 15.12 -47.10 -23.35
C ALA B 79 14.13 -46.10 -23.91
N ALA B 80 12.85 -46.39 -23.71
CA ALA B 80 11.78 -45.49 -24.12
C ALA B 80 12.02 -44.13 -23.53
N ARG B 81 12.38 -44.07 -22.26
CA ARG B 81 12.63 -42.75 -21.68
C ARG B 81 13.69 -42.06 -22.48
N GLU B 82 14.82 -42.73 -22.67
CA GLU B 82 15.94 -42.14 -23.42
C GLU B 82 15.54 -41.70 -24.84
N ARG B 83 14.82 -42.55 -25.55
CA ARG B 83 14.36 -42.15 -26.88
C ARG B 83 13.64 -40.79 -26.81
N MET B 84 12.83 -40.57 -25.75
CA MET B 84 12.09 -39.29 -25.62
C MET B 84 13.04 -38.15 -25.38
N PHE B 85 13.94 -38.35 -24.43
CA PHE B 85 14.86 -37.27 -24.08
C PHE B 85 15.82 -37.01 -25.22
N ASN B 86 16.11 -38.01 -26.04
CA ASN B 86 17.04 -37.79 -27.14
C ASN B 86 16.43 -37.24 -28.43
N GLY B 87 15.14 -36.93 -28.46
CA GLY B 87 14.56 -36.40 -29.69
C GLY B 87 13.98 -37.40 -30.66
N GLU B 88 14.08 -38.68 -30.36
CA GLU B 88 13.53 -39.64 -31.27
C GLU B 88 12.02 -39.40 -31.45
N LYS B 89 11.51 -39.82 -32.59
CA LYS B 89 10.12 -39.60 -32.94
C LYS B 89 9.23 -40.71 -32.39
N ILE B 90 9.19 -40.80 -31.06
CA ILE B 90 8.39 -41.81 -30.38
C ILE B 90 6.90 -41.55 -30.52
N ASN B 91 6.53 -40.32 -30.86
CA ASN B 91 5.14 -40.05 -31.23
C ASN B 91 4.99 -40.61 -32.64
N TYR B 92 4.89 -41.93 -32.73
CA TYR B 92 5.05 -42.62 -34.00
C TYR B 92 3.95 -42.42 -35.07
N THR B 93 2.68 -42.37 -34.67
CA THR B 93 1.62 -42.19 -35.66
C THR B 93 1.60 -40.82 -36.31
N GLU B 94 2.28 -39.85 -35.76
CA GLU B 94 2.34 -38.56 -36.41
C GLU B 94 3.78 -38.31 -36.83
N GLY B 95 4.69 -39.23 -36.51
CA GLY B 95 6.07 -39.06 -36.88
C GLY B 95 6.64 -37.85 -36.18
N ARG B 96 6.39 -37.75 -34.88
CA ARG B 96 6.89 -36.59 -34.16
C ARG B 96 7.74 -36.92 -32.95
N ALA B 97 8.74 -36.08 -32.76
CA ALA B 97 9.48 -36.04 -31.53
C ALA B 97 8.48 -35.56 -30.46
N VAL B 98 8.74 -35.88 -29.21
CA VAL B 98 7.95 -35.47 -28.07
C VAL B 98 8.91 -34.83 -27.12
N LEU B 99 8.95 -33.50 -27.10
CA LEU B 99 9.99 -32.78 -26.36
C LEU B 99 9.57 -31.65 -25.45
N HIS B 100 8.59 -31.91 -24.60
CA HIS B 100 8.22 -30.94 -23.59
C HIS B 100 9.37 -30.79 -22.59
N VAL B 101 10.24 -31.78 -22.51
CA VAL B 101 11.44 -31.63 -21.66
C VAL B 101 12.40 -30.54 -22.18
N ALA B 102 12.52 -30.40 -23.50
CA ALA B 102 13.40 -29.37 -24.10
C ALA B 102 13.01 -27.95 -23.72
N LEU B 103 11.73 -27.72 -23.49
CA LEU B 103 11.21 -26.37 -23.21
C LEU B 103 11.62 -25.82 -21.87
N ARG B 104 11.87 -26.73 -20.91
CA ARG B 104 12.30 -26.34 -19.57
C ARG B 104 13.71 -26.86 -19.29
N ASN B 105 14.46 -27.12 -20.36
CA ASN B 105 15.84 -27.61 -20.25
C ASN B 105 16.77 -26.45 -19.90
N ARG B 106 16.80 -26.07 -18.63
CA ARG B 106 17.62 -24.96 -18.17
C ARG B 106 19.11 -25.24 -18.28
N SER B 107 19.47 -26.51 -18.47
CA SER B 107 20.87 -26.89 -18.59
C SER B 107 21.41 -26.56 -19.99
N ASN B 108 20.50 -26.25 -20.93
CA ASN B 108 20.87 -26.03 -22.32
C ASN B 108 21.77 -27.10 -22.91
N THR B 109 21.72 -28.31 -22.37
CA THR B 109 22.39 -29.42 -23.01
C THR B 109 21.71 -29.55 -24.37
N PRO B 110 22.47 -29.62 -25.45
CA PRO B 110 21.84 -29.75 -26.77
C PRO B 110 20.93 -30.95 -26.89
N ILE B 111 19.74 -30.75 -27.45
CA ILE B 111 18.82 -31.85 -27.76
C ILE B 111 18.55 -31.75 -29.25
N LEU B 112 18.82 -32.81 -29.99
CA LEU B 112 18.70 -32.73 -31.44
C LEU B 112 17.49 -33.45 -32.00
N VAL B 113 16.97 -32.86 -33.06
CA VAL B 113 15.83 -33.39 -33.79
C VAL B 113 16.24 -33.26 -35.23
N ASP B 114 16.29 -34.39 -35.93
CA ASP B 114 16.71 -34.41 -37.32
C ASP B 114 18.04 -33.65 -37.48
N GLY B 115 18.92 -33.83 -36.49
CA GLY B 115 20.25 -33.25 -36.52
C GLY B 115 20.40 -31.79 -36.09
N LYS B 116 19.31 -31.13 -35.70
CA LYS B 116 19.40 -29.75 -35.23
C LYS B 116 19.04 -29.56 -33.74
N ASP B 117 19.97 -28.95 -33.00
CA ASP B 117 19.72 -28.64 -31.60
C ASP B 117 18.54 -27.68 -31.50
N VAL B 118 17.50 -28.09 -30.77
CA VAL B 118 16.30 -27.25 -30.66
C VAL B 118 16.44 -26.15 -29.62
N MET B 119 17.44 -26.28 -28.75
CA MET B 119 17.56 -25.37 -27.61
C MET B 119 17.61 -23.89 -27.94
N PRO B 120 18.29 -23.51 -29.02
CA PRO B 120 18.35 -22.12 -29.45
C PRO B 120 17.00 -21.51 -29.83
N GLU B 121 16.15 -22.25 -30.54
CA GLU B 121 14.85 -21.70 -30.90
C GLU B 121 13.95 -21.63 -29.64
N VAL B 122 14.11 -22.57 -28.73
CA VAL B 122 13.40 -22.55 -27.48
C VAL B 122 13.77 -21.33 -26.64
N ASN B 123 15.07 -21.02 -26.63
CA ASN B 123 15.59 -19.94 -25.79
C ASN B 123 15.32 -18.57 -26.38
N LYS B 124 15.18 -18.54 -27.70
CA LYS B 124 14.88 -17.28 -28.36
C LYS B 124 13.42 -16.97 -28.01
N VAL B 125 12.51 -17.91 -28.17
CA VAL B 125 11.13 -17.60 -27.78
C VAL B 125 11.07 -17.12 -26.32
N LEU B 126 11.86 -17.73 -25.44
CA LEU B 126 11.84 -17.40 -24.02
C LEU B 126 12.34 -15.99 -23.76
N ASP B 127 13.37 -15.59 -24.50
CA ASP B 127 13.91 -14.24 -24.33
C ASP B 127 12.85 -13.29 -24.81
N LYS B 128 12.20 -13.66 -25.90
CA LYS B 128 11.17 -12.82 -26.45
C LYS B 128 10.02 -12.66 -25.46
N MET B 129 9.55 -13.77 -24.91
CA MET B 129 8.51 -13.74 -23.90
C MET B 129 8.90 -12.82 -22.77
N LYS B 130 10.13 -12.97 -22.31
CA LYS B 130 10.61 -12.16 -21.19
C LYS B 130 10.55 -10.67 -21.49
N SER B 131 11.04 -10.27 -22.67
CA SER B 131 11.01 -8.84 -23.02
C SER B 131 9.57 -8.30 -23.02
N PHE B 132 8.65 -9.05 -23.61
CA PHE B 132 7.21 -8.69 -23.61
C PHE B 132 6.63 -8.57 -22.21
N CYS B 133 6.90 -9.57 -21.38
CA CYS B 133 6.43 -9.53 -20.01
C CYS B 133 6.89 -8.26 -19.28
N GLN B 134 8.18 -7.95 -19.37
CA GLN B 134 8.73 -6.77 -18.73
C GLN B 134 8.08 -5.48 -19.30
N ARG B 135 7.87 -5.41 -20.61
CA ARG B 135 7.23 -4.22 -21.18
C ARG B 135 5.77 -4.13 -20.79
N VAL B 136 5.06 -5.25 -20.75
CA VAL B 136 3.65 -5.23 -20.36
C VAL B 136 3.47 -4.96 -18.85
N ARG B 137 4.20 -5.68 -18.02
CA ARG B 137 4.04 -5.50 -16.57
C ARG B 137 4.45 -4.10 -16.07
N SER B 138 5.53 -3.55 -16.63
CA SER B 138 6.10 -2.26 -16.24
C SER B 138 5.33 -1.02 -16.72
N GLY B 139 4.49 -1.17 -17.74
CA GLY B 139 3.72 -0.04 -18.25
C GLY B 139 4.24 0.50 -19.56
N ASP B 140 5.38 -0.02 -20.00
CA ASP B 140 6.02 0.41 -21.24
C ASP B 140 5.17 0.16 -22.47
N TRP B 141 4.44 -0.94 -22.48
CA TRP B 141 3.59 -1.31 -23.60
C TRP B 141 2.23 -0.66 -23.43
N LYS B 142 1.95 0.33 -24.27
CA LYS B 142 0.70 1.05 -24.17
C LYS B 142 -0.37 0.51 -25.12
N GLY B 143 -1.63 0.73 -24.74
CA GLY B 143 -2.77 0.41 -25.57
C GLY B 143 -2.97 1.52 -26.59
N TYR B 144 -4.05 1.45 -27.37
CA TYR B 144 -4.26 2.40 -28.45
C TYR B 144 -4.59 3.85 -28.01
N THR B 145 -4.76 4.07 -26.71
CA THR B 145 -4.97 5.43 -26.20
C THR B 145 -3.93 5.79 -25.13
N GLY B 146 -2.84 5.06 -25.06
CA GLY B 146 -1.76 5.38 -24.14
C GLY B 146 -1.88 4.86 -22.71
N LYS B 147 -2.81 3.94 -22.46
CA LYS B 147 -2.97 3.35 -21.12
C LYS B 147 -2.17 2.05 -20.98
N THR B 148 -1.70 1.78 -19.77
CA THR B 148 -1.00 0.54 -19.47
C THR B 148 -1.99 -0.63 -19.42
N ILE B 149 -1.51 -1.85 -19.66
CA ILE B 149 -2.40 -3.01 -19.66
C ILE B 149 -2.81 -3.45 -18.28
N THR B 150 -4.12 -3.59 -18.08
CA THR B 150 -4.65 -4.01 -16.77
C THR B 150 -5.24 -5.40 -16.78
N ASP B 151 -5.41 -5.96 -17.97
CA ASP B 151 -6.12 -7.21 -18.13
C ASP B 151 -5.58 -7.98 -19.33
N VAL B 152 -5.40 -9.27 -19.15
CA VAL B 152 -4.90 -10.14 -20.20
C VAL B 152 -5.92 -11.25 -20.36
N ILE B 153 -6.31 -11.52 -21.59
CA ILE B 153 -7.28 -12.56 -21.87
C ILE B 153 -6.68 -13.59 -22.82
N ASN B 154 -6.59 -14.81 -22.32
CA ASN B 154 -6.13 -15.94 -23.09
C ASN B 154 -7.35 -16.54 -23.75
N ILE B 155 -7.27 -16.77 -25.06
CA ILE B 155 -8.35 -17.39 -25.79
C ILE B 155 -7.75 -18.62 -26.41
N GLY B 156 -8.32 -19.76 -26.08
CA GLY B 156 -7.84 -21.04 -26.52
C GLY B 156 -8.62 -22.08 -25.75
N ILE B 157 -8.52 -23.33 -26.17
CA ILE B 157 -9.25 -24.43 -25.54
C ILE B 157 -8.33 -25.62 -25.36
N GLY B 158 -8.72 -26.56 -24.50
CA GLY B 158 -7.91 -27.72 -24.20
C GLY B 158 -6.50 -27.45 -23.73
N GLY B 159 -5.57 -28.06 -24.44
CA GLY B 159 -4.15 -27.89 -24.16
C GLY B 159 -3.70 -26.46 -24.19
N SER B 160 -4.38 -25.62 -24.95
CA SER B 160 -4.01 -24.19 -24.99
C SER B 160 -4.80 -23.38 -23.96
N ASP B 161 -5.46 -24.08 -23.05
CA ASP B 161 -6.27 -23.38 -22.06
C ASP B 161 -5.99 -23.83 -20.63
N LEU B 162 -6.14 -25.13 -20.38
CA LEU B 162 -6.13 -25.68 -19.03
C LEU B 162 -4.87 -25.47 -18.22
N GLY B 163 -3.72 -25.70 -18.82
CA GLY B 163 -2.47 -25.56 -18.10
C GLY B 163 -2.27 -24.17 -17.50
N PRO B 164 -2.27 -23.17 -18.36
CA PRO B 164 -2.09 -21.78 -17.92
C PRO B 164 -3.19 -21.36 -16.95
N LEU B 165 -4.40 -21.85 -17.16
CA LEU B 165 -5.46 -21.61 -16.21
C LEU B 165 -5.07 -22.20 -14.84
N MET B 166 -4.81 -23.50 -14.83
CA MET B 166 -4.43 -24.19 -13.60
C MET B 166 -3.28 -23.52 -12.88
N VAL B 167 -2.24 -23.18 -13.63
CA VAL B 167 -1.04 -22.63 -13.05
C VAL B 167 -1.26 -21.24 -12.47
N THR B 168 -2.06 -20.41 -13.14
CA THR B 168 -2.32 -19.07 -12.63
C THR B 168 -3.18 -19.14 -11.39
N GLU B 169 -4.17 -20.02 -11.41
CA GLU B 169 -4.96 -20.23 -10.23
C GLU B 169 -4.05 -20.63 -9.08
N ALA B 170 -3.15 -21.58 -9.35
CA ALA B 170 -2.26 -22.12 -8.33
C ALA B 170 -1.20 -21.16 -7.80
N LEU B 171 -0.72 -20.24 -8.64
CA LEU B 171 0.32 -19.27 -8.24
C LEU B 171 -0.22 -17.83 -8.00
N LYS B 172 -1.54 -17.72 -7.80
CA LYS B 172 -2.17 -16.44 -7.58
C LYS B 172 -1.38 -15.50 -6.63
N PRO B 173 -0.78 -16.04 -5.58
CA PRO B 173 -0.03 -15.17 -4.65
C PRO B 173 1.19 -14.48 -5.25
N TYR B 174 1.71 -14.99 -6.35
CA TYR B 174 2.90 -14.45 -6.99
C TYR B 174 2.53 -13.42 -8.06
N SER B 175 1.28 -12.99 -8.04
CA SER B 175 0.76 -12.10 -9.08
C SER B 175 0.63 -10.61 -8.65
N SER B 176 1.34 -10.21 -7.61
CA SER B 176 1.33 -8.80 -7.19
C SER B 176 1.95 -8.02 -8.32
N GLY B 177 1.31 -6.94 -8.74
CA GLY B 177 1.87 -6.14 -9.81
C GLY B 177 1.56 -6.60 -11.24
N GLY B 178 1.06 -7.82 -11.37
CA GLY B 178 0.72 -8.33 -12.68
C GLY B 178 -0.66 -7.87 -13.08
N PRO B 179 -0.97 -7.93 -14.36
CA PRO B 179 -2.30 -7.58 -14.83
C PRO B 179 -3.24 -8.73 -14.48
N ARG B 180 -4.54 -8.52 -14.50
CA ARG B 180 -5.44 -9.62 -14.26
C ARG B 180 -5.38 -10.55 -15.46
N VAL B 181 -5.64 -11.83 -15.21
CA VAL B 181 -5.73 -12.81 -16.29
C VAL B 181 -7.13 -13.37 -16.42
N TRP B 182 -7.55 -13.62 -17.65
CA TRP B 182 -8.88 -14.17 -17.92
C TRP B 182 -8.67 -15.29 -18.90
N TYR B 183 -9.50 -16.33 -18.80
CA TYR B 183 -9.36 -17.47 -19.67
C TYR B 183 -10.69 -17.75 -20.35
N VAL B 184 -10.72 -17.56 -21.66
CA VAL B 184 -11.89 -17.78 -22.48
C VAL B 184 -11.57 -18.99 -23.30
N SER B 185 -12.46 -19.97 -23.30
CA SER B 185 -12.15 -21.23 -23.92
C SER B 185 -13.33 -21.88 -24.64
N ASN B 186 -14.46 -21.97 -23.97
CA ASN B 186 -15.63 -22.64 -24.52
C ASN B 186 -16.19 -21.85 -25.71
N ILE B 187 -16.68 -22.56 -26.72
CA ILE B 187 -17.30 -21.92 -27.85
C ILE B 187 -18.61 -21.25 -27.44
N ASP B 188 -19.22 -21.75 -26.36
CA ASP B 188 -20.44 -21.18 -25.84
C ASP B 188 -20.24 -19.71 -25.61
N GLY B 189 -21.03 -18.89 -26.32
CA GLY B 189 -20.94 -17.46 -26.29
C GLY B 189 -20.97 -16.87 -24.89
N THR B 190 -21.51 -17.63 -23.95
CA THR B 190 -21.53 -17.17 -22.59
C THR B 190 -20.16 -16.77 -22.14
N HIS B 191 -19.16 -17.56 -22.52
CA HIS B 191 -17.80 -17.37 -22.05
C HIS B 191 -17.16 -16.05 -22.47
N ILE B 192 -17.10 -15.77 -23.78
CA ILE B 192 -16.51 -14.51 -24.27
C ILE B 192 -17.41 -13.31 -23.91
N ALA B 193 -18.73 -13.50 -24.01
CA ALA B 193 -19.62 -12.40 -23.73
C ALA B 193 -19.55 -11.93 -22.28
N LYS B 194 -19.49 -12.88 -21.34
CA LYS B 194 -19.52 -12.49 -19.93
C LYS B 194 -18.17 -11.90 -19.55
N THR B 195 -17.15 -12.26 -20.31
CA THR B 195 -15.81 -11.72 -20.10
C THR B 195 -15.65 -10.30 -20.69
N LEU B 196 -15.98 -10.16 -21.97
CA LEU B 196 -15.86 -8.86 -22.63
C LEU B 196 -16.60 -7.76 -21.88
N ALA B 197 -17.78 -8.10 -21.37
CA ALA B 197 -18.60 -7.16 -20.61
C ALA B 197 -17.89 -6.53 -19.40
N GLN B 198 -16.84 -7.18 -18.89
CA GLN B 198 -16.09 -6.70 -17.74
C GLN B 198 -14.79 -6.01 -18.17
N LEU B 199 -14.62 -5.80 -19.47
CA LEU B 199 -13.35 -5.31 -19.99
C LEU B 199 -13.42 -3.94 -20.70
N ASN B 200 -12.33 -3.19 -20.55
CA ASN B 200 -12.11 -1.94 -21.27
C ASN B 200 -11.13 -2.26 -22.40
N PRO B 201 -11.50 -1.99 -23.64
CA PRO B 201 -10.61 -2.35 -24.76
C PRO B 201 -9.35 -1.52 -24.77
N GLU B 202 -9.37 -0.32 -24.19
CA GLU B 202 -8.18 0.51 -24.10
C GLU B 202 -7.09 -0.15 -23.26
N SER B 203 -7.48 -1.00 -22.32
CA SER B 203 -6.50 -1.59 -21.42
C SER B 203 -6.39 -3.12 -21.49
N SER B 204 -6.95 -3.73 -22.53
CA SER B 204 -6.97 -5.20 -22.60
C SER B 204 -6.14 -5.78 -23.71
N LEU B 205 -5.33 -6.76 -23.33
CA LEU B 205 -4.48 -7.48 -24.24
C LEU B 205 -4.99 -8.89 -24.47
N PHE B 206 -5.18 -9.27 -25.73
CA PHE B 206 -5.63 -10.60 -26.07
C PHE B 206 -4.50 -11.46 -26.55
N ILE B 207 -4.58 -12.73 -26.18
CA ILE B 207 -3.60 -13.74 -26.52
C ILE B 207 -4.38 -14.86 -27.15
N ILE B 208 -4.18 -15.09 -28.42
CA ILE B 208 -4.85 -16.18 -29.11
C ILE B 208 -3.92 -17.36 -29.03
N ALA B 209 -4.30 -18.33 -28.23
CA ALA B 209 -3.45 -19.47 -27.94
C ALA B 209 -3.95 -20.68 -28.73
N SER B 210 -3.18 -21.12 -29.70
CA SER B 210 -3.61 -22.23 -30.55
C SER B 210 -2.45 -22.82 -31.32
N LYS B 211 -2.11 -24.07 -31.00
CA LYS B 211 -1.06 -24.77 -31.73
C LYS B 211 -1.28 -24.64 -33.25
N THR B 212 -2.47 -25.00 -33.72
CA THR B 212 -2.76 -25.00 -35.18
C THR B 212 -3.26 -23.69 -35.70
N PHE B 213 -3.77 -22.89 -34.79
CA PHE B 213 -4.43 -21.66 -35.14
C PHE B 213 -5.58 -21.86 -36.11
N THR B 214 -6.20 -23.05 -36.13
CA THR B 214 -7.42 -23.23 -36.92
C THR B 214 -8.54 -23.89 -36.12
N THR B 215 -8.32 -24.12 -34.82
CA THR B 215 -9.33 -24.80 -34.03
C THR B 215 -10.56 -23.92 -34.02
N GLN B 216 -11.69 -24.50 -34.38
CA GLN B 216 -12.92 -23.74 -34.51
C GLN B 216 -13.30 -22.87 -33.30
N GLU B 217 -13.34 -23.46 -32.12
CA GLU B 217 -13.77 -22.72 -30.95
C GLU B 217 -12.89 -21.51 -30.74
N THR B 218 -11.59 -21.69 -30.94
CA THR B 218 -10.62 -20.64 -30.69
C THR B 218 -10.60 -19.55 -31.74
N ILE B 219 -10.70 -19.92 -33.01
CA ILE B 219 -10.66 -18.89 -34.04
C ILE B 219 -11.93 -17.99 -33.94
N THR B 220 -13.08 -18.62 -33.81
CA THR B 220 -14.34 -17.91 -33.65
C THR B 220 -14.32 -16.92 -32.47
N ASN B 221 -13.97 -17.42 -31.27
CA ASN B 221 -13.85 -16.53 -30.12
C ASN B 221 -12.89 -15.39 -30.50
N ALA B 222 -11.83 -15.75 -31.23
CA ALA B 222 -10.82 -14.77 -31.64
C ALA B 222 -11.47 -13.74 -32.56
N GLU B 223 -12.24 -14.22 -33.52
CA GLU B 223 -12.97 -13.31 -34.39
C GLU B 223 -13.90 -12.45 -33.56
N THR B 224 -14.59 -13.07 -32.59
CA THR B 224 -15.55 -12.31 -31.80
C THR B 224 -14.82 -11.24 -31.00
N ALA B 225 -13.68 -11.58 -30.46
CA ALA B 225 -12.95 -10.61 -29.67
C ALA B 225 -12.42 -9.52 -30.59
N LYS B 226 -11.93 -9.88 -31.76
CA LYS B 226 -11.35 -8.88 -32.64
C LYS B 226 -12.46 -7.93 -33.07
N GLU B 227 -13.60 -8.48 -33.46
CA GLU B 227 -14.71 -7.63 -33.85
C GLU B 227 -15.04 -6.65 -32.72
N TRP B 228 -15.16 -7.15 -31.50
CA TRP B 228 -15.46 -6.32 -30.34
C TRP B 228 -14.38 -5.25 -30.16
N PHE B 229 -13.13 -5.62 -30.31
CA PHE B 229 -12.08 -4.65 -30.16
C PHE B 229 -12.19 -3.56 -31.22
N LEU B 230 -12.44 -3.95 -32.47
CA LEU B 230 -12.52 -2.98 -33.55
C LEU B 230 -13.67 -1.98 -33.40
N GLN B 231 -14.78 -2.36 -32.78
CA GLN B 231 -15.91 -1.45 -32.65
C GLN B 231 -15.53 -0.22 -31.83
N ALA B 232 -14.60 -0.39 -30.92
CA ALA B 232 -14.22 0.70 -30.04
C ALA B 232 -13.04 1.53 -30.56
N ALA B 233 -12.04 0.87 -31.13
CA ALA B 233 -10.82 1.56 -31.57
C ALA B 233 -10.90 2.05 -33.02
N LYS B 234 -11.74 1.41 -33.82
CA LYS B 234 -11.93 1.82 -35.21
C LYS B 234 -10.63 2.13 -35.89
N ASP B 235 -9.71 1.18 -35.87
CA ASP B 235 -8.39 1.41 -36.42
C ASP B 235 -7.65 0.09 -36.47
N PRO B 236 -7.63 -0.54 -37.65
CA PRO B 236 -6.96 -1.82 -37.86
C PRO B 236 -5.54 -1.89 -37.30
N SER B 237 -4.86 -0.75 -37.22
CA SER B 237 -3.49 -0.72 -36.76
C SER B 237 -3.36 -0.85 -35.25
N ALA B 238 -4.48 -0.76 -34.55
CA ALA B 238 -4.48 -0.84 -33.10
C ALA B 238 -4.42 -2.30 -32.65
N VAL B 239 -4.75 -3.20 -33.56
CA VAL B 239 -4.76 -4.61 -33.29
C VAL B 239 -3.38 -5.07 -32.88
N ALA B 240 -2.36 -4.55 -33.56
CA ALA B 240 -0.99 -4.89 -33.24
C ALA B 240 -0.66 -4.61 -31.80
N LYS B 241 -1.41 -3.72 -31.16
CA LYS B 241 -1.13 -3.34 -29.78
C LYS B 241 -1.99 -4.09 -28.74
N HIS B 242 -2.86 -4.97 -29.20
CA HIS B 242 -3.79 -5.62 -28.29
C HIS B 242 -4.04 -7.08 -28.56
N PHE B 243 -3.30 -7.65 -29.50
CA PHE B 243 -3.48 -9.03 -29.86
C PHE B 243 -2.15 -9.66 -30.20
N VAL B 244 -1.80 -10.73 -29.50
CA VAL B 244 -0.62 -11.50 -29.82
C VAL B 244 -1.10 -12.90 -30.07
N ALA B 245 -0.21 -13.74 -30.58
CA ALA B 245 -0.54 -15.11 -30.86
C ALA B 245 0.53 -16.05 -30.33
N LEU B 246 0.07 -17.21 -29.91
CA LEU B 246 0.92 -18.30 -29.44
C LEU B 246 0.57 -19.45 -30.36
N SER B 247 1.44 -19.79 -31.29
CA SER B 247 1.12 -20.83 -32.28
C SER B 247 2.35 -21.38 -33.02
N THR B 248 2.16 -22.45 -33.78
CA THR B 248 3.22 -22.99 -34.63
C THR B 248 2.91 -22.75 -36.11
N ASN B 249 1.94 -21.89 -36.40
CA ASN B 249 1.51 -21.68 -37.77
C ASN B 249 1.48 -20.22 -38.17
N THR B 250 2.62 -19.73 -38.64
CA THR B 250 2.80 -18.32 -39.01
C THR B 250 1.79 -17.84 -40.05
N THR B 251 1.51 -18.69 -41.03
CA THR B 251 0.59 -18.35 -42.11
C THR B 251 -0.80 -17.92 -41.61
N LYS B 252 -1.49 -18.84 -40.93
CA LYS B 252 -2.83 -18.54 -40.47
C LYS B 252 -2.82 -17.37 -39.45
N VAL B 253 -1.72 -17.16 -38.74
CA VAL B 253 -1.63 -16.01 -37.84
C VAL B 253 -1.60 -14.70 -38.64
N LYS B 254 -0.84 -14.68 -39.74
CA LYS B 254 -0.77 -13.51 -40.60
C LYS B 254 -2.18 -13.29 -41.15
N GLU B 255 -2.82 -14.36 -41.60
CA GLU B 255 -4.17 -14.24 -42.14
C GLU B 255 -5.18 -13.69 -41.12
N PHE B 256 -5.06 -14.10 -39.87
CA PHE B 256 -5.99 -13.60 -38.86
C PHE B 256 -5.84 -12.08 -38.67
N GLY B 257 -4.66 -11.52 -38.90
CA GLY B 257 -4.44 -10.08 -38.77
C GLY B 257 -3.46 -9.72 -37.68
N ILE B 258 -2.75 -10.72 -37.16
CA ILE B 258 -1.79 -10.48 -36.11
C ILE B 258 -0.42 -10.32 -36.70
N ASP B 259 0.22 -9.23 -36.32
CA ASP B 259 1.55 -8.93 -36.75
C ASP B 259 2.51 -10.12 -36.47
N PRO B 260 3.34 -10.50 -37.43
CA PRO B 260 4.31 -11.59 -37.23
C PRO B 260 5.20 -11.32 -36.01
N GLN B 261 5.43 -10.06 -35.69
CA GLN B 261 6.23 -9.69 -34.52
C GLN B 261 5.50 -9.98 -33.22
N ASN B 262 4.19 -10.16 -33.31
CA ASN B 262 3.35 -10.40 -32.16
C ASN B 262 3.06 -11.88 -32.06
N MET B 263 3.85 -12.67 -32.76
CA MET B 263 3.72 -14.12 -32.71
C MET B 263 4.83 -14.73 -31.88
N PHE B 264 4.44 -15.44 -30.82
CA PHE B 264 5.36 -16.23 -30.02
C PHE B 264 5.13 -17.63 -30.53
N GLU B 265 6.20 -18.28 -30.96
CA GLU B 265 6.10 -19.58 -31.62
C GLU B 265 6.39 -20.78 -30.73
N PHE B 266 5.91 -21.95 -31.15
CA PHE B 266 6.38 -23.23 -30.58
C PHE B 266 6.44 -24.28 -31.69
N TRP B 267 6.62 -25.55 -31.36
CA TRP B 267 6.92 -26.55 -32.38
C TRP B 267 5.97 -27.69 -32.29
N ASP B 268 6.07 -28.58 -33.27
CA ASP B 268 5.15 -29.70 -33.35
C ASP B 268 5.45 -30.75 -32.30
N TRP B 269 6.69 -30.75 -31.80
CA TRP B 269 7.07 -31.76 -30.81
C TRP B 269 6.54 -31.44 -29.41
N VAL B 270 5.83 -30.32 -29.30
CA VAL B 270 5.17 -29.90 -28.09
C VAL B 270 3.70 -30.35 -28.16
N GLY B 271 3.33 -31.31 -27.32
CA GLY B 271 1.94 -31.72 -27.25
C GLY B 271 1.12 -30.64 -26.56
N GLY B 272 -0.15 -30.53 -26.94
CA GLY B 272 -1.03 -29.53 -26.36
C GLY B 272 -1.11 -29.63 -24.86
N ARG B 273 -1.38 -30.85 -24.42
CA ARG B 273 -1.50 -31.15 -23.01
C ARG B 273 -0.14 -31.19 -22.34
N TYR B 274 0.90 -30.79 -23.07
CA TYR B 274 2.25 -30.68 -22.52
C TYR B 274 2.86 -29.34 -22.88
N SER B 275 2.03 -28.34 -23.13
CA SER B 275 2.49 -27.09 -23.69
C SER B 275 2.63 -25.87 -22.77
N LEU B 276 2.07 -25.91 -21.58
CA LEU B 276 2.13 -24.74 -20.75
C LEU B 276 3.57 -24.27 -20.59
N TRP B 277 4.49 -25.19 -20.76
CA TRP B 277 5.89 -24.85 -20.55
C TRP B 277 6.46 -23.98 -21.64
N SER B 278 5.72 -23.88 -22.74
CA SER B 278 6.16 -23.14 -23.91
C SER B 278 5.56 -21.75 -23.97
N ALA B 279 5.47 -21.25 -25.20
CA ALA B 279 4.87 -19.96 -25.47
C ALA B 279 3.41 -19.98 -24.99
N ILE B 280 2.77 -21.15 -25.04
CA ILE B 280 1.41 -21.27 -24.48
C ILE B 280 1.35 -20.71 -23.06
N GLY B 281 2.48 -20.70 -22.39
CA GLY B 281 2.56 -20.19 -21.04
C GLY B 281 2.77 -18.70 -20.87
N LEU B 282 2.62 -17.92 -21.94
CA LEU B 282 2.78 -16.47 -21.84
C LEU B 282 1.87 -15.86 -20.77
N SER B 283 0.62 -16.28 -20.70
CA SER B 283 -0.28 -15.72 -19.68
C SER B 283 0.26 -16.02 -18.31
N ILE B 284 0.94 -17.16 -18.16
CA ILE B 284 1.48 -17.43 -16.84
C ILE B 284 2.50 -16.33 -16.53
N ALA B 285 3.42 -16.15 -17.46
CA ALA B 285 4.52 -15.21 -17.31
C ALA B 285 4.04 -13.79 -17.11
N LEU B 286 3.00 -13.43 -17.84
CA LEU B 286 2.44 -12.11 -17.67
C LEU B 286 1.93 -11.92 -16.24
N HIS B 287 1.23 -12.91 -15.73
CA HIS B 287 0.53 -12.78 -14.46
C HIS B 287 1.44 -12.76 -13.23
N VAL B 288 2.46 -13.60 -13.20
CA VAL B 288 3.33 -13.69 -12.04
C VAL B 288 4.81 -13.34 -12.29
N GLY B 289 5.14 -13.01 -13.53
CA GLY B 289 6.49 -12.57 -13.88
C GLY B 289 7.37 -13.61 -14.54
N PHE B 290 8.21 -13.16 -15.49
CA PHE B 290 9.12 -14.10 -16.12
C PHE B 290 10.02 -14.80 -15.10
N ASP B 291 10.44 -14.09 -14.04
CA ASP B 291 11.24 -14.74 -12.99
C ASP B 291 10.50 -16.00 -12.45
N ASN B 292 9.22 -15.85 -12.12
CA ASN B 292 8.47 -16.98 -11.57
C ASN B 292 8.19 -18.10 -12.54
N PHE B 293 8.03 -17.71 -13.80
CA PHE B 293 7.82 -18.67 -14.88
C PHE B 293 9.05 -19.52 -14.98
N GLU B 294 10.19 -18.85 -14.86
CA GLU B 294 11.50 -19.51 -14.96
C GLU B 294 11.61 -20.52 -13.84
N GLN B 295 11.20 -20.09 -12.65
CA GLN B 295 11.20 -20.98 -11.49
C GLN B 295 10.29 -22.16 -11.76
N LEU B 296 9.15 -21.92 -12.40
CA LEU B 296 8.24 -23.02 -12.75
C LEU B 296 8.98 -24.02 -13.66
N LEU B 297 9.70 -23.51 -14.65
CA LEU B 297 10.38 -24.39 -15.59
C LEU B 297 11.49 -25.25 -14.94
N SER B 298 12.24 -24.64 -14.02
CA SER B 298 13.35 -25.36 -13.35
C SER B 298 12.82 -26.46 -12.45
N GLY B 299 11.78 -26.15 -11.69
CA GLY B 299 11.12 -27.17 -10.91
C GLY B 299 10.85 -28.37 -11.80
N ALA B 300 10.34 -28.13 -12.98
CA ALA B 300 10.08 -29.23 -13.92
C ALA B 300 11.41 -29.81 -14.41
N HIS B 301 12.39 -28.93 -14.64
CA HIS B 301 13.67 -29.38 -15.12
C HIS B 301 14.22 -30.35 -14.07
N TRP B 302 14.16 -29.95 -12.81
CA TRP B 302 14.63 -30.82 -11.75
C TRP B 302 13.97 -32.18 -11.78
N MET B 303 12.66 -32.22 -12.02
CA MET B 303 11.94 -33.49 -11.93
C MET B 303 12.27 -34.33 -13.13
N ASP B 304 12.52 -33.68 -14.25
CA ASP B 304 12.95 -34.39 -15.44
C ASP B 304 14.23 -35.15 -15.10
N GLN B 305 15.19 -34.42 -14.57
CA GLN B 305 16.46 -35.03 -14.22
C GLN B 305 16.21 -36.16 -13.24
N HIS B 306 15.39 -35.93 -12.21
CA HIS B 306 15.19 -37.00 -11.22
C HIS B 306 14.69 -38.24 -11.93
N PHE B 307 13.79 -38.02 -12.87
CA PHE B 307 13.17 -39.10 -13.61
C PHE B 307 14.20 -39.80 -14.49
N ARG B 308 15.13 -39.03 -15.06
CA ARG B 308 16.12 -39.61 -15.94
C ARG B 308 17.23 -40.40 -15.27
N THR B 309 17.64 -39.97 -14.08
CA THR B 309 18.83 -40.54 -13.42
C THR B 309 18.57 -41.41 -12.19
N THR B 310 17.34 -41.56 -11.75
CA THR B 310 17.11 -42.36 -10.58
C THR B 310 16.81 -43.80 -10.93
N PRO B 311 17.48 -44.75 -10.29
CA PRO B 311 17.16 -46.15 -10.52
C PRO B 311 15.65 -46.31 -10.36
N LEU B 312 15.06 -47.23 -11.13
CA LEU B 312 13.61 -47.39 -11.15
C LEU B 312 12.96 -47.54 -9.81
N GLU B 313 13.50 -48.41 -8.98
CA GLU B 313 12.88 -48.71 -7.71
C GLU B 313 12.80 -47.50 -6.75
N LYS B 314 13.43 -46.39 -7.08
CA LYS B 314 13.31 -45.23 -6.20
C LYS B 314 12.89 -43.99 -6.96
N ASN B 315 12.42 -44.19 -8.18
CA ASN B 315 12.03 -43.13 -9.10
C ASN B 315 10.56 -42.69 -8.94
N ALA B 316 10.31 -41.49 -8.42
CA ALA B 316 8.95 -41.07 -8.08
C ALA B 316 7.87 -41.36 -9.14
N PRO B 317 8.01 -40.84 -10.34
CA PRO B 317 6.97 -41.04 -11.36
C PRO B 317 6.82 -42.50 -11.76
N VAL B 318 7.90 -43.27 -11.70
CA VAL B 318 7.85 -44.66 -12.10
C VAL B 318 7.03 -45.45 -11.13
N LEU B 319 7.26 -45.19 -9.84
CA LEU B 319 6.54 -45.91 -8.80
C LEU B 319 5.05 -45.50 -8.80
N LEU B 320 4.76 -44.22 -8.98
CA LEU B 320 3.38 -43.79 -9.07
C LEU B 320 2.75 -44.61 -10.17
N ALA B 321 3.47 -44.68 -11.30
CA ALA B 321 2.99 -45.39 -12.46
C ALA B 321 2.75 -46.86 -12.18
N LEU B 322 3.73 -47.54 -11.57
CA LEU B 322 3.56 -48.97 -11.32
C LEU B 322 2.39 -49.28 -10.41
N LEU B 323 2.23 -48.46 -9.38
CA LEU B 323 1.10 -48.67 -8.48
C LEU B 323 -0.19 -48.59 -9.28
N GLY B 324 -0.23 -47.65 -10.21
CA GLY B 324 -1.42 -47.48 -11.03
C GLY B 324 -1.69 -48.70 -11.90
N ILE B 325 -0.67 -49.19 -12.57
CA ILE B 325 -0.76 -50.39 -13.38
C ILE B 325 -1.34 -51.51 -12.55
N TRP B 326 -0.79 -51.69 -11.37
CA TRP B 326 -1.26 -52.70 -10.41
C TRP B 326 -2.76 -52.56 -10.09
N TYR B 327 -3.25 -51.35 -9.93
CA TYR B 327 -4.65 -51.18 -9.56
C TYR B 327 -5.52 -51.27 -10.79
N ILE B 328 -4.94 -50.91 -11.92
CA ILE B 328 -5.68 -50.93 -13.16
C ILE B 328 -5.66 -52.32 -13.74
N ASN B 329 -4.48 -52.90 -13.90
CA ASN B 329 -4.36 -54.16 -14.60
C ASN B 329 -4.55 -55.45 -13.80
N CYS B 330 -4.49 -55.39 -12.47
CA CYS B 330 -4.77 -56.57 -11.69
C CYS B 330 -6.09 -56.44 -10.91
N PHE B 331 -6.20 -55.40 -10.10
CA PHE B 331 -7.40 -55.13 -9.32
C PHE B 331 -8.59 -54.76 -10.20
N GLY B 332 -8.33 -54.05 -11.29
CA GLY B 332 -9.36 -53.64 -12.25
C GLY B 332 -10.05 -52.30 -12.00
N CYS B 333 -9.42 -51.42 -11.22
CA CYS B 333 -10.02 -50.12 -10.89
C CYS B 333 -10.06 -49.24 -12.10
N GLU B 334 -11.25 -48.71 -12.39
CA GLU B 334 -11.43 -47.83 -13.54
C GLU B 334 -10.92 -46.44 -13.29
N THR B 335 -10.89 -46.01 -12.03
CA THR B 335 -10.56 -44.60 -11.79
C THR B 335 -9.40 -44.35 -10.87
N HIS B 336 -9.00 -43.09 -10.84
CA HIS B 336 -7.90 -42.64 -10.02
C HIS B 336 -8.30 -41.23 -9.60
N ALA B 337 -8.43 -41.00 -8.30
CA ALA B 337 -8.79 -39.66 -7.80
C ALA B 337 -7.57 -38.86 -7.46
N MET B 338 -7.51 -37.59 -7.83
CA MET B 338 -6.43 -36.74 -7.39
C MET B 338 -7.06 -35.72 -6.45
N LEU B 339 -6.64 -35.72 -5.19
CA LEU B 339 -7.30 -34.90 -4.19
C LEU B 339 -6.33 -33.96 -3.49
N PRO B 340 -6.12 -32.79 -4.05
CA PRO B 340 -5.20 -31.83 -3.44
C PRO B 340 -5.86 -31.06 -2.33
N TYR B 341 -5.19 -30.97 -1.19
CA TYR B 341 -5.73 -30.26 -0.07
C TYR B 341 -5.16 -28.87 -0.14
N ASP B 342 -5.62 -28.18 -1.16
CA ASP B 342 -5.14 -26.88 -1.46
C ASP B 342 -6.09 -26.21 -2.43
N GLN B 343 -6.79 -25.19 -1.94
CA GLN B 343 -7.71 -24.39 -2.75
C GLN B 343 -7.03 -23.75 -3.98
N TYR B 344 -5.79 -23.31 -3.87
CA TYR B 344 -5.07 -22.80 -5.05
C TYR B 344 -4.98 -23.85 -6.18
N LEU B 345 -4.83 -25.14 -5.81
CA LEU B 345 -4.80 -26.25 -6.78
C LEU B 345 -6.21 -26.76 -7.18
N HIS B 346 -7.22 -25.88 -7.19
CA HIS B 346 -8.58 -26.35 -7.47
C HIS B 346 -8.82 -26.80 -8.90
N ARG B 347 -7.89 -26.50 -9.80
CA ARG B 347 -8.02 -26.96 -11.21
C ARG B 347 -7.01 -28.05 -11.52
N PHE B 348 -6.22 -28.44 -10.51
CA PHE B 348 -5.17 -29.46 -10.69
C PHE B 348 -5.76 -30.82 -11.14
N ALA B 349 -6.80 -31.31 -10.49
CA ALA B 349 -7.43 -32.57 -10.93
C ALA B 349 -7.93 -32.46 -12.38
N ALA B 350 -8.54 -31.33 -12.69
CA ALA B 350 -9.06 -31.15 -14.04
C ALA B 350 -7.91 -31.15 -15.06
N TYR B 351 -6.79 -30.50 -14.75
CA TYR B 351 -5.69 -30.48 -15.69
C TYR B 351 -5.21 -31.89 -16.05
N PHE B 352 -5.06 -32.74 -15.03
CA PHE B 352 -4.58 -34.08 -15.26
C PHE B 352 -5.67 -35.03 -15.69
N GLN B 353 -6.91 -34.59 -15.55
CA GLN B 353 -7.99 -35.32 -16.16
C GLN B 353 -7.72 -35.34 -17.67
N GLN B 354 -7.31 -34.22 -18.22
CA GLN B 354 -6.89 -34.16 -19.63
C GLN B 354 -5.53 -34.84 -19.90
N GLY B 355 -4.49 -34.37 -19.24
CA GLY B 355 -3.18 -34.94 -19.41
C GLY B 355 -3.12 -36.45 -19.29
N ASP B 356 -3.79 -37.01 -18.31
CA ASP B 356 -3.77 -38.44 -18.19
C ASP B 356 -4.67 -39.08 -19.27
N MET B 357 -5.95 -38.72 -19.29
CA MET B 357 -6.92 -39.39 -20.14
C MET B 357 -6.70 -39.18 -21.65
N GLU B 358 -6.29 -37.99 -22.04
CA GLU B 358 -6.08 -37.70 -23.45
C GLU B 358 -4.79 -38.44 -23.91
N SER B 359 -3.81 -38.51 -23.04
CA SER B 359 -2.62 -39.28 -23.32
C SER B 359 -2.89 -40.79 -23.44
N ASN B 360 -3.45 -41.43 -22.41
CA ASN B 360 -3.54 -42.87 -22.38
C ASN B 360 -4.94 -43.47 -22.51
N GLY B 361 -5.86 -42.66 -22.98
CA GLY B 361 -7.19 -43.17 -23.34
C GLY B 361 -6.99 -43.76 -24.72
N LYS B 362 -6.45 -44.98 -24.77
CA LYS B 362 -6.04 -45.59 -26.04
C LYS B 362 -6.32 -47.08 -26.08
N TYR B 363 -6.38 -47.66 -27.27
CA TYR B 363 -6.62 -49.09 -27.40
C TYR B 363 -5.79 -49.74 -28.54
N ILE B 364 -5.00 -48.93 -29.23
CA ILE B 364 -4.09 -49.41 -30.29
C ILE B 364 -2.62 -49.32 -29.93
N THR B 365 -1.94 -50.47 -29.89
CA THR B 365 -0.50 -50.54 -29.58
C THR B 365 0.36 -50.27 -30.80
N LYS B 366 1.67 -50.17 -30.57
CA LYS B 366 2.64 -49.80 -31.60
C LYS B 366 2.64 -50.77 -32.78
N SER B 367 2.42 -52.06 -32.51
CA SER B 367 2.31 -53.03 -33.60
C SER B 367 1.00 -52.88 -34.39
N GLY B 368 0.06 -52.13 -33.85
CA GLY B 368 -1.19 -51.88 -34.54
C GLY B 368 -2.29 -52.83 -34.14
N THR B 369 -2.05 -53.61 -33.12
CA THR B 369 -3.05 -54.56 -32.66
C THR B 369 -3.77 -54.04 -31.40
N ARG B 370 -5.02 -54.46 -31.26
CA ARG B 370 -5.88 -54.04 -30.18
C ARG B 370 -5.31 -54.51 -28.85
N VAL B 371 -5.34 -53.67 -27.81
CA VAL B 371 -4.92 -54.11 -26.48
C VAL B 371 -5.95 -55.12 -26.07
N ASP B 372 -5.59 -56.01 -25.15
CA ASP B 372 -6.57 -56.93 -24.61
C ASP B 372 -6.52 -56.83 -23.08
N HIS B 373 -6.23 -55.63 -22.62
CA HIS B 373 -6.22 -55.29 -21.19
C HIS B 373 -6.66 -53.86 -21.12
N GLN B 374 -6.81 -53.36 -19.90
CA GLN B 374 -7.19 -51.97 -19.69
C GLN B 374 -6.03 -51.01 -19.94
N THR B 375 -6.35 -49.78 -20.35
CA THR B 375 -5.37 -48.73 -20.39
C THR B 375 -5.75 -47.63 -19.39
N GLY B 376 -5.57 -46.38 -19.78
CA GLY B 376 -5.84 -45.26 -18.90
C GLY B 376 -7.11 -45.33 -18.05
N PRO B 377 -6.99 -44.88 -16.83
CA PRO B 377 -8.16 -44.80 -15.97
C PRO B 377 -8.85 -43.45 -16.16
N ILE B 378 -10.06 -43.31 -15.60
CA ILE B 378 -10.78 -42.06 -15.55
C ILE B 378 -10.26 -41.31 -14.32
N VAL B 379 -9.76 -40.10 -14.52
CA VAL B 379 -9.15 -39.28 -13.47
C VAL B 379 -10.17 -38.23 -13.07
N TRP B 380 -10.28 -37.97 -11.76
CA TRP B 380 -11.26 -37.06 -11.24
C TRP B 380 -10.89 -36.59 -9.84
N GLY B 381 -11.58 -35.58 -9.34
CA GLY B 381 -11.30 -35.08 -8.00
C GLY B 381 -11.59 -33.63 -7.75
N GLU B 382 -11.73 -33.28 -6.46
CA GLU B 382 -11.98 -31.92 -6.02
C GLU B 382 -11.11 -31.73 -4.80
N PRO B 383 -10.72 -30.51 -4.50
CA PRO B 383 -9.86 -30.25 -3.36
C PRO B 383 -10.44 -30.63 -2.00
N GLY B 384 -9.58 -31.05 -1.09
CA GLY B 384 -9.99 -31.31 0.26
C GLY B 384 -9.94 -29.96 0.97
N THR B 385 -10.72 -29.79 2.02
CA THR B 385 -11.52 -30.89 2.55
C THR B 385 -12.92 -31.00 1.99
N ASN B 386 -13.29 -30.18 1.01
CA ASN B 386 -14.65 -30.22 0.48
C ASN B 386 -15.16 -31.60 0.17
N GLY B 387 -14.32 -32.39 -0.46
CA GLY B 387 -14.66 -33.78 -0.77
C GLY B 387 -15.15 -34.62 0.41
N GLN B 388 -14.61 -34.41 1.59
CA GLN B 388 -15.00 -35.17 2.78
C GLN B 388 -16.49 -35.10 3.02
N HIS B 389 -17.11 -34.03 2.53
CA HIS B 389 -18.55 -33.77 2.70
C HIS B 389 -19.37 -34.08 1.44
N ALA B 390 -18.70 -34.50 0.38
CA ALA B 390 -19.38 -34.81 -0.86
C ALA B 390 -19.17 -36.31 -1.14
N PHE B 391 -18.29 -36.62 -2.07
CA PHE B 391 -18.06 -37.97 -2.51
C PHE B 391 -17.23 -38.89 -1.62
N TYR B 392 -16.59 -38.39 -0.60
CA TYR B 392 -15.88 -39.28 0.30
C TYR B 392 -16.81 -40.37 0.89
N GLN B 393 -18.09 -40.08 0.99
CA GLN B 393 -19.00 -41.09 1.50
C GLN B 393 -18.86 -42.36 0.66
N LEU B 394 -18.75 -42.19 -0.65
CA LEU B 394 -18.64 -43.33 -1.55
C LEU B 394 -17.28 -44.02 -1.46
N ILE B 395 -16.23 -43.24 -1.30
CA ILE B 395 -14.91 -43.80 -1.18
C ILE B 395 -14.86 -44.62 0.10
N HIS B 396 -15.47 -44.11 1.15
CA HIS B 396 -15.41 -44.85 2.41
C HIS B 396 -16.30 -46.06 2.49
N GLN B 397 -17.51 -46.01 1.93
CA GLN B 397 -18.51 -47.04 2.17
C GLN B 397 -19.32 -47.48 0.92
N GLY B 398 -18.81 -47.20 -0.26
CA GLY B 398 -19.46 -47.63 -1.47
C GLY B 398 -18.94 -48.99 -1.84
N THR B 399 -19.07 -49.33 -3.13
CA THR B 399 -18.70 -50.66 -3.58
C THR B 399 -17.61 -50.65 -4.63
N LYS B 400 -16.94 -49.51 -4.78
CA LYS B 400 -15.82 -49.35 -5.69
C LYS B 400 -14.50 -49.17 -4.96
N MET B 401 -13.45 -49.68 -5.59
CA MET B 401 -12.11 -49.52 -5.11
C MET B 401 -11.57 -48.32 -5.87
N ILE B 402 -11.07 -47.31 -5.16
CA ILE B 402 -10.62 -46.08 -5.81
C ILE B 402 -9.30 -45.58 -5.27
N PRO B 403 -8.22 -45.85 -6.00
CA PRO B 403 -6.91 -45.35 -5.61
C PRO B 403 -6.98 -43.85 -5.58
N CYS B 404 -6.46 -43.22 -4.53
CA CYS B 404 -6.49 -41.77 -4.38
C CYS B 404 -5.12 -41.25 -4.09
N ASP B 405 -4.86 -40.06 -4.61
CA ASP B 405 -3.63 -39.37 -4.33
C ASP B 405 -3.98 -38.17 -3.52
N PHE B 406 -3.48 -38.11 -2.30
CA PHE B 406 -3.69 -36.94 -1.46
C PHE B 406 -2.44 -36.08 -1.54
N LEU B 407 -2.61 -34.80 -1.87
CA LEU B 407 -1.50 -33.87 -1.93
C LEU B 407 -1.71 -32.63 -1.05
N ILE B 408 -0.62 -32.14 -0.46
CA ILE B 408 -0.68 -30.96 0.37
C ILE B 408 0.68 -30.34 0.58
N PRO B 409 0.74 -29.03 0.65
CA PRO B 409 1.96 -28.37 1.06
C PRO B 409 1.96 -28.20 2.55
N VAL B 410 3.13 -28.42 3.12
CA VAL B 410 3.35 -28.21 4.53
C VAL B 410 3.16 -26.75 4.88
N GLN B 411 3.66 -25.86 4.03
CA GLN B 411 3.52 -24.44 4.31
C GLN B 411 2.47 -23.80 3.43
N THR B 412 1.51 -23.14 4.09
CA THR B 412 0.43 -22.46 3.42
C THR B 412 0.88 -21.07 3.02
N GLN B 413 0.20 -20.52 2.05
CA GLN B 413 0.51 -19.19 1.56
C GLN B 413 -0.20 -18.17 2.43
N HIS B 414 -1.14 -18.62 3.24
CA HIS B 414 -1.89 -17.69 4.08
C HIS B 414 -2.05 -18.20 5.52
N PRO B 415 -1.00 -18.08 6.32
CA PRO B 415 -1.02 -18.57 7.69
C PRO B 415 -1.88 -17.76 8.64
N ILE B 416 -3.15 -17.59 8.33
CA ILE B 416 -4.02 -16.82 9.17
C ILE B 416 -4.31 -17.51 10.50
N ARG B 417 -4.87 -16.73 11.41
CA ARG B 417 -5.17 -17.18 12.77
C ARG B 417 -3.97 -17.90 13.29
N LYS B 418 -2.81 -17.34 13.04
CA LYS B 418 -1.59 -17.95 13.52
C LYS B 418 -1.47 -19.43 13.10
N GLY B 419 -1.91 -19.75 11.89
CA GLY B 419 -1.79 -21.11 11.38
C GLY B 419 -2.93 -22.06 11.68
N LEU B 420 -3.97 -21.60 12.38
CA LEU B 420 -5.03 -22.50 12.76
C LEU B 420 -5.73 -23.20 11.57
N HIS B 421 -5.98 -22.46 10.48
CA HIS B 421 -6.67 -23.04 9.33
C HIS B 421 -5.80 -24.13 8.75
N HIS B 422 -4.48 -23.92 8.75
CA HIS B 422 -3.63 -24.89 8.10
C HIS B 422 -3.39 -26.12 8.95
N LYS B 423 -3.33 -25.93 10.25
CA LYS B 423 -3.23 -27.05 11.17
C LYS B 423 -4.42 -28.03 10.96
N ILE B 424 -5.63 -27.48 10.87
CA ILE B 424 -6.83 -28.30 10.69
C ILE B 424 -6.84 -29.03 9.34
N LEU B 425 -6.45 -28.33 8.31
CA LEU B 425 -6.39 -28.88 6.98
C LEU B 425 -5.45 -30.08 6.96
N LEU B 426 -4.27 -29.93 7.55
CA LEU B 426 -3.33 -31.04 7.67
C LEU B 426 -3.90 -32.17 8.50
N ALA B 427 -4.54 -31.82 9.61
CA ALA B 427 -5.08 -32.86 10.46
C ALA B 427 -6.04 -33.74 9.67
N ASN B 428 -6.82 -33.11 8.80
CA ASN B 428 -7.83 -33.83 8.04
C ASN B 428 -7.20 -34.66 6.93
N PHE B 429 -6.22 -34.07 6.27
CA PHE B 429 -5.45 -34.70 5.23
C PHE B 429 -4.91 -36.04 5.78
N LEU B 430 -4.34 -35.97 6.97
CA LEU B 430 -3.70 -37.11 7.60
C LEU B 430 -4.72 -38.12 8.04
N ALA B 431 -5.78 -37.62 8.65
CA ALA B 431 -6.77 -38.52 9.22
C ALA B 431 -7.59 -39.22 8.19
N GLN B 432 -7.90 -38.55 7.09
CA GLN B 432 -8.66 -39.23 6.04
C GLN B 432 -7.92 -40.45 5.51
N THR B 433 -6.63 -40.34 5.19
CA THR B 433 -5.95 -41.55 4.70
C THR B 433 -5.84 -42.60 5.82
N GLU B 434 -5.57 -42.17 7.04
CA GLU B 434 -5.56 -43.12 8.14
C GLU B 434 -6.87 -43.93 8.17
N ALA B 435 -7.99 -43.22 8.09
CA ALA B 435 -9.32 -43.85 8.15
C ALA B 435 -9.66 -44.74 6.98
N LEU B 436 -9.28 -44.35 5.77
CA LEU B 436 -9.51 -45.19 4.61
C LEU B 436 -8.71 -46.48 4.80
N MET B 437 -7.52 -46.34 5.35
CA MET B 437 -6.73 -47.50 5.63
C MET B 437 -7.31 -48.37 6.75
N ARG B 438 -7.59 -47.79 7.91
CA ARG B 438 -8.00 -48.60 9.05
C ARG B 438 -9.43 -49.10 9.05
N GLY B 439 -10.39 -48.24 8.69
CA GLY B 439 -11.79 -48.58 8.82
C GLY B 439 -12.17 -48.57 10.30
N LYS B 440 -13.29 -49.18 10.60
CA LYS B 440 -13.79 -49.26 11.95
C LYS B 440 -14.63 -50.49 11.99
N SER B 441 -14.23 -51.47 12.78
CA SER B 441 -14.95 -52.75 12.83
C SER B 441 -16.27 -52.67 13.58
N THR B 442 -17.07 -53.70 13.37
CA THR B 442 -18.34 -53.84 14.03
C THR B 442 -18.12 -53.72 15.53
N GLU B 443 -17.10 -54.45 15.99
CA GLU B 443 -16.77 -54.45 17.40
C GLU B 443 -16.47 -53.01 17.83
N GLU B 444 -15.66 -52.32 17.07
CA GLU B 444 -15.30 -50.95 17.44
C GLU B 444 -16.49 -50.03 17.45
N ALA B 445 -17.33 -50.15 16.44
CA ALA B 445 -18.52 -49.34 16.33
C ALA B 445 -19.50 -49.62 17.47
N ARG B 446 -19.72 -50.90 17.77
CA ARG B 446 -20.59 -51.28 18.88
C ARG B 446 -20.13 -50.57 20.16
N LYS B 447 -18.85 -50.67 20.46
CA LYS B 447 -18.32 -50.07 21.69
C LYS B 447 -18.62 -48.58 21.73
N GLU B 448 -18.54 -47.91 20.59
CA GLU B 448 -18.83 -46.48 20.51
C GLU B 448 -20.32 -46.22 20.71
N LEU B 449 -21.18 -47.05 20.15
CA LEU B 449 -22.60 -46.82 20.36
C LEU B 449 -23.00 -47.15 21.81
N GLN B 450 -22.46 -48.22 22.37
CA GLN B 450 -22.78 -48.56 23.76
C GLN B 450 -22.34 -47.40 24.66
N ALA B 451 -21.14 -46.89 24.41
CA ALA B 451 -20.62 -45.79 25.22
C ALA B 451 -21.45 -44.52 25.08
N ALA B 452 -22.23 -44.42 24.00
CA ALA B 452 -23.02 -43.23 23.72
C ALA B 452 -24.42 -43.26 24.35
N GLY B 453 -24.77 -44.37 24.99
CA GLY B 453 -26.05 -44.50 25.67
C GLY B 453 -27.22 -44.98 24.83
N LYS B 454 -26.93 -45.57 23.67
CA LYS B 454 -28.00 -46.03 22.79
C LYS B 454 -28.65 -47.29 23.31
N SER B 455 -29.97 -47.37 23.20
CA SER B 455 -30.68 -48.56 23.63
C SER B 455 -30.27 -49.74 22.77
N PRO B 456 -30.51 -50.95 23.26
CA PRO B 456 -30.26 -52.16 22.47
C PRO B 456 -30.96 -52.16 21.11
N GLU B 457 -32.15 -51.58 21.01
CA GLU B 457 -32.85 -51.54 19.73
C GLU B 457 -32.28 -50.45 18.85
N ASP B 458 -31.85 -49.35 19.47
CA ASP B 458 -31.23 -48.25 18.75
C ASP B 458 -29.90 -48.72 18.15
N LEU B 459 -29.11 -49.34 19.01
CA LEU B 459 -27.80 -49.82 18.65
C LEU B 459 -27.85 -50.91 17.61
N GLU B 460 -28.81 -51.82 17.74
CA GLU B 460 -28.91 -52.93 16.80
C GLU B 460 -29.21 -52.44 15.39
N ARG B 461 -30.08 -51.46 15.26
CA ARG B 461 -30.47 -51.01 13.94
C ARG B 461 -29.37 -50.18 13.24
N LEU B 462 -28.63 -49.45 14.03
CA LEU B 462 -27.64 -48.51 13.54
C LEU B 462 -26.26 -49.12 13.27
N LEU B 463 -25.87 -50.05 14.13
CA LEU B 463 -24.55 -50.68 14.10
C LEU B 463 -23.95 -51.03 12.73
N PRO B 464 -24.59 -51.84 11.92
CA PRO B 464 -23.95 -52.23 10.67
C PRO B 464 -23.75 -51.02 9.74
N HIS B 465 -24.60 -50.01 9.81
CA HIS B 465 -24.42 -48.82 8.94
C HIS B 465 -23.17 -48.03 9.29
N LYS B 466 -22.65 -48.29 10.48
CA LYS B 466 -21.54 -47.54 11.03
C LYS B 466 -20.23 -48.27 10.85
N VAL B 467 -20.26 -49.39 10.15
CA VAL B 467 -19.05 -50.16 10.00
C VAL B 467 -18.32 -49.76 8.75
N PHE B 468 -17.02 -49.57 8.88
CA PHE B 468 -16.18 -49.20 7.76
C PHE B 468 -15.20 -50.32 7.52
N GLU B 469 -15.31 -50.96 6.36
CA GLU B 469 -14.43 -52.08 6.00
C GLU B 469 -12.96 -51.70 5.84
N GLY B 470 -12.68 -50.45 5.50
CA GLY B 470 -11.31 -49.98 5.39
C GLY B 470 -10.54 -50.62 4.27
N ASN B 471 -9.22 -50.70 4.43
CA ASN B 471 -8.35 -51.31 3.42
C ASN B 471 -8.44 -50.57 2.08
N ARG B 472 -8.69 -49.26 2.15
CA ARG B 472 -8.81 -48.40 0.97
C ARG B 472 -7.47 -47.70 0.80
N PRO B 473 -6.78 -48.00 -0.29
CA PRO B 473 -5.44 -47.51 -0.50
C PRO B 473 -5.29 -46.10 -1.04
N THR B 474 -4.25 -45.43 -0.55
CA THR B 474 -3.92 -44.08 -0.92
C THR B 474 -2.42 -43.83 -1.03
N ASN B 475 -2.05 -42.76 -1.75
CA ASN B 475 -0.71 -42.23 -1.71
C ASN B 475 -0.84 -40.88 -0.99
N SER B 476 0.15 -40.51 -0.18
CA SER B 476 0.18 -39.15 0.31
C SER B 476 1.38 -38.48 -0.25
N ILE B 477 1.18 -37.34 -0.89
CA ILE B 477 2.24 -36.59 -1.52
C ILE B 477 2.35 -35.26 -0.81
N VAL B 478 3.40 -35.12 0.00
CA VAL B 478 3.56 -33.94 0.82
C VAL B 478 4.82 -33.19 0.43
N PHE B 479 4.69 -31.87 0.25
CA PHE B 479 5.79 -31.03 -0.21
C PHE B 479 5.87 -29.74 0.62
N THR B 480 7.08 -29.19 0.69
CA THR B 480 7.35 -28.11 1.61
C THR B 480 6.45 -26.89 1.43
N LYS B 481 6.35 -26.39 0.21
CA LYS B 481 5.53 -25.23 -0.03
C LYS B 481 5.18 -25.22 -1.51
N LEU B 482 4.00 -24.72 -1.87
CA LEU B 482 3.61 -24.67 -3.27
C LEU B 482 4.10 -23.37 -3.89
N THR B 483 5.38 -23.36 -4.22
CA THR B 483 6.02 -22.27 -4.94
C THR B 483 5.93 -22.61 -6.42
N PRO B 484 6.25 -21.67 -7.30
CA PRO B 484 6.32 -21.97 -8.73
C PRO B 484 7.32 -23.11 -9.02
N PHE B 485 8.44 -23.14 -8.31
CA PHE B 485 9.36 -24.23 -8.53
C PHE B 485 8.71 -25.58 -8.20
N MET B 486 8.15 -25.70 -7.01
CA MET B 486 7.57 -26.98 -6.60
C MET B 486 6.44 -27.41 -7.53
N LEU B 487 5.64 -26.44 -7.98
CA LEU B 487 4.54 -26.74 -8.86
C LEU B 487 5.07 -27.38 -10.16
N GLY B 488 6.14 -26.80 -10.69
CA GLY B 488 6.76 -27.30 -11.90
C GLY B 488 7.18 -28.74 -11.71
N ALA B 489 7.82 -29.02 -10.58
CA ALA B 489 8.24 -30.36 -10.27
C ALA B 489 7.07 -31.32 -10.13
N LEU B 490 5.96 -30.88 -9.56
CA LEU B 490 4.82 -31.77 -9.36
C LEU B 490 4.09 -32.06 -10.67
N VAL B 491 3.97 -31.07 -11.52
CA VAL B 491 3.28 -31.30 -12.79
C VAL B 491 4.14 -32.21 -13.62
N ALA B 492 5.44 -31.93 -13.61
CA ALA B 492 6.37 -32.76 -14.35
C ALA B 492 6.33 -34.20 -13.84
N MET B 493 6.16 -34.37 -12.53
CA MET B 493 6.16 -35.71 -11.92
C MET B 493 5.01 -36.52 -12.44
N TYR B 494 3.83 -35.94 -12.59
CA TYR B 494 2.72 -36.72 -13.14
C TYR B 494 2.82 -36.91 -14.66
N GLU B 495 3.42 -35.95 -15.35
CA GLU B 495 3.66 -36.06 -16.79
C GLU B 495 4.45 -37.35 -17.08
N HIS B 496 5.57 -37.54 -16.37
CA HIS B 496 6.37 -38.75 -16.54
C HIS B 496 5.67 -39.99 -15.99
N LYS B 497 4.82 -39.83 -14.99
CA LYS B 497 4.00 -40.96 -14.56
C LYS B 497 3.17 -41.52 -15.75
N ILE B 498 2.49 -40.62 -16.46
CA ILE B 498 1.65 -40.96 -17.59
C ILE B 498 2.46 -41.62 -18.72
N PHE B 499 3.62 -41.05 -19.01
CA PHE B 499 4.56 -41.62 -19.97
C PHE B 499 4.88 -43.08 -19.67
N VAL B 500 5.25 -43.37 -18.43
CA VAL B 500 5.64 -44.73 -18.05
C VAL B 500 4.50 -45.70 -18.28
N GLN B 501 3.29 -45.33 -17.83
CA GLN B 501 2.13 -46.19 -18.03
C GLN B 501 1.93 -46.42 -19.52
N GLY B 502 2.00 -45.36 -20.31
CA GLY B 502 1.87 -45.48 -21.76
C GLY B 502 2.88 -46.48 -22.33
N ILE B 503 4.12 -46.40 -21.87
CA ILE B 503 5.12 -47.31 -22.37
C ILE B 503 4.78 -48.70 -21.95
N ILE B 504 4.39 -48.87 -20.69
CA ILE B 504 4.13 -50.22 -20.25
C ILE B 504 2.99 -50.86 -21.05
N TRP B 505 1.97 -50.07 -21.37
CA TRP B 505 0.78 -50.56 -22.07
C TRP B 505 1.04 -50.68 -23.59
N ASP B 506 2.19 -50.15 -24.01
CA ASP B 506 2.64 -50.11 -25.39
C ASP B 506 1.72 -49.31 -26.28
N ILE B 507 1.28 -48.15 -25.77
CA ILE B 507 0.43 -47.27 -26.55
C ILE B 507 1.13 -45.94 -26.79
N ASN B 508 0.56 -45.12 -27.64
CA ASN B 508 1.11 -43.82 -27.87
C ASN B 508 0.39 -42.76 -27.00
N SER B 509 1.03 -42.33 -25.92
CA SER B 509 0.46 -41.34 -25.01
C SER B 509 0.46 -39.95 -25.63
N PHE B 510 0.99 -39.80 -26.84
CA PHE B 510 1.21 -38.46 -27.36
C PHE B 510 0.46 -38.09 -28.64
N ASP B 511 -0.36 -39.01 -29.14
CA ASP B 511 -1.28 -38.69 -30.22
C ASP B 511 -2.70 -38.63 -29.60
N GLN B 512 -3.67 -38.12 -30.36
CA GLN B 512 -5.04 -38.01 -29.88
C GLN B 512 -6.03 -38.06 -31.06
N TRP B 513 -6.01 -39.18 -31.78
CA TRP B 513 -6.84 -39.34 -32.96
C TRP B 513 -8.32 -39.35 -32.61
N GLY B 514 -8.60 -39.58 -31.34
CA GLY B 514 -9.95 -39.69 -30.85
C GLY B 514 -10.80 -38.46 -30.97
N VAL B 515 -10.22 -37.30 -31.14
CA VAL B 515 -11.03 -36.10 -31.28
C VAL B 515 -11.64 -35.93 -32.72
N GLU B 516 -10.97 -36.51 -33.72
CA GLU B 516 -11.37 -36.36 -35.13
C GLU B 516 -12.86 -36.65 -35.45
N LEU B 517 -13.34 -37.85 -35.16
CA LEU B 517 -14.70 -38.22 -35.56
C LEU B 517 -15.77 -37.18 -35.24
N GLY B 518 -15.74 -36.67 -34.01
CA GLY B 518 -16.68 -35.65 -33.61
C GLY B 518 -16.53 -34.41 -34.46
N LYS B 519 -15.29 -33.92 -34.61
CA LYS B 519 -14.98 -32.75 -35.42
C LYS B 519 -15.60 -32.90 -36.83
N GLN B 520 -15.32 -34.00 -37.49
CA GLN B 520 -15.92 -34.29 -38.79
C GLN B 520 -17.42 -34.12 -38.74
N LEU B 521 -18.07 -34.86 -37.85
CA LEU B 521 -19.53 -34.87 -37.80
C LEU B 521 -20.14 -33.51 -37.43
N ALA B 522 -19.41 -32.65 -36.74
CA ALA B 522 -19.95 -31.34 -36.39
C ALA B 522 -19.88 -30.42 -37.58
N LYS B 523 -18.83 -30.53 -38.37
CA LYS B 523 -18.74 -29.77 -39.61
C LYS B 523 -19.98 -30.14 -40.48
N LYS B 524 -20.35 -31.42 -40.53
CA LYS B 524 -21.51 -31.79 -41.33
C LYS B 524 -22.77 -31.10 -40.80
N ILE B 525 -22.91 -31.10 -39.47
CA ILE B 525 -24.15 -30.66 -38.86
C ILE B 525 -24.36 -29.17 -38.87
N GLU B 526 -23.29 -28.41 -38.74
CA GLU B 526 -23.43 -26.96 -38.73
C GLU B 526 -24.48 -26.44 -39.71
N PRO B 527 -24.23 -26.59 -41.02
CA PRO B 527 -25.14 -26.01 -42.00
C PRO B 527 -26.58 -26.47 -41.85
N GLU B 528 -26.80 -27.71 -41.43
CA GLU B 528 -28.18 -28.22 -41.33
C GLU B 528 -28.99 -27.56 -40.21
N LEU B 529 -28.32 -26.84 -39.31
CA LEU B 529 -29.04 -26.14 -38.23
C LEU B 529 -29.70 -24.86 -38.72
N ASP B 530 -29.19 -24.28 -39.78
CA ASP B 530 -29.80 -23.10 -40.35
C ASP B 530 -31.16 -23.40 -40.95
N GLY B 531 -32.08 -22.45 -40.83
CA GLY B 531 -33.39 -22.55 -41.44
C GLY B 531 -34.24 -23.50 -40.65
N SER B 532 -35.50 -23.68 -41.08
CA SER B 532 -36.46 -24.49 -40.31
C SER B 532 -36.89 -25.80 -40.97
N ALA B 533 -36.16 -26.27 -41.95
CA ALA B 533 -36.55 -27.54 -42.59
C ALA B 533 -36.16 -28.71 -41.70
N GLN B 534 -36.96 -29.78 -41.75
CA GLN B 534 -36.64 -30.99 -40.98
C GLN B 534 -35.43 -31.66 -41.58
N VAL B 535 -34.66 -32.32 -40.74
CA VAL B 535 -33.50 -33.04 -41.20
C VAL B 535 -33.81 -34.52 -41.03
N THR B 536 -33.34 -35.30 -42.00
CA THR B 536 -33.61 -36.73 -42.05
C THR B 536 -32.38 -37.44 -42.54
N SER B 537 -31.26 -36.73 -42.65
CA SER B 537 -30.07 -37.29 -43.26
C SER B 537 -29.23 -38.14 -42.32
N HIS B 538 -29.48 -38.05 -41.03
CA HIS B 538 -28.71 -38.82 -40.06
C HIS B 538 -29.60 -39.89 -39.50
N ASP B 539 -29.09 -40.58 -38.46
CA ASP B 539 -29.83 -41.61 -37.71
C ASP B 539 -30.98 -40.94 -37.01
N ALA B 540 -31.97 -41.71 -36.59
CA ALA B 540 -33.23 -41.13 -36.09
C ALA B 540 -33.05 -40.21 -34.89
N SER B 541 -32.16 -40.59 -33.96
CA SER B 541 -31.91 -39.78 -32.77
C SER B 541 -31.29 -38.44 -33.13
N THR B 542 -30.23 -38.47 -33.93
CA THR B 542 -29.60 -37.25 -34.37
C THR B 542 -30.63 -36.37 -35.07
N ASN B 543 -31.52 -36.99 -35.84
CA ASN B 543 -32.57 -36.28 -36.56
C ASN B 543 -33.56 -35.64 -35.59
N GLY B 544 -34.15 -36.45 -34.72
CA GLY B 544 -35.14 -35.98 -33.77
C GLY B 544 -34.64 -34.84 -32.90
N LEU B 545 -33.37 -34.89 -32.54
CA LEU B 545 -32.81 -33.88 -31.72
C LEU B 545 -32.74 -32.58 -32.48
N ILE B 546 -32.27 -32.66 -33.72
CA ILE B 546 -32.13 -31.46 -34.54
C ILE B 546 -33.48 -30.87 -34.74
N ASN B 547 -34.45 -31.72 -35.00
CA ASN B 547 -35.76 -31.20 -35.30
C ASN B 547 -36.38 -30.56 -34.06
N PHE B 548 -36.19 -31.18 -32.90
CA PHE B 548 -36.66 -30.62 -31.65
C PHE B 548 -36.04 -29.27 -31.40
N ILE B 549 -34.73 -29.17 -31.60
CA ILE B 549 -34.04 -27.89 -31.47
C ILE B 549 -34.66 -26.84 -32.42
N LYS B 550 -35.09 -27.29 -33.59
CA LYS B 550 -35.66 -26.36 -34.58
C LYS B 550 -37.04 -25.93 -34.16
N GLN B 551 -37.81 -26.87 -33.64
CA GLN B 551 -39.12 -26.53 -33.15
C GLN B 551 -39.00 -25.46 -32.06
N GLN B 552 -38.06 -25.66 -31.14
CA GLN B 552 -38.03 -24.90 -29.90
C GLN B 552 -37.28 -23.60 -29.94
N ARG B 553 -36.50 -23.38 -30.99
CA ARG B 553 -35.73 -22.16 -30.99
C ARG B 553 -36.63 -20.98 -31.15
N GLU B 554 -37.85 -21.24 -31.58
CA GLU B 554 -38.83 -20.20 -31.75
C GLU B 554 -39.90 -20.15 -30.67
N ALA B 555 -39.74 -20.91 -29.60
CA ALA B 555 -40.72 -20.83 -28.52
C ALA B 555 -40.39 -19.63 -27.64
N ARG B 556 -41.42 -18.94 -27.17
CA ARG B 556 -41.22 -17.85 -26.25
C ARG B 556 -41.57 -18.44 -24.90
N VAL B 557 -40.59 -18.50 -24.02
CA VAL B 557 -40.83 -19.01 -22.68
C VAL B 557 -41.14 -17.83 -21.77
N MET C 1 2.28 2.58 24.33
CA MET C 1 1.32 3.09 23.30
C MET C 1 0.38 4.16 23.86
N ALA C 2 0.16 5.20 23.07
CA ALA C 2 -0.75 6.28 23.41
C ALA C 2 -2.02 6.36 22.55
N ALA C 3 -2.92 7.22 22.97
CA ALA C 3 -4.20 7.39 22.32
C ALA C 3 -4.08 7.48 20.81
N LEU C 4 -3.19 8.32 20.33
CA LEU C 4 -3.10 8.47 18.90
C LEU C 4 -2.78 7.14 18.24
N THR C 5 -1.77 6.44 18.73
CA THR C 5 -1.38 5.20 18.08
C THR C 5 -2.43 4.12 18.27
N ARG C 6 -3.22 4.24 19.35
CA ARG C 6 -4.27 3.26 19.64
C ARG C 6 -5.55 3.63 18.90
N ASP C 7 -5.47 4.56 17.96
CA ASP C 7 -6.69 4.98 17.30
C ASP C 7 -6.86 4.30 15.95
N PRO C 8 -8.02 3.69 15.77
CA PRO C 8 -8.32 2.91 14.57
C PRO C 8 -8.17 3.73 13.31
N GLN C 9 -8.74 4.93 13.32
CA GLN C 9 -8.63 5.80 12.17
C GLN C 9 -7.15 6.06 11.92
N PHE C 10 -6.41 6.36 12.99
CA PHE C 10 -4.98 6.60 12.82
C PHE C 10 -4.32 5.37 12.18
N GLN C 11 -4.65 4.18 12.68
CA GLN C 11 -4.15 2.92 12.13
C GLN C 11 -4.49 2.75 10.65
N LYS C 12 -5.74 3.00 10.27
CA LYS C 12 -6.08 2.82 8.86
C LYS C 12 -5.33 3.87 8.02
N LEU C 13 -5.10 5.05 8.59
CA LEU C 13 -4.27 6.06 7.94
C LEU C 13 -2.89 5.51 7.68
N GLN C 14 -2.28 4.97 8.73
CA GLN C 14 -0.95 4.38 8.61
C GLN C 14 -1.01 3.31 7.54
N GLN C 15 -2.00 2.43 7.64
CA GLN C 15 -2.14 1.30 6.70
C GLN C 15 -2.19 1.80 5.29
N TRP C 16 -3.16 2.67 5.00
CA TRP C 16 -3.31 3.25 3.68
C TRP C 16 -1.98 3.77 3.16
N TYR C 17 -1.31 4.57 4.00
CA TYR C 17 -0.05 5.17 3.64
C TYR C 17 1.00 4.16 3.19
N ARG C 18 1.17 3.08 3.94
CA ARG C 18 2.13 2.05 3.54
C ARG C 18 1.73 1.41 2.22
N GLU C 19 0.43 1.19 2.05
CA GLU C 19 -0.08 0.55 0.84
C GLU C 19 -0.19 1.46 -0.39
N HIS C 20 -0.24 2.78 -0.21
CA HIS C 20 -0.56 3.63 -1.35
C HIS C 20 0.33 4.84 -1.62
N ARG C 21 1.23 5.18 -0.71
CA ARG C 21 2.00 6.40 -0.85
C ARG C 21 2.65 6.60 -2.22
N SER C 22 2.70 5.55 -3.02
CA SER C 22 3.30 5.65 -4.35
C SER C 22 2.39 6.33 -5.41
N GLU C 23 1.08 6.27 -5.23
CA GLU C 23 0.18 6.92 -6.21
C GLU C 23 0.05 8.44 -5.92
N LEU C 24 0.72 8.91 -4.88
CA LEU C 24 0.75 10.32 -4.52
C LEU C 24 1.83 11.11 -5.25
N ASN C 25 1.61 11.39 -6.53
CA ASN C 25 2.51 12.24 -7.31
C ASN C 25 1.71 13.43 -7.81
N LEU C 26 2.07 14.62 -7.37
CA LEU C 26 1.31 15.83 -7.69
C LEU C 26 1.15 16.09 -9.17
N ARG C 27 2.22 15.89 -9.93
CA ARG C 27 2.15 16.13 -11.36
C ARG C 27 1.08 15.24 -11.95
N ARG C 28 1.11 13.97 -11.55
CA ARG C 28 0.10 13.03 -12.01
C ARG C 28 -1.28 13.51 -11.58
N LEU C 29 -1.47 13.65 -10.27
CA LEU C 29 -2.77 14.03 -9.73
C LEU C 29 -3.44 15.23 -10.39
N PHE C 30 -2.67 16.22 -10.82
CA PHE C 30 -3.25 17.39 -11.47
C PHE C 30 -3.58 17.10 -12.92
N ASP C 31 -2.88 16.13 -13.49
CA ASP C 31 -3.12 15.70 -14.86
C ASP C 31 -4.37 14.81 -14.93
N ALA C 32 -4.72 14.15 -13.84
CA ALA C 32 -5.86 13.25 -13.81
C ALA C 32 -7.18 13.93 -13.41
N ASN C 33 -7.10 14.96 -12.56
CA ASN C 33 -8.30 15.64 -12.09
C ASN C 33 -8.18 17.14 -12.31
N LYS C 34 -8.82 17.61 -13.37
CA LYS C 34 -8.72 19.00 -13.79
C LYS C 34 -9.31 20.02 -12.82
N ASP C 35 -10.07 19.53 -11.83
CA ASP C 35 -10.65 20.42 -10.83
C ASP C 35 -10.20 20.04 -9.41
N ARG C 36 -8.96 19.58 -9.30
CA ARG C 36 -8.34 19.32 -8.01
C ARG C 36 -8.40 20.57 -7.11
N PHE C 37 -8.10 21.73 -7.68
CA PHE C 37 -8.17 22.96 -6.94
C PHE C 37 -9.52 23.22 -6.29
N ASN C 38 -10.62 23.07 -7.05
CA ASN C 38 -11.94 23.35 -6.50
C ASN C 38 -12.31 22.34 -5.41
N HIS C 39 -11.66 21.19 -5.40
CA HIS C 39 -12.01 20.17 -4.42
C HIS C 39 -11.14 20.23 -3.20
N PHE C 40 -10.00 20.91 -3.34
CA PHE C 40 -9.02 20.98 -2.28
C PHE C 40 -8.68 22.44 -1.98
N SER C 41 -9.71 23.24 -1.71
CA SER C 41 -9.50 24.63 -1.37
C SER C 41 -10.69 25.18 -0.64
N LEU C 42 -10.44 26.17 0.20
CA LEU C 42 -11.50 26.81 0.93
C LEU C 42 -11.43 28.22 0.54
N THR C 43 -12.58 28.84 0.36
CA THR C 43 -12.57 30.27 0.16
C THR C 43 -13.51 30.85 1.18
N LEU C 44 -12.95 31.69 2.03
CA LEU C 44 -13.70 32.27 3.12
C LEU C 44 -13.95 33.75 2.85
N ASN C 45 -15.19 34.20 2.98
CA ASN C 45 -15.50 35.62 2.92
C ASN C 45 -15.76 36.02 4.35
N THR C 46 -15.08 37.06 4.82
CA THR C 46 -15.19 37.51 6.20
C THR C 46 -16.01 38.76 6.28
N ASN C 47 -16.35 39.32 5.11
CA ASN C 47 -17.07 40.57 5.03
C ASN C 47 -16.09 41.75 5.18
N HIS C 48 -14.80 41.43 5.32
CA HIS C 48 -13.71 42.42 5.43
C HIS C 48 -12.48 41.94 4.66
N GLY C 49 -12.71 41.12 3.63
CA GLY C 49 -11.67 40.53 2.84
C GLY C 49 -11.89 39.04 2.71
N HIS C 50 -11.30 38.45 1.68
CA HIS C 50 -11.43 37.02 1.47
C HIS C 50 -10.14 36.29 1.84
N ILE C 51 -10.27 35.04 2.25
CA ILE C 51 -9.09 34.22 2.49
C ILE C 51 -9.15 32.97 1.64
N LEU C 52 -8.24 32.80 0.70
CA LEU C 52 -8.21 31.53 -0.04
C LEU C 52 -7.21 30.55 0.63
N VAL C 53 -7.67 29.39 1.07
CA VAL C 53 -6.75 28.40 1.57
C VAL C 53 -6.67 27.25 0.60
N ASP C 54 -5.67 27.28 -0.25
CA ASP C 54 -5.53 26.30 -1.29
C ASP C 54 -4.55 25.24 -0.84
N TYR C 55 -5.09 24.16 -0.32
CA TYR C 55 -4.26 23.04 0.06
C TYR C 55 -4.28 22.02 -1.04
N SER C 56 -4.33 22.45 -2.29
CA SER C 56 -4.45 21.48 -3.39
C SER C 56 -3.12 20.86 -3.78
N LYS C 57 -2.05 21.63 -3.71
CA LYS C 57 -0.74 21.07 -4.04
C LYS C 57 -0.18 20.27 -2.86
N ASN C 58 -1.02 19.44 -2.23
CA ASN C 58 -0.57 18.59 -1.14
C ASN C 58 -0.70 17.11 -1.49
N LEU C 59 0.19 16.28 -0.96
CA LEU C 59 0.14 14.85 -1.29
C LEU C 59 -1.08 14.17 -0.69
N VAL C 60 -2.25 14.57 -1.17
CA VAL C 60 -3.49 13.95 -0.73
C VAL C 60 -4.50 13.68 -1.84
N THR C 61 -5.46 12.83 -1.51
CA THR C 61 -6.56 12.46 -2.38
C THR C 61 -7.79 12.57 -1.52
N GLU C 62 -8.93 12.58 -2.18
CA GLU C 62 -10.21 12.63 -1.49
C GLU C 62 -10.25 11.59 -0.36
N ASP C 63 -9.68 10.42 -0.59
CA ASP C 63 -9.72 9.39 0.44
C ASP C 63 -8.87 9.72 1.64
N VAL C 64 -7.70 10.32 1.41
CA VAL C 64 -6.85 10.72 2.51
C VAL C 64 -7.57 11.75 3.37
N MET C 65 -8.17 12.75 2.72
CA MET C 65 -8.83 13.79 3.47
C MET C 65 -9.95 13.24 4.31
N ARG C 66 -10.66 12.28 3.73
CA ARG C 66 -11.80 11.71 4.45
C ARG C 66 -11.28 10.97 5.68
N MET C 67 -10.19 10.23 5.52
CA MET C 67 -9.62 9.50 6.66
C MET C 67 -9.07 10.47 7.70
N LEU C 68 -8.48 11.56 7.23
CA LEU C 68 -7.98 12.58 8.14
C LEU C 68 -9.13 13.20 8.91
N VAL C 69 -10.28 13.36 8.27
CA VAL C 69 -11.46 13.89 8.96
C VAL C 69 -12.04 12.89 9.98
N ASP C 70 -12.05 11.60 9.66
CA ASP C 70 -12.53 10.60 10.62
C ASP C 70 -11.63 10.59 11.88
N LEU C 71 -10.33 10.70 11.67
CA LEU C 71 -9.39 10.82 12.78
C LEU C 71 -9.75 11.95 13.77
N ALA C 72 -10.04 13.13 13.23
CA ALA C 72 -10.33 14.25 14.11
C ALA C 72 -11.60 13.98 14.85
N LYS C 73 -12.52 13.27 14.19
CA LYS C 73 -13.76 12.90 14.85
C LYS C 73 -13.47 11.87 15.93
N SER C 74 -12.70 10.85 15.61
CA SER C 74 -12.40 9.82 16.61
C SER C 74 -11.54 10.36 17.76
N ARG C 75 -10.64 11.32 17.45
CA ARG C 75 -9.84 11.93 18.50
C ARG C 75 -10.66 12.92 19.33
N GLY C 76 -11.94 13.09 19.02
CA GLY C 76 -12.80 13.99 19.80
C GLY C 76 -12.51 15.49 19.68
N VAL C 77 -12.01 15.93 18.54
CA VAL C 77 -11.73 17.36 18.34
C VAL C 77 -12.86 18.36 18.67
N GLU C 78 -14.09 18.05 18.23
CA GLU C 78 -15.20 18.96 18.41
C GLU C 78 -15.59 19.15 19.87
N ALA C 79 -15.60 18.06 20.62
CA ALA C 79 -15.88 18.14 22.03
C ALA C 79 -14.79 18.91 22.78
N ALA C 80 -13.53 18.70 22.37
CA ALA C 80 -12.44 19.43 23.01
C ALA C 80 -12.59 20.91 22.74
N ARG C 81 -12.84 21.25 21.49
CA ARG C 81 -13.14 22.63 21.14
C ARG C 81 -14.22 23.20 22.08
N GLU C 82 -15.30 22.45 22.29
CA GLU C 82 -16.42 22.98 23.02
C GLU C 82 -16.03 23.24 24.45
N ARG C 83 -15.20 22.36 24.99
CA ARG C 83 -14.74 22.48 26.35
C ARG C 83 -13.93 23.78 26.49
N MET C 84 -13.09 24.09 25.51
CA MET C 84 -12.31 25.33 25.54
C MET C 84 -13.22 26.54 25.49
N PHE C 85 -14.04 26.62 24.47
CA PHE C 85 -14.96 27.75 24.38
C PHE C 85 -15.87 27.85 25.58
N ASN C 86 -16.18 26.74 26.23
CA ASN C 86 -17.09 26.82 27.37
C ASN C 86 -16.41 27.18 28.70
N GLY C 87 -15.07 27.24 28.70
CA GLY C 87 -14.34 27.64 29.88
C GLY C 87 -13.96 26.51 30.82
N GLU C 88 -13.97 25.28 30.33
CA GLU C 88 -13.54 24.15 31.14
C GLU C 88 -12.02 24.13 31.23
N LYS C 89 -11.49 23.57 32.30
CA LYS C 89 -10.05 23.60 32.54
C LYS C 89 -9.30 22.59 31.71
N ILE C 90 -9.22 22.77 30.41
CA ILE C 90 -8.49 21.81 29.57
C ILE C 90 -6.97 21.93 29.73
N ASN C 91 -6.49 22.99 30.36
CA ASN C 91 -5.08 23.05 30.65
C ASN C 91 -5.05 22.20 31.91
N TYR C 92 -5.07 20.89 31.71
CA TYR C 92 -5.28 19.98 32.82
C TYR C 92 -4.10 19.82 33.75
N THR C 93 -2.87 20.06 33.29
CA THR C 93 -1.74 19.98 34.21
C THR C 93 -1.72 21.13 35.19
N GLU C 94 -2.08 22.33 34.73
CA GLU C 94 -2.08 23.49 35.63
C GLU C 94 -3.45 23.74 36.26
N GLY C 95 -4.49 23.09 35.75
CA GLY C 95 -5.82 23.27 36.31
C GLY C 95 -6.39 24.61 35.91
N ARG C 96 -6.19 24.95 34.64
CA ARG C 96 -6.62 26.23 34.18
C ARG C 96 -7.51 26.11 32.99
N ALA C 97 -8.35 27.12 32.89
CA ALA C 97 -9.14 27.36 31.72
C ALA C 97 -8.19 27.90 30.65
N VAL C 98 -8.64 27.90 29.41
CA VAL C 98 -7.86 28.39 28.29
C VAL C 98 -8.82 29.24 27.47
N LEU C 99 -8.78 30.54 27.72
CA LEU C 99 -9.76 31.46 27.18
C LEU C 99 -9.24 32.66 26.41
N HIS C 100 -8.34 32.41 25.48
CA HIS C 100 -7.88 33.51 24.69
C HIS C 100 -9.02 33.97 23.79
N VAL C 101 -9.98 33.09 23.51
CA VAL C 101 -11.11 33.41 22.65
C VAL C 101 -12.07 34.33 23.39
N ALA C 102 -12.08 34.27 24.72
CA ALA C 102 -12.88 35.22 25.45
C ALA C 102 -12.33 36.65 25.24
N LEU C 103 -11.00 36.80 25.26
CA LEU C 103 -10.35 38.10 25.05
C LEU C 103 -10.85 38.83 23.82
N ARG C 104 -11.21 38.09 22.79
CA ARG C 104 -11.70 38.72 21.59
C ARG C 104 -13.20 38.42 21.37
N ASN C 105 -13.92 38.12 22.46
CA ASN C 105 -15.35 37.76 22.35
C ASN C 105 -16.19 39.01 22.08
N ARG C 106 -16.15 39.50 20.84
CA ARG C 106 -16.82 40.75 20.50
C ARG C 106 -18.33 40.72 20.74
N SER C 107 -18.94 39.52 20.65
CA SER C 107 -20.38 39.32 20.86
C SER C 107 -20.78 39.43 22.33
N ASN C 108 -19.79 39.33 23.21
CA ASN C 108 -20.03 39.41 24.65
C ASN C 108 -20.95 38.29 25.20
N THR C 109 -21.10 37.22 24.43
CA THR C 109 -21.80 36.07 24.92
C THR C 109 -21.09 35.58 26.17
N PRO C 110 -21.79 35.40 27.28
CA PRO C 110 -21.11 35.08 28.54
C PRO C 110 -20.33 33.80 28.44
N ILE C 111 -19.13 33.84 29.00
CA ILE C 111 -18.24 32.70 29.06
C ILE C 111 -17.92 32.59 30.53
N LEU C 112 -18.16 31.42 31.10
CA LEU C 112 -18.04 31.23 32.53
C LEU C 112 -16.90 30.31 32.95
N VAL C 113 -16.12 30.76 33.92
CA VAL C 113 -15.15 29.88 34.57
C VAL C 113 -15.50 29.96 36.03
N ASP C 114 -15.78 28.81 36.62
CA ASP C 114 -16.20 28.75 38.02
C ASP C 114 -17.48 29.51 38.22
N GLY C 115 -18.46 29.28 37.34
CA GLY C 115 -19.76 29.92 37.44
C GLY C 115 -19.77 31.43 37.33
N LYS C 116 -18.74 31.98 36.68
CA LYS C 116 -18.64 33.43 36.57
C LYS C 116 -18.27 33.89 35.16
N ASP C 117 -18.99 34.91 34.68
CA ASP C 117 -18.74 35.45 33.35
C ASP C 117 -17.48 36.28 33.43
N VAL C 118 -16.53 35.99 32.55
CA VAL C 118 -15.25 36.68 32.54
C VAL C 118 -15.35 37.95 31.69
N MET C 119 -16.39 38.03 30.88
CA MET C 119 -16.52 39.14 29.93
C MET C 119 -16.45 40.53 30.53
N PRO C 120 -17.13 40.80 31.63
CA PRO C 120 -17.07 42.15 32.18
C PRO C 120 -15.66 42.54 32.51
N GLU C 121 -14.94 41.69 33.25
CA GLU C 121 -13.55 41.99 33.57
C GLU C 121 -12.72 42.16 32.30
N VAL C 122 -12.98 41.33 31.30
CA VAL C 122 -12.30 41.48 30.03
C VAL C 122 -12.57 42.85 29.47
N ASN C 123 -13.84 43.23 29.49
CA ASN C 123 -14.27 44.51 28.94
C ASN C 123 -13.83 45.67 29.82
N LYS C 124 -13.81 45.48 31.15
CA LYS C 124 -13.34 46.55 32.02
C LYS C 124 -11.92 46.95 31.57
N VAL C 125 -11.05 45.97 31.37
CA VAL C 125 -9.69 46.21 30.92
C VAL C 125 -9.63 46.84 29.53
N LEU C 126 -10.42 46.30 28.61
CA LEU C 126 -10.44 46.86 27.25
C LEU C 126 -10.82 48.32 27.37
N ASP C 127 -11.79 48.64 28.22
CA ASP C 127 -12.16 50.04 28.42
C ASP C 127 -10.98 50.85 29.00
N LYS C 128 -10.29 50.29 29.99
CA LYS C 128 -9.13 51.00 30.54
C LYS C 128 -8.06 51.22 29.45
N MET C 129 -7.84 50.22 28.61
CA MET C 129 -6.84 50.33 27.54
C MET C 129 -7.25 51.41 26.57
N LYS C 130 -8.51 51.37 26.14
CA LYS C 130 -9.01 52.37 25.19
C LYS C 130 -8.84 53.79 25.70
N SER C 131 -9.12 54.02 26.97
CA SER C 131 -8.99 55.35 27.55
C SER C 131 -7.53 55.79 27.58
N PHE C 132 -6.67 54.91 28.09
CA PHE C 132 -5.24 55.17 28.19
C PHE C 132 -4.67 55.49 26.82
N CYS C 133 -5.05 54.69 25.82
CA CYS C 133 -4.53 54.92 24.47
C CYS C 133 -4.94 56.29 23.94
N GLN C 134 -6.19 56.69 24.19
CA GLN C 134 -6.69 57.99 23.80
C GLN C 134 -5.83 59.09 24.42
N ARG C 135 -5.62 58.99 25.72
CA ARG C 135 -4.86 60.03 26.41
C ARG C 135 -3.37 60.11 25.93
N VAL C 136 -2.74 58.98 25.67
CA VAL C 136 -1.35 58.98 25.29
C VAL C 136 -1.20 59.41 23.84
N ARG C 137 -2.05 58.84 22.99
CA ARG C 137 -1.96 59.16 21.58
C ARG C 137 -2.24 60.62 21.32
N SER C 138 -3.12 61.24 22.11
CA SER C 138 -3.55 62.63 21.88
C SER C 138 -2.62 63.67 22.46
N GLY C 139 -1.93 63.32 23.52
CA GLY C 139 -1.04 64.27 24.17
C GLY C 139 -1.59 64.70 25.50
N ASP C 140 -2.76 64.20 25.88
CA ASP C 140 -3.31 64.52 27.20
C ASP C 140 -2.35 64.03 28.28
N TRP C 141 -1.89 62.78 28.13
CA TRP C 141 -0.97 62.14 29.08
C TRP C 141 0.40 62.79 28.96
N LYS C 142 0.89 63.43 30.00
CA LYS C 142 2.14 64.17 29.93
C LYS C 142 3.31 63.53 30.65
N GLY C 143 4.52 63.82 30.20
CA GLY C 143 5.72 63.36 30.90
C GLY C 143 5.98 64.22 32.12
N TYR C 144 6.96 63.84 32.94
CA TYR C 144 7.26 64.59 34.17
C TYR C 144 7.71 66.06 33.95
N THR C 145 8.05 66.43 32.72
CA THR C 145 8.42 67.80 32.37
C THR C 145 7.37 68.43 31.46
N GLY C 146 6.23 67.74 31.34
CA GLY C 146 5.10 68.27 30.62
C GLY C 146 5.05 68.05 29.13
N LYS C 147 5.91 67.19 28.60
CA LYS C 147 5.91 66.93 27.17
C LYS C 147 5.03 65.72 26.82
N THR C 148 4.59 65.62 25.59
CA THR C 148 3.82 64.46 25.15
C THR C 148 4.73 63.21 24.99
N ILE C 149 4.13 62.04 24.92
CA ILE C 149 4.87 60.79 24.76
C ILE C 149 5.16 60.50 23.27
N THR C 150 6.44 60.33 22.92
CA THR C 150 6.78 60.01 21.55
C THR C 150 7.21 58.55 21.40
N ASP C 151 7.68 57.96 22.48
CA ASP C 151 8.20 56.62 22.43
C ASP C 151 7.61 55.75 23.49
N VAL C 152 7.18 54.57 23.04
CA VAL C 152 6.66 53.55 23.92
C VAL C 152 7.58 52.35 23.87
N ILE C 153 8.02 51.92 25.04
CA ILE C 153 8.95 50.80 25.18
C ILE C 153 8.33 49.65 25.95
N ASN C 154 8.11 48.55 25.25
CA ASN C 154 7.62 47.32 25.88
C ASN C 154 8.81 46.52 26.37
N ILE C 155 8.76 46.09 27.61
CA ILE C 155 9.79 45.25 28.16
C ILE C 155 9.13 43.97 28.58
N GLY C 156 9.48 42.90 27.90
CA GLY C 156 8.88 41.60 28.15
C GLY C 156 9.62 40.59 27.29
N ILE C 157 9.38 39.31 27.52
CA ILE C 157 10.08 38.33 26.71
C ILE C 157 9.12 37.22 26.36
N GLY C 158 9.34 36.57 25.25
CA GLY C 158 8.49 35.46 24.83
C GLY C 158 7.09 35.91 24.57
N GLY C 159 6.15 35.33 25.29
CA GLY C 159 4.76 35.65 25.16
C GLY C 159 4.42 37.08 25.47
N SER C 160 5.29 37.74 26.23
CA SER C 160 5.02 39.13 26.58
C SER C 160 5.77 40.08 25.64
N ASP C 161 6.36 39.52 24.60
CA ASP C 161 7.19 40.29 23.68
C ASP C 161 6.80 40.17 22.21
N LEU C 162 6.76 38.92 21.74
CA LEU C 162 6.71 38.53 20.32
C LEU C 162 5.45 38.84 19.54
N GLY C 163 4.32 38.49 20.10
CA GLY C 163 3.06 38.87 19.49
C GLY C 163 2.96 40.37 19.31
N PRO C 164 3.06 41.14 20.36
CA PRO C 164 3.00 42.59 20.19
C PRO C 164 4.06 43.11 19.21
N LEU C 165 5.25 42.54 19.20
CA LEU C 165 6.24 42.96 18.19
C LEU C 165 5.82 42.59 16.75
N MET C 166 5.40 41.36 16.55
CA MET C 166 5.04 40.91 15.23
C MET C 166 3.87 41.73 14.67
N VAL C 167 2.83 41.97 15.48
CA VAL C 167 1.65 42.72 15.06
C VAL C 167 1.98 44.17 14.72
N THR C 168 2.71 44.87 15.58
CA THR C 168 3.13 46.24 15.22
C THR C 168 3.98 46.28 13.95
N GLU C 169 4.86 45.30 13.77
CA GLU C 169 5.63 45.30 12.54
C GLU C 169 4.68 45.13 11.38
N ALA C 170 3.78 44.17 11.49
CA ALA C 170 2.85 43.91 10.41
C ALA C 170 1.84 45.03 10.16
N LEU C 171 1.53 45.89 11.13
CA LEU C 171 0.49 46.92 10.96
C LEU C 171 1.06 48.33 11.02
N LYS C 172 2.33 48.44 10.62
CA LYS C 172 3.10 49.69 10.65
C LYS C 172 2.43 50.79 9.82
N PRO C 173 1.84 50.44 8.68
CA PRO C 173 1.10 51.44 7.91
C PRO C 173 -0.09 52.00 8.68
N TYR C 174 -0.56 51.37 9.77
CA TYR C 174 -1.71 51.90 10.49
C TYR C 174 -1.29 52.70 11.69
N SER C 175 -0.01 53.05 11.75
CA SER C 175 0.47 53.78 12.93
C SER C 175 0.65 55.31 12.78
N SER C 176 0.11 55.92 11.74
CA SER C 176 0.18 57.37 11.65
C SER C 176 -0.37 57.97 12.93
N GLY C 177 0.31 58.99 13.43
CA GLY C 177 -0.11 59.59 14.68
C GLY C 177 0.18 58.72 15.88
N GLY C 178 0.97 57.66 15.66
CA GLY C 178 1.30 56.78 16.74
C GLY C 178 2.66 57.17 17.29
N PRO C 179 2.87 56.98 18.57
CA PRO C 179 4.23 57.10 19.12
C PRO C 179 5.04 55.88 18.64
N ARG C 180 6.35 56.03 18.46
CA ARG C 180 7.15 54.90 18.06
C ARG C 180 7.10 53.84 19.16
N VAL C 181 7.30 52.58 18.75
CA VAL C 181 7.37 51.44 19.67
C VAL C 181 8.70 50.73 19.53
N TRP C 182 9.20 50.27 20.66
CA TRP C 182 10.43 49.51 20.73
C TRP C 182 10.16 48.29 21.59
N TYR C 183 10.80 47.19 21.24
CA TYR C 183 10.64 45.99 22.01
C TYR C 183 11.96 45.55 22.60
N VAL C 184 12.07 45.64 23.92
CA VAL C 184 13.22 45.15 24.66
C VAL C 184 12.81 43.81 25.31
N SER C 185 13.63 42.76 25.13
CA SER C 185 13.28 41.46 25.65
C SER C 185 14.48 40.66 26.21
N ASN C 186 15.57 40.58 25.45
CA ASN C 186 16.72 39.83 25.88
C ASN C 186 17.33 40.39 27.15
N ILE C 187 17.90 39.51 27.99
CA ILE C 187 18.49 39.96 29.23
C ILE C 187 19.78 40.60 28.84
N ASP C 188 20.30 40.15 27.71
CA ASP C 188 21.49 40.72 27.13
C ASP C 188 21.46 42.25 27.12
N GLY C 189 22.35 42.86 27.88
CA GLY C 189 22.42 44.29 28.08
C GLY C 189 22.41 45.09 26.81
N THR C 190 23.07 44.58 25.80
CA THR C 190 23.00 45.24 24.54
C THR C 190 21.57 45.72 24.26
N HIS C 191 20.58 44.88 24.55
CA HIS C 191 19.20 45.21 24.14
C HIS C 191 18.57 46.42 24.77
N ILE C 192 18.61 46.52 26.09
CA ILE C 192 18.09 47.70 26.76
C ILE C 192 19.04 48.88 26.48
N ALA C 193 20.34 48.65 26.52
CA ALA C 193 21.27 49.76 26.35
C ALA C 193 21.16 50.51 25.01
N LYS C 194 21.16 49.76 23.91
CA LYS C 194 21.13 50.40 22.61
C LYS C 194 19.77 51.05 22.40
N THR C 195 18.74 50.56 23.09
CA THR C 195 17.42 51.16 23.05
C THR C 195 17.37 52.49 23.81
N LEU C 196 17.81 52.46 25.05
CA LEU C 196 17.82 53.69 25.86
C LEU C 196 18.69 54.77 25.23
N ALA C 197 19.76 54.42 24.54
CA ALA C 197 20.64 55.41 23.92
C ALA C 197 19.93 56.29 22.88
N GLN C 198 18.81 55.82 22.36
CA GLN C 198 18.08 56.55 21.34
C GLN C 198 16.83 57.25 21.88
N LEU C 199 16.70 57.33 23.20
CA LEU C 199 15.46 57.83 23.81
C LEU C 199 15.66 58.95 24.82
N ASN C 200 14.65 59.81 24.92
CA ASN C 200 14.65 60.84 25.95
C ASN C 200 13.67 60.37 27.04
N PRO C 201 14.10 60.42 28.29
CA PRO C 201 13.24 60.00 29.40
C PRO C 201 11.97 60.83 29.51
N GLU C 202 12.08 62.11 29.21
CA GLU C 202 10.95 63.02 29.35
C GLU C 202 9.74 62.57 28.59
N SER C 203 9.97 61.87 27.48
CA SER C 203 8.87 61.58 26.57
C SER C 203 8.84 60.12 26.18
N SER C 204 9.18 59.28 27.14
CA SER C 204 9.24 57.85 26.92
C SER C 204 8.34 57.20 27.95
N LEU C 205 7.46 56.33 27.47
CA LEU C 205 6.58 55.57 28.33
C LEU C 205 7.03 54.10 28.33
N PHE C 206 7.27 53.53 29.50
CA PHE C 206 7.69 52.13 29.57
C PHE C 206 6.54 51.24 29.97
N ILE C 207 6.48 50.08 29.34
CA ILE C 207 5.41 49.13 29.56
C ILE C 207 6.04 47.82 29.98
N ILE C 208 5.90 47.47 31.25
CA ILE C 208 6.49 46.25 31.79
C ILE C 208 5.46 45.13 31.65
N ALA C 209 5.68 44.28 30.66
CA ALA C 209 4.75 43.25 30.30
C ALA C 209 5.21 41.88 30.81
N SER C 210 4.49 41.33 31.76
CA SER C 210 4.84 40.06 32.29
C SER C 210 3.68 39.50 33.07
N LYS C 211 3.18 38.36 32.62
CA LYS C 211 2.12 37.65 33.31
C LYS C 211 2.44 37.41 34.80
N THR C 212 3.64 36.93 35.10
CA THR C 212 4.01 36.60 36.48
C THR C 212 4.57 37.79 37.24
N PHE C 213 5.17 38.71 36.50
CA PHE C 213 5.93 39.83 37.06
C PHE C 213 7.11 39.40 37.91
N THR C 214 7.64 38.20 37.63
CA THR C 214 8.84 37.69 38.29
C THR C 214 9.92 37.20 37.30
N THR C 215 9.61 37.12 36.03
CA THR C 215 10.55 36.64 35.03
C THR C 215 11.85 37.46 35.12
N GLN C 216 12.96 36.76 35.27
CA GLN C 216 14.19 37.45 35.56
C GLN C 216 14.59 38.44 34.47
N GLU C 217 14.51 38.01 33.24
CA GLU C 217 14.89 38.89 32.18
C GLU C 217 14.08 40.18 32.23
N THR C 218 12.78 40.07 32.45
CA THR C 218 11.95 41.25 32.40
C THR C 218 12.10 42.17 33.60
N ILE C 219 12.18 41.61 34.80
CA ILE C 219 12.28 42.44 35.98
C ILE C 219 13.61 43.14 35.96
N THR C 220 14.66 42.42 35.57
CA THR C 220 15.97 43.04 35.53
C THR C 220 15.96 44.17 34.53
N ASN C 221 15.50 43.94 33.31
CA ASN C 221 15.38 45.04 32.36
C ASN C 221 14.55 46.19 32.90
N ALA C 222 13.50 45.87 33.64
CA ALA C 222 12.62 46.91 34.16
C ALA C 222 13.36 47.74 35.19
N GLU C 223 14.05 47.08 36.12
CA GLU C 223 14.79 47.83 37.13
C GLU C 223 15.85 48.73 36.47
N THR C 224 16.48 48.21 35.43
CA THR C 224 17.52 48.96 34.74
C THR C 224 16.91 50.22 34.09
N ALA C 225 15.74 50.04 33.45
CA ALA C 225 15.00 51.12 32.82
C ALA C 225 14.59 52.12 33.87
N LYS C 226 14.05 51.64 34.98
CA LYS C 226 13.68 52.58 36.02
C LYS C 226 14.90 53.30 36.57
N GLU C 227 16.03 52.64 36.62
CA GLU C 227 17.17 53.32 37.16
C GLU C 227 17.62 54.43 36.18
N TRP C 228 17.55 54.16 34.88
CA TRP C 228 17.94 55.15 33.90
C TRP C 228 16.98 56.35 33.99
N PHE C 229 15.68 56.07 34.08
CA PHE C 229 14.67 57.11 34.16
C PHE C 229 14.86 57.97 35.42
N LEU C 230 14.98 57.38 36.59
CA LEU C 230 15.23 58.15 37.80
C LEU C 230 16.51 58.96 37.77
N GLN C 231 17.51 58.53 37.00
CA GLN C 231 18.76 59.27 36.93
C GLN C 231 18.47 60.65 36.37
N ALA C 232 17.55 60.71 35.41
CA ALA C 232 17.14 61.96 34.79
C ALA C 232 15.98 62.65 35.53
N ALA C 233 15.10 61.86 36.17
CA ALA C 233 13.91 62.42 36.83
C ALA C 233 14.09 62.78 38.30
N LYS C 234 14.88 61.98 39.02
CA LYS C 234 15.24 62.26 40.42
C LYS C 234 14.06 62.54 41.33
N ASP C 235 12.97 61.85 41.08
CA ASP C 235 11.75 62.04 41.88
C ASP C 235 10.91 60.80 41.70
N PRO C 236 10.86 59.95 42.71
CA PRO C 236 10.12 58.69 42.61
C PRO C 236 8.73 58.84 42.04
N SER C 237 8.02 59.91 42.41
CA SER C 237 6.63 60.10 41.97
C SER C 237 6.49 60.24 40.43
N ALA C 238 7.58 60.51 39.74
CA ALA C 238 7.51 60.64 38.28
C ALA C 238 7.31 59.30 37.61
N VAL C 239 7.64 58.22 38.32
CA VAL C 239 7.52 56.88 37.81
C VAL C 239 6.11 56.59 37.37
N ALA C 240 5.18 57.28 38.02
CA ALA C 240 3.75 57.11 37.79
C ALA C 240 3.34 57.63 36.42
N LYS C 241 4.16 58.52 35.86
CA LYS C 241 3.88 59.05 34.54
C LYS C 241 4.58 58.29 33.43
N HIS C 242 5.52 57.40 33.75
CA HIS C 242 6.32 56.76 32.71
C HIS C 242 6.42 55.24 32.71
N PHE C 243 5.80 54.61 33.71
CA PHE C 243 5.79 53.16 33.82
C PHE C 243 4.40 52.59 34.03
N VAL C 244 4.00 51.67 33.17
CA VAL C 244 2.74 50.98 33.36
C VAL C 244 3.07 49.51 33.36
N ALA C 245 2.14 48.69 33.83
CA ALA C 245 2.39 47.26 33.92
C ALA C 245 1.26 46.46 33.34
N LEU C 246 1.61 45.36 32.65
CA LEU C 246 0.64 44.40 32.16
C LEU C 246 0.98 43.09 32.85
N SER C 247 0.13 42.69 33.81
CA SER C 247 0.39 41.50 34.59
C SER C 247 -0.85 41.00 35.31
N THR C 248 -0.74 39.82 35.93
CA THR C 248 -1.81 39.29 36.77
C THR C 248 -1.38 39.35 38.25
N ASN C 249 -0.13 39.73 38.49
CA ASN C 249 0.46 39.71 39.84
C ASN C 249 0.52 41.12 40.42
N THR C 250 -0.60 41.59 40.93
CA THR C 250 -0.69 42.93 41.49
C THR C 250 0.35 43.18 42.56
N THR C 251 0.64 42.17 43.36
CA THR C 251 1.57 42.32 44.47
C THR C 251 2.98 42.69 43.98
N LYS C 252 3.54 41.83 43.13
CA LYS C 252 4.85 42.11 42.58
C LYS C 252 4.86 43.44 41.82
N VAL C 253 3.74 43.81 41.19
CA VAL C 253 3.65 45.09 40.49
C VAL C 253 3.81 46.24 41.50
N LYS C 254 3.13 46.14 42.63
CA LYS C 254 3.27 47.12 43.71
C LYS C 254 4.72 47.17 44.27
N GLU C 255 5.32 46.00 44.49
CA GLU C 255 6.67 45.92 45.03
C GLU C 255 7.70 46.53 44.05
N PHE C 256 7.40 46.51 42.77
CA PHE C 256 8.32 47.08 41.78
C PHE C 256 8.23 48.59 41.77
N GLY C 257 7.16 49.13 42.37
CA GLY C 257 6.98 50.57 42.47
C GLY C 257 5.97 51.21 41.51
N ILE C 258 5.16 50.40 40.84
CA ILE C 258 4.19 50.92 39.90
C ILE C 258 2.80 51.10 40.52
N ASP C 259 2.20 52.25 40.23
CA ASP C 259 0.88 52.58 40.73
C ASP C 259 -0.17 51.55 40.32
N PRO C 260 -0.91 51.04 41.29
CA PRO C 260 -1.93 50.03 41.01
C PRO C 260 -2.95 50.53 39.95
N GLN C 261 -3.06 51.84 39.76
CA GLN C 261 -3.90 52.41 38.71
C GLN C 261 -3.22 52.29 37.38
N ASN C 262 -1.94 51.95 37.38
CA ASN C 262 -1.20 51.84 36.14
C ASN C 262 -0.99 50.37 35.77
N MET C 263 -1.83 49.53 36.33
CA MET C 263 -1.77 48.12 36.02
C MET C 263 -2.91 47.76 35.07
N PHE C 264 -2.61 47.02 34.02
CA PHE C 264 -3.65 46.53 33.15
C PHE C 264 -3.62 45.05 33.36
N GLU C 265 -4.76 44.49 33.78
CA GLU C 265 -4.88 43.10 34.18
C GLU C 265 -5.24 42.08 33.11
N PHE C 266 -4.74 40.87 33.27
CA PHE C 266 -5.21 39.72 32.51
C PHE C 266 -5.27 38.54 33.48
N TRP C 267 -5.57 37.33 33.01
CA TRP C 267 -5.88 36.20 33.93
C TRP C 267 -5.13 34.89 33.63
N ASP C 268 -5.06 34.00 34.61
CA ASP C 268 -4.26 32.81 34.43
C ASP C 268 -4.63 32.03 33.19
N TRP C 269 -5.85 32.21 32.70
CA TRP C 269 -6.28 31.43 31.55
C TRP C 269 -5.85 32.06 30.20
N VAL C 270 -5.01 33.08 30.28
CA VAL C 270 -4.44 33.68 29.10
C VAL C 270 -2.99 33.21 29.03
N GLY C 271 -2.68 32.34 28.10
CA GLY C 271 -1.33 31.86 27.92
C GLY C 271 -0.48 32.89 27.25
N GLY C 272 0.77 33.02 27.68
CA GLY C 272 1.62 34.07 27.16
C GLY C 272 1.64 34.07 25.64
N ARG C 273 1.82 32.89 25.05
CA ARG C 273 1.91 32.78 23.61
C ARG C 273 0.56 32.96 22.90
N TYR C 274 -0.50 33.19 23.68
CA TYR C 274 -1.84 33.53 23.19
C TYR C 274 -2.27 34.83 23.87
N SER C 275 -1.32 35.64 24.29
CA SER C 275 -1.68 36.79 25.11
C SER C 275 -1.83 38.14 24.42
N LEU C 276 -1.33 38.30 23.20
CA LEU C 276 -1.39 39.62 22.52
C LEU C 276 -2.79 40.22 22.48
N TRP C 277 -3.83 39.38 22.58
CA TRP C 277 -5.20 39.87 22.51
C TRP C 277 -5.68 40.48 23.83
N SER C 278 -4.89 40.32 24.88
CA SER C 278 -5.26 40.80 26.20
C SER C 278 -4.63 42.19 26.44
N ALA C 279 -4.46 42.56 27.69
CA ALA C 279 -3.72 43.78 28.04
C ALA C 279 -2.28 43.80 27.48
N ILE C 280 -1.71 42.61 27.29
CA ILE C 280 -0.37 42.43 26.74
C ILE C 280 -0.27 43.13 25.40
N GLY C 281 -1.42 43.30 24.75
CA GLY C 281 -1.47 43.99 23.47
C GLY C 281 -1.49 45.50 23.56
N LEU C 282 -1.40 46.05 24.75
CA LEU C 282 -1.41 47.50 24.88
C LEU C 282 -0.50 48.25 23.91
N SER C 283 0.73 47.79 23.71
CA SER C 283 1.65 48.48 22.81
C SER C 283 1.12 48.49 21.36
N ILE C 284 0.29 47.52 21.02
CA ILE C 284 -0.28 47.48 19.71
C ILE C 284 -1.31 48.61 19.63
N ALA C 285 -2.21 48.66 20.60
CA ALA C 285 -3.22 49.72 20.62
C ALA C 285 -2.61 51.14 20.71
N LEU C 286 -1.51 51.32 21.42
CA LEU C 286 -0.90 52.62 21.44
C LEU C 286 -0.37 53.02 20.06
N HIS C 287 0.15 52.04 19.34
CA HIS C 287 0.80 52.31 18.09
C HIS C 287 -0.12 52.53 16.91
N VAL C 288 -1.19 51.73 16.79
CA VAL C 288 -2.08 51.84 15.63
C VAL C 288 -3.47 52.29 16.04
N GLY C 289 -3.66 52.50 17.34
CA GLY C 289 -4.91 52.96 17.85
C GLY C 289 -5.81 51.84 18.30
N PHE C 290 -6.61 52.15 19.31
CA PHE C 290 -7.52 51.16 19.85
C PHE C 290 -8.57 50.70 18.85
N ASP C 291 -8.97 51.55 17.93
CA ASP C 291 -9.96 51.14 16.92
C ASP C 291 -9.35 50.03 16.09
N ASN C 292 -8.10 50.23 15.66
CA ASN C 292 -7.46 49.21 14.87
C ASN C 292 -7.24 47.95 15.72
N PHE C 293 -6.99 48.13 17.01
CA PHE C 293 -6.82 46.98 17.88
C PHE C 293 -8.14 46.20 18.00
N GLU C 294 -9.23 46.95 18.11
CA GLU C 294 -10.54 46.32 18.12
C GLU C 294 -10.69 45.55 16.82
N GLN C 295 -10.25 46.12 15.72
CA GLN C 295 -10.39 45.39 14.47
C GLN C 295 -9.62 44.08 14.56
N LEU C 296 -8.42 44.14 15.10
CA LEU C 296 -7.58 42.97 15.32
C LEU C 296 -8.36 41.90 16.06
N LEU C 297 -9.03 42.27 17.14
CA LEU C 297 -9.83 41.34 17.91
C LEU C 297 -10.98 40.75 17.11
N SER C 298 -11.62 41.57 16.30
CA SER C 298 -12.79 41.14 15.54
C SER C 298 -12.40 40.07 14.53
N GLY C 299 -11.24 40.24 13.94
CA GLY C 299 -10.79 39.27 12.97
C GLY C 299 -10.56 37.95 13.68
N ALA C 300 -9.91 37.98 14.82
CA ALA C 300 -9.70 36.72 15.53
C ALA C 300 -11.09 36.16 15.82
N HIS C 301 -11.97 36.99 16.38
CA HIS C 301 -13.33 36.57 16.78
C HIS C 301 -14.10 35.99 15.62
N TRP C 302 -13.85 36.52 14.42
CA TRP C 302 -14.45 35.99 13.21
C TRP C 302 -13.95 34.55 13.01
N MET C 303 -12.64 34.35 13.01
CA MET C 303 -12.07 33.00 12.82
C MET C 303 -12.49 32.03 13.93
N ASP C 304 -12.71 32.56 15.13
CA ASP C 304 -13.21 31.72 16.21
C ASP C 304 -14.58 31.12 15.80
N GLN C 305 -15.47 31.93 15.25
CA GLN C 305 -16.79 31.46 14.83
C GLN C 305 -16.60 30.50 13.68
N HIS C 306 -15.73 30.82 12.77
CA HIS C 306 -15.53 29.92 11.65
C HIS C 306 -15.19 28.55 12.20
N PHE C 307 -14.11 28.46 12.99
CA PHE C 307 -13.64 27.23 13.63
C PHE C 307 -14.77 26.50 14.32
N ARG C 308 -15.63 27.28 14.96
CA ARG C 308 -16.70 26.71 15.75
C ARG C 308 -17.93 26.12 15.05
N THR C 309 -18.30 26.67 13.90
CA THR C 309 -19.56 26.29 13.28
C THR C 309 -19.43 25.58 11.96
N THR C 310 -18.20 25.40 11.49
CA THR C 310 -17.97 24.85 10.16
C THR C 310 -17.72 23.34 10.26
N PRO C 311 -18.44 22.54 9.48
CA PRO C 311 -18.16 21.10 9.50
C PRO C 311 -16.67 20.86 9.34
N LEU C 312 -16.13 19.93 10.11
CA LEU C 312 -14.69 19.64 10.10
C LEU C 312 -14.09 19.57 8.74
N GLU C 313 -14.78 18.88 7.85
CA GLU C 313 -14.25 18.62 6.54
C GLU C 313 -14.08 19.90 5.74
N LYS C 314 -14.66 21.00 6.18
CA LYS C 314 -14.50 22.26 5.48
C LYS C 314 -13.93 23.36 6.41
N ASN C 315 -13.47 22.98 7.59
CA ASN C 315 -12.98 23.91 8.61
C ASN C 315 -11.47 24.22 8.48
N ALA C 316 -11.11 25.45 8.12
CA ALA C 316 -9.72 25.79 7.78
C ALA C 316 -8.61 25.34 8.78
N PRO C 317 -8.68 25.75 10.04
CA PRO C 317 -7.66 25.34 11.01
C PRO C 317 -7.56 23.80 11.08
N VAL C 318 -8.71 23.16 11.18
CA VAL C 318 -8.78 21.72 11.29
C VAL C 318 -8.06 21.07 10.14
N LEU C 319 -8.34 21.56 8.93
CA LEU C 319 -7.74 20.95 7.77
C LEU C 319 -6.25 21.17 7.80
N LEU C 320 -5.81 22.39 8.07
CA LEU C 320 -4.38 22.67 8.08
C LEU C 320 -3.71 21.77 9.08
N ALA C 321 -4.39 21.53 10.20
CA ALA C 321 -3.88 20.72 11.28
C ALA C 321 -3.72 19.25 10.93
N LEU C 322 -4.70 18.73 10.19
CA LEU C 322 -4.66 17.36 9.71
C LEU C 322 -3.60 17.18 8.65
N LEU C 323 -3.39 18.18 7.81
CA LEU C 323 -2.35 18.07 6.77
C LEU C 323 -0.96 17.91 7.41
N GLY C 324 -0.75 18.60 8.52
CA GLY C 324 0.48 18.49 9.26
C GLY C 324 0.58 17.13 9.92
N ILE C 325 -0.53 16.62 10.46
CA ILE C 325 -0.55 15.33 11.12
C ILE C 325 -0.13 14.28 10.12
N TRP C 326 -0.71 14.42 8.94
CA TRP C 326 -0.41 13.59 7.81
C TRP C 326 1.07 13.62 7.60
N TYR C 327 1.64 14.81 7.42
CA TYR C 327 3.08 14.96 7.14
C TYR C 327 4.00 14.55 8.27
N ILE C 328 3.54 14.69 9.49
CA ILE C 328 4.43 14.43 10.60
C ILE C 328 4.42 12.94 11.00
N ASN C 329 3.23 12.41 11.19
CA ASN C 329 3.07 11.09 11.69
C ASN C 329 3.09 9.97 10.62
N CYS C 330 3.02 10.30 9.33
CA CYS C 330 3.14 9.28 8.30
C CYS C 330 4.39 9.48 7.45
N PHE C 331 4.59 10.67 6.90
CA PHE C 331 5.81 10.90 6.14
C PHE C 331 7.05 11.12 7.05
N GLY C 332 6.84 11.43 8.33
CA GLY C 332 7.94 11.72 9.25
C GLY C 332 8.69 13.04 9.02
N CYS C 333 7.99 14.07 8.52
CA CYS C 333 8.68 15.35 8.33
C CYS C 333 8.91 16.02 9.69
N GLU C 334 10.12 16.47 9.89
CA GLU C 334 10.48 17.09 11.16
C GLU C 334 10.00 18.56 11.25
N THR C 335 9.98 19.25 10.12
CA THR C 335 9.68 20.68 10.13
C THR C 335 8.49 21.15 9.27
N HIS C 336 8.14 22.41 9.48
CA HIS C 336 7.06 23.09 8.79
C HIS C 336 7.54 24.53 8.61
N ALA C 337 7.68 24.91 7.35
CA ALA C 337 8.13 26.22 6.96
C ALA C 337 6.94 27.13 6.70
N MET C 338 7.05 28.38 7.13
CA MET C 338 5.99 29.34 6.93
C MET C 338 6.66 30.50 6.27
N LEU C 339 6.23 30.79 5.05
CA LEU C 339 6.90 31.70 4.18
C LEU C 339 6.01 32.78 3.58
N PRO C 340 5.86 33.89 4.29
CA PRO C 340 5.01 34.99 3.80
C PRO C 340 5.75 35.90 2.86
N TYR C 341 5.09 36.26 1.78
CA TYR C 341 5.63 37.15 0.78
C TYR C 341 5.10 38.51 1.12
N ASP C 342 5.64 38.98 2.24
CA ASP C 342 5.26 40.22 2.82
C ASP C 342 6.28 40.63 3.88
N GLN C 343 7.05 41.64 3.54
CA GLN C 343 8.02 42.24 4.42
C GLN C 343 7.38 42.66 5.74
N TYR C 344 6.13 43.10 5.72
CA TYR C 344 5.50 43.49 6.97
C TYR C 344 5.42 42.31 7.91
N LEU C 345 5.23 41.12 7.36
CA LEU C 345 5.15 39.89 8.14
C LEU C 345 6.52 39.20 8.40
N HIS C 346 7.62 39.97 8.38
CA HIS C 346 8.97 39.41 8.61
C HIS C 346 9.15 38.72 9.95
N ARG C 347 8.23 38.95 10.89
CA ARG C 347 8.30 38.30 12.18
C ARG C 347 7.17 37.29 12.40
N PHE C 348 6.37 37.06 11.39
CA PHE C 348 5.23 36.15 11.50
C PHE C 348 5.68 34.69 11.76
N ALA C 349 6.71 34.26 11.02
CA ALA C 349 7.30 32.93 11.15
C ALA C 349 7.91 32.73 12.55
N ALA C 350 8.62 33.73 13.05
CA ALA C 350 9.17 33.59 14.39
C ALA C 350 8.10 33.50 15.44
N TYR C 351 6.99 34.24 15.25
CA TYR C 351 5.90 34.23 16.23
C TYR C 351 5.26 32.83 16.39
N PHE C 352 5.01 32.15 15.28
CA PHE C 352 4.42 30.83 15.36
C PHE C 352 5.50 29.80 15.62
N GLN C 353 6.76 30.20 15.48
CA GLN C 353 7.84 29.32 15.93
C GLN C 353 7.53 29.08 17.37
N GLN C 354 7.19 30.14 18.08
CA GLN C 354 6.83 29.98 19.48
C GLN C 354 5.45 29.41 19.69
N GLY C 355 4.48 29.90 18.94
CA GLY C 355 3.11 29.50 19.23
C GLY C 355 2.99 28.01 19.08
N ASP C 356 3.60 27.52 18.00
CA ASP C 356 3.50 26.14 17.64
C ASP C 356 4.37 25.33 18.59
N MET C 357 5.65 25.60 18.54
CA MET C 357 6.62 24.77 19.27
C MET C 357 6.45 24.74 20.79
N GLU C 358 6.14 25.86 21.40
CA GLU C 358 6.03 25.87 22.85
C GLU C 358 4.72 25.17 23.26
N SER C 359 3.80 25.06 22.30
CA SER C 359 2.51 24.44 22.56
C SER C 359 2.61 22.92 22.48
N ASN C 360 3.10 22.44 21.34
CA ASN C 360 3.12 21.03 21.03
C ASN C 360 4.51 20.30 21.04
N GLY C 361 5.57 20.97 21.48
CA GLY C 361 6.85 20.28 21.64
C GLY C 361 6.70 19.55 22.97
N LYS C 362 5.93 18.48 22.93
CA LYS C 362 5.53 17.76 24.12
C LYS C 362 5.63 16.26 23.91
N TYR C 363 5.71 15.52 25.01
CA TYR C 363 5.85 14.07 24.92
C TYR C 363 5.11 13.28 25.99
N ILE C 364 4.37 13.97 26.85
CA ILE C 364 3.62 13.30 27.88
C ILE C 364 2.14 13.54 27.65
N THR C 365 1.39 12.46 27.39
CA THR C 365 -0.06 12.55 27.13
C THR C 365 -0.82 12.84 28.37
N LYS C 366 -2.12 13.03 28.23
CA LYS C 366 -3.01 13.36 29.35
C LYS C 366 -3.19 12.24 30.38
N SER C 367 -2.95 11.01 29.97
CA SER C 367 -3.11 9.93 30.93
C SER C 367 -1.80 9.79 31.73
N GLY C 368 -0.77 10.51 31.30
CA GLY C 368 0.52 10.52 31.96
C GLY C 368 1.50 9.61 31.25
N THR C 369 1.10 9.14 30.07
CA THR C 369 1.82 8.16 29.30
C THR C 369 2.74 8.76 28.25
N ARG C 370 3.97 8.30 28.16
CA ARG C 370 4.88 8.81 27.16
C ARG C 370 4.24 8.52 25.85
N VAL C 371 4.22 9.54 25.01
CA VAL C 371 3.83 9.44 23.61
C VAL C 371 4.71 8.37 22.96
N ASP C 372 4.24 7.67 21.94
CA ASP C 372 5.09 6.78 21.18
C ASP C 372 5.02 7.16 19.71
N HIS C 373 4.78 8.43 19.46
CA HIS C 373 4.80 8.97 18.10
C HIS C 373 5.36 10.40 18.15
N GLN C 374 5.52 11.00 16.99
CA GLN C 374 6.00 12.35 16.89
C GLN C 374 4.93 13.35 17.35
N THR C 375 5.39 14.46 17.92
CA THR C 375 4.50 15.56 18.20
C THR C 375 4.90 16.73 17.33
N GLY C 376 4.99 17.92 17.94
CA GLY C 376 5.16 19.12 17.17
C GLY C 376 6.36 19.15 16.28
N PRO C 377 6.23 19.82 15.16
CA PRO C 377 7.34 20.05 14.25
C PRO C 377 8.15 21.29 14.62
N ILE C 378 9.32 21.47 13.98
CA ILE C 378 10.13 22.64 14.15
C ILE C 378 9.65 23.59 13.06
N VAL C 379 9.14 24.74 13.48
CA VAL C 379 8.60 25.77 12.60
C VAL C 379 9.72 26.78 12.35
N TRP C 380 9.87 27.24 11.12
CA TRP C 380 10.92 28.20 10.78
C TRP C 380 10.51 28.86 9.49
N GLY C 381 11.17 29.95 9.13
CA GLY C 381 10.90 30.61 7.87
C GLY C 381 11.40 32.03 7.79
N GLU C 382 11.44 32.56 6.56
CA GLU C 382 11.78 33.96 6.29
C GLU C 382 10.82 34.44 5.23
N PRO C 383 10.60 35.74 5.14
CA PRO C 383 9.73 36.27 4.09
C PRO C 383 10.24 36.01 2.65
N GLY C 384 9.32 35.81 1.71
CA GLY C 384 9.68 35.74 0.29
C GLY C 384 9.81 37.16 -0.27
N THR C 385 10.54 37.37 -1.35
CA THR C 385 11.21 36.32 -2.10
C THR C 385 12.60 35.97 -1.62
N ASN C 386 13.13 36.70 -0.64
CA ASN C 386 14.50 36.44 -0.17
C ASN C 386 14.85 34.98 0.06
N GLY C 387 13.98 34.24 0.70
CA GLY C 387 14.24 32.83 0.95
C GLY C 387 14.59 32.09 -0.32
N GLN C 388 14.14 32.63 -1.45
CA GLN C 388 14.34 32.04 -2.80
C GLN C 388 15.79 32.09 -3.22
N HIS C 389 16.56 32.98 -2.61
CA HIS C 389 17.97 33.10 -2.93
C HIS C 389 18.82 32.41 -1.87
N ALA C 390 18.17 31.76 -0.92
CA ALA C 390 18.83 31.18 0.22
C ALA C 390 18.49 29.70 0.41
N PHE C 391 17.67 29.41 1.40
CA PHE C 391 17.36 28.02 1.69
C PHE C 391 16.45 27.33 0.67
N TYR C 392 15.82 28.07 -0.23
CA TYR C 392 14.99 27.38 -1.21
C TYR C 392 15.87 26.36 -1.98
N GLN C 393 17.17 26.63 -2.08
CA GLN C 393 18.08 25.70 -2.75
C GLN C 393 17.89 24.30 -2.20
N LEU C 394 17.56 24.19 -0.91
CA LEU C 394 17.41 22.90 -0.26
C LEU C 394 15.98 22.39 -0.31
N ILE C 395 15.02 23.29 -0.32
CA ILE C 395 13.65 22.85 -0.44
C ILE C 395 13.50 22.22 -1.83
N HIS C 396 14.08 22.85 -2.85
CA HIS C 396 13.95 22.32 -4.20
C HIS C 396 14.79 21.07 -4.48
N GLN C 397 16.00 21.01 -3.92
CA GLN C 397 16.96 19.99 -4.32
C GLN C 397 17.77 19.37 -3.19
N GLY C 398 17.25 19.39 -1.96
CA GLY C 398 17.94 18.80 -0.83
C GLY C 398 17.52 17.37 -0.70
N THR C 399 17.63 16.80 0.49
CA THR C 399 17.19 15.44 0.67
C THR C 399 16.11 15.42 1.72
N LYS C 400 15.47 16.56 1.94
CA LYS C 400 14.43 16.63 2.96
C LYS C 400 13.08 16.98 2.38
N MET C 401 12.04 16.45 3.00
CA MET C 401 10.66 16.78 2.70
C MET C 401 10.30 17.88 3.67
N ILE C 402 9.76 18.98 3.17
CA ILE C 402 9.46 20.12 3.99
C ILE C 402 8.18 20.76 3.52
N PRO C 403 7.10 20.42 4.19
CA PRO C 403 5.82 21.08 3.94
C PRO C 403 5.93 22.58 4.25
N CYS C 404 5.55 23.43 3.30
CA CYS C 404 5.59 24.87 3.46
C CYS C 404 4.22 25.53 3.23
N ASP C 405 3.98 26.58 3.99
CA ASP C 405 2.81 27.42 3.84
C ASP C 405 3.31 28.70 3.22
N PHE C 406 2.92 29.00 1.98
CA PHE C 406 3.23 30.28 1.39
C PHE C 406 2.05 31.23 1.69
N LEU C 407 2.31 32.47 2.10
CA LEU C 407 1.21 33.39 2.39
C LEU C 407 1.40 34.70 1.65
N ILE C 408 0.31 35.28 1.12
CA ILE C 408 0.42 36.61 0.50
C ILE C 408 -0.89 37.42 0.49
N PRO C 409 -0.79 38.73 0.69
CA PRO C 409 -1.93 39.60 0.46
C PRO C 409 -2.06 39.95 -1.03
N VAL C 410 -3.28 39.95 -1.52
CA VAL C 410 -3.54 40.30 -2.91
C VAL C 410 -3.26 41.78 -3.10
N GLN C 411 -3.70 42.60 -2.16
CA GLN C 411 -3.45 44.04 -2.30
C GLN C 411 -2.32 44.48 -1.39
N THR C 412 -1.38 45.23 -1.94
CA THR C 412 -0.23 45.69 -1.16
C THR C 412 -0.44 47.07 -0.55
N GLN C 413 0.16 47.28 0.61
CA GLN C 413 0.04 48.55 1.29
C GLN C 413 0.82 49.62 0.53
N HIS C 414 1.69 49.22 -0.38
CA HIS C 414 2.47 50.21 -1.10
C HIS C 414 2.55 49.88 -2.58
N PRO C 415 1.62 50.37 -3.39
CA PRO C 415 1.62 50.03 -4.82
C PRO C 415 2.48 50.95 -5.70
N ILE C 416 3.72 51.15 -5.28
CA ILE C 416 4.64 51.97 -6.03
C ILE C 416 4.74 51.44 -7.45
N ARG C 417 5.28 52.27 -8.35
CA ARG C 417 5.48 51.92 -9.75
C ARG C 417 4.24 51.31 -10.35
N LYS C 418 3.09 51.80 -9.94
CA LYS C 418 1.88 51.33 -10.54
C LYS C 418 1.74 49.81 -10.40
N GLY C 419 2.09 49.31 -9.20
CA GLY C 419 1.94 47.90 -8.86
C GLY C 419 2.97 46.96 -9.47
N LEU C 420 4.03 47.52 -9.98
CA LEU C 420 5.05 46.68 -10.58
C LEU C 420 5.68 45.71 -9.54
N HIS C 421 6.11 46.21 -8.39
CA HIS C 421 6.72 45.35 -7.40
C HIS C 421 5.74 44.29 -6.94
N HIS C 422 4.51 44.68 -6.62
CA HIS C 422 3.62 43.67 -6.08
C HIS C 422 3.37 42.57 -7.08
N LYS C 423 3.25 42.98 -8.34
CA LYS C 423 3.00 42.05 -9.43
C LYS C 423 4.14 41.03 -9.52
N ILE C 424 5.39 41.48 -9.50
CA ILE C 424 6.48 40.53 -9.55
C ILE C 424 6.48 39.60 -8.35
N LEU C 425 6.14 40.14 -7.18
CA LEU C 425 6.14 39.36 -5.96
C LEU C 425 5.12 38.25 -6.06
N LEU C 426 3.96 38.56 -6.64
CA LEU C 426 2.89 37.60 -6.79
C LEU C 426 3.31 36.48 -7.72
N ALA C 427 4.02 36.83 -8.78
CA ALA C 427 4.37 35.87 -9.81
C ALA C 427 5.30 34.90 -9.16
N ASN C 428 6.23 35.46 -8.41
CA ASN C 428 7.19 34.68 -7.67
C ASN C 428 6.45 33.75 -6.70
N PHE C 429 5.52 34.29 -5.94
CA PHE C 429 4.78 33.51 -4.98
C PHE C 429 4.11 32.31 -5.62
N LEU C 430 3.59 32.55 -6.82
CA LEU C 430 2.85 31.55 -7.55
C LEU C 430 3.79 30.57 -8.19
N ALA C 431 4.77 31.11 -8.87
CA ALA C 431 5.74 30.32 -9.59
C ALA C 431 6.44 29.29 -8.73
N GLN C 432 6.90 29.71 -7.55
CA GLN C 432 7.62 28.79 -6.68
C GLN C 432 6.79 27.59 -6.32
N THR C 433 5.55 27.75 -5.87
CA THR C 433 4.84 26.52 -5.49
C THR C 433 4.63 25.67 -6.73
N GLU C 434 4.45 26.32 -7.88
CA GLU C 434 4.32 25.60 -9.14
C GLU C 434 5.54 24.71 -9.31
N ALA C 435 6.71 25.33 -9.28
CA ALA C 435 7.97 24.60 -9.50
C ALA C 435 8.17 23.50 -8.49
N LEU C 436 7.84 23.75 -7.24
CA LEU C 436 8.05 22.76 -6.19
C LEU C 436 7.15 21.59 -6.49
N MET C 437 6.02 21.91 -7.09
CA MET C 437 5.08 20.89 -7.47
C MET C 437 5.56 20.10 -8.69
N ARG C 438 5.92 20.80 -9.74
CA ARG C 438 6.24 20.17 -11.01
C ARG C 438 7.65 19.61 -11.08
N GLY C 439 8.59 20.33 -10.49
CA GLY C 439 9.97 19.90 -10.61
C GLY C 439 10.30 19.99 -12.09
N LYS C 440 11.28 19.22 -12.52
CA LYS C 440 11.76 19.26 -13.89
C LYS C 440 12.53 17.99 -14.21
N SER C 441 12.08 17.29 -15.26
CA SER C 441 12.62 15.98 -15.65
C SER C 441 13.93 16.02 -16.41
N THR C 442 14.62 14.90 -16.42
CA THR C 442 15.85 14.76 -17.19
C THR C 442 15.56 15.20 -18.59
N GLU C 443 14.60 14.53 -19.21
CA GLU C 443 14.27 14.80 -20.60
C GLU C 443 14.01 16.29 -20.75
N GLU C 444 13.14 16.83 -19.89
CA GLU C 444 12.83 18.24 -19.95
C GLU C 444 14.09 19.06 -19.78
N ALA C 445 14.94 18.63 -18.85
CA ALA C 445 16.20 19.30 -18.60
C ALA C 445 17.11 19.07 -19.79
N ARG C 446 17.17 17.81 -20.23
CA ARG C 446 17.99 17.42 -21.36
C ARG C 446 17.63 18.25 -22.58
N LYS C 447 16.34 18.36 -22.85
CA LYS C 447 15.90 19.21 -23.95
C LYS C 447 16.60 20.56 -23.81
N GLU C 448 16.45 21.20 -22.66
CA GLU C 448 17.06 22.53 -22.45
C GLU C 448 18.56 22.57 -22.71
N LEU C 449 19.29 21.52 -22.35
CA LEU C 449 20.73 21.49 -22.58
C LEU C 449 21.05 21.27 -24.07
N GLN C 450 20.27 20.45 -24.76
CA GLN C 450 20.47 20.25 -26.20
C GLN C 450 20.32 21.60 -26.89
N ALA C 451 19.27 22.32 -26.51
CA ALA C 451 18.96 23.64 -27.06
C ALA C 451 20.00 24.71 -26.74
N ALA C 452 20.61 24.63 -25.58
CA ALA C 452 21.60 25.63 -25.20
C ALA C 452 22.91 25.45 -25.96
N GLY C 453 23.04 24.32 -26.66
CA GLY C 453 24.21 24.01 -27.45
C GLY C 453 25.38 23.45 -26.65
N LYS C 454 25.08 22.49 -25.78
CA LYS C 454 26.14 21.84 -25.01
C LYS C 454 26.55 20.56 -25.71
N SER C 455 27.84 20.30 -25.73
CA SER C 455 28.33 19.05 -26.26
C SER C 455 27.68 17.92 -25.48
N PRO C 456 27.60 16.72 -26.07
CA PRO C 456 27.09 15.55 -25.35
C PRO C 456 27.85 15.37 -24.04
N GLU C 457 29.15 15.63 -24.09
CA GLU C 457 30.02 15.58 -22.91
C GLU C 457 29.47 16.45 -21.79
N ASP C 458 29.49 17.76 -22.02
CA ASP C 458 28.99 18.73 -21.05
C ASP C 458 27.62 18.30 -20.56
N LEU C 459 26.67 18.24 -21.49
CA LEU C 459 25.29 17.86 -21.21
C LEU C 459 25.22 16.70 -20.22
N GLU C 460 25.77 15.57 -20.61
CA GLU C 460 25.72 14.36 -19.80
C GLU C 460 26.28 14.54 -18.38
N ARG C 461 27.18 15.51 -18.20
CA ARG C 461 27.79 15.74 -16.90
C ARG C 461 27.00 16.74 -16.05
N LEU C 462 26.47 17.76 -16.70
CA LEU C 462 25.69 18.80 -16.01
C LEU C 462 24.24 18.38 -15.84
N LEU C 463 23.74 17.61 -16.80
CA LEU C 463 22.35 17.17 -16.82
C LEU C 463 21.70 16.89 -15.47
N PRO C 464 22.18 15.89 -14.73
CA PRO C 464 21.52 15.51 -13.49
C PRO C 464 21.50 16.63 -12.46
N HIS C 465 22.36 17.62 -12.59
CA HIS C 465 22.37 18.75 -11.67
C HIS C 465 21.22 19.71 -11.91
N LYS C 466 20.75 19.78 -13.15
CA LYS C 466 19.65 20.69 -13.47
C LYS C 466 18.29 20.02 -13.31
N VAL C 467 18.27 18.81 -12.77
CA VAL C 467 17.02 18.06 -12.61
C VAL C 467 16.38 18.31 -11.25
N PHE C 468 15.05 18.41 -11.24
CA PHE C 468 14.26 18.67 -10.04
C PHE C 468 13.22 17.59 -9.89
N GLU C 469 13.29 16.84 -8.80
CA GLU C 469 12.39 15.75 -8.60
C GLU C 469 10.98 16.15 -8.24
N GLY C 470 10.77 17.45 -8.02
CA GLY C 470 9.48 17.98 -7.65
C GLY C 470 8.81 17.18 -6.56
N ASN C 471 7.49 17.18 -6.59
CA ASN C 471 6.65 16.41 -5.68
C ASN C 471 6.66 16.94 -4.25
N ARG C 472 7.12 18.18 -4.12
CA ARG C 472 7.24 18.88 -2.86
C ARG C 472 5.99 19.72 -2.57
N PRO C 473 5.22 19.30 -1.57
CA PRO C 473 3.90 19.87 -1.30
C PRO C 473 3.91 21.20 -0.58
N THR C 474 2.97 22.07 -0.92
CA THR C 474 2.82 23.35 -0.27
C THR C 474 1.35 23.62 0.02
N ASN C 475 1.12 24.69 0.75
CA ASN C 475 -0.19 25.19 1.07
C ASN C 475 -0.09 26.62 0.57
N SER C 476 -1.09 27.13 -0.14
CA SER C 476 -1.06 28.54 -0.53
C SER C 476 -2.22 29.24 0.15
N ILE C 477 -1.90 30.25 0.97
CA ILE C 477 -2.89 31.02 1.73
C ILE C 477 -2.90 32.46 1.24
N VAL C 478 -3.98 32.86 0.59
CA VAL C 478 -4.01 34.15 -0.06
C VAL C 478 -5.12 34.97 0.49
N PHE C 479 -4.82 36.22 0.80
CA PHE C 479 -5.80 37.08 1.43
C PHE C 479 -5.86 38.46 0.78
N THR C 480 -7.07 39.01 0.83
CA THR C 480 -7.35 40.24 0.12
C THR C 480 -6.29 41.28 0.41
N LYS C 481 -6.12 41.56 1.69
CA LYS C 481 -5.23 42.63 2.14
C LYS C 481 -4.84 42.42 3.59
N LEU C 482 -3.61 42.75 3.96
CA LEU C 482 -3.16 42.58 5.34
C LEU C 482 -3.54 43.81 6.11
N THR C 483 -4.76 43.77 6.58
CA THR C 483 -5.30 44.77 7.43
C THR C 483 -5.28 44.21 8.82
N PRO C 484 -5.53 45.04 9.81
CA PRO C 484 -5.65 44.58 11.18
C PRO C 484 -6.61 43.41 11.35
N PHE C 485 -7.74 43.47 10.67
CA PHE C 485 -8.80 42.48 10.81
C PHE C 485 -8.34 41.18 10.19
N MET C 486 -7.75 41.24 9.02
CA MET C 486 -7.32 40.03 8.33
C MET C 486 -6.22 39.35 9.17
N LEU C 487 -5.31 40.16 9.74
CA LEU C 487 -4.22 39.66 10.55
C LEU C 487 -4.76 38.90 11.75
N GLY C 488 -5.74 39.50 12.39
CA GLY C 488 -6.40 38.89 13.53
C GLY C 488 -6.96 37.53 13.17
N ALA C 489 -7.52 37.43 11.98
CA ALA C 489 -8.13 36.18 11.54
C ALA C 489 -7.07 35.14 11.24
N LEU C 490 -5.95 35.57 10.66
CA LEU C 490 -4.89 34.66 10.27
C LEU C 490 -4.20 34.16 11.53
N VAL C 491 -3.87 35.06 12.44
CA VAL C 491 -3.19 34.61 13.66
C VAL C 491 -4.06 33.54 14.36
N ALA C 492 -5.36 33.79 14.46
CA ALA C 492 -6.23 32.85 15.16
C ALA C 492 -6.39 31.55 14.39
N MET C 493 -6.34 31.64 13.07
CA MET C 493 -6.44 30.44 12.27
C MET C 493 -5.32 29.50 12.74
N TYR C 494 -4.10 29.99 12.79
CA TYR C 494 -2.98 29.14 13.23
C TYR C 494 -3.12 28.69 14.71
N GLU C 495 -3.68 29.55 15.57
CA GLU C 495 -3.87 29.13 16.94
C GLU C 495 -4.69 27.87 16.97
N HIS C 496 -5.74 27.85 16.16
CA HIS C 496 -6.65 26.72 16.16
C HIS C 496 -6.05 25.54 15.41
N LYS C 497 -5.18 25.78 14.45
CA LYS C 497 -4.50 24.66 13.86
C LYS C 497 -3.74 23.90 15.00
N ILE C 498 -2.99 24.66 15.80
CA ILE C 498 -2.16 24.14 16.88
C ILE C 498 -3.00 23.39 17.91
N PHE C 499 -4.13 23.96 18.26
CA PHE C 499 -5.02 23.32 19.19
C PHE C 499 -5.52 21.99 18.63
N VAL C 500 -5.89 21.96 17.37
CA VAL C 500 -6.41 20.72 16.83
C VAL C 500 -5.35 19.61 16.83
N GLN C 501 -4.14 19.98 16.45
CA GLN C 501 -3.06 19.01 16.41
C GLN C 501 -2.75 18.47 17.82
N GLY C 502 -2.89 19.32 18.83
CA GLY C 502 -2.62 18.88 20.19
C GLY C 502 -3.64 17.93 20.77
N ILE C 503 -4.91 18.17 20.46
CA ILE C 503 -5.96 17.28 20.92
C ILE C 503 -5.70 15.92 20.28
N ILE C 504 -5.40 15.92 19.00
CA ILE C 504 -5.13 14.69 18.30
C ILE C 504 -3.94 13.96 18.89
N TRP C 505 -2.92 14.69 19.31
CA TRP C 505 -1.77 14.05 19.89
C TRP C 505 -2.06 13.62 21.32
N ASP C 506 -3.16 14.11 21.89
CA ASP C 506 -3.52 13.84 23.28
C ASP C 506 -2.56 14.50 24.28
N ILE C 507 -1.94 15.61 23.87
CA ILE C 507 -1.00 16.35 24.75
C ILE C 507 -1.60 17.66 25.19
N ASN C 508 -0.98 18.33 26.15
CA ASN C 508 -1.46 19.62 26.62
C ASN C 508 -0.79 20.74 25.82
N SER C 509 -1.54 21.47 25.02
CA SER C 509 -0.96 22.53 24.19
C SER C 509 -0.75 23.81 24.97
N PHE C 510 -1.22 23.84 26.20
CA PHE C 510 -1.30 25.10 26.92
C PHE C 510 -0.45 25.25 28.16
N ASP C 511 0.37 24.23 28.43
CA ASP C 511 1.43 24.34 29.45
C ASP C 511 2.78 24.37 28.77
N GLN C 512 3.84 24.55 29.55
CA GLN C 512 5.21 24.63 29.03
C GLN C 512 6.16 24.37 30.20
N TRP C 513 6.10 23.15 30.73
CA TRP C 513 6.90 22.79 31.88
C TRP C 513 8.37 22.80 31.46
N GLY C 514 8.61 22.59 30.18
CA GLY C 514 9.96 22.41 29.66
C GLY C 514 10.92 23.55 29.76
N VAL C 515 10.52 24.63 30.40
CA VAL C 515 11.37 25.78 30.61
C VAL C 515 11.98 25.75 32.03
N GLU C 516 11.21 25.18 32.97
CA GLU C 516 11.60 25.24 34.36
C GLU C 516 13.03 24.76 34.58
N LEU C 517 13.36 23.54 34.14
CA LEU C 517 14.70 22.97 34.39
C LEU C 517 15.87 23.96 34.22
N GLY C 518 16.00 24.53 33.03
CA GLY C 518 17.03 25.53 32.81
C GLY C 518 16.96 26.58 33.91
N LYS C 519 15.93 27.42 33.85
CA LYS C 519 15.74 28.47 34.85
C LYS C 519 16.31 28.11 36.23
N GLN C 520 15.99 26.92 36.70
CA GLN C 520 16.46 26.47 38.00
C GLN C 520 17.98 26.46 38.04
N LEU C 521 18.55 25.83 37.01
CA LEU C 521 19.98 25.72 36.91
C LEU C 521 20.65 27.06 36.76
N ALA C 522 19.97 28.04 36.17
CA ALA C 522 20.61 29.34 36.00
C ALA C 522 20.79 29.92 37.37
N LYS C 523 19.75 29.76 38.18
CA LYS C 523 19.79 30.33 39.49
C LYS C 523 20.99 29.79 40.28
N LYS C 524 21.26 28.51 40.15
CA LYS C 524 22.35 27.93 40.90
C LYS C 524 23.67 28.51 40.47
N ILE C 525 23.83 28.60 39.16
CA ILE C 525 25.08 29.03 38.55
C ILE C 525 25.44 30.55 38.66
N GLU C 526 24.47 31.45 38.76
CA GLU C 526 24.81 32.86 38.88
C GLU C 526 25.89 33.20 39.91
N PRO C 527 25.66 32.84 41.17
CA PRO C 527 26.64 33.17 42.23
C PRO C 527 28.01 32.58 41.97
N GLU C 528 28.09 31.39 41.40
CA GLU C 528 29.39 30.79 41.14
C GLU C 528 30.21 31.56 40.10
N LEU C 529 29.62 32.57 39.46
CA LEU C 529 30.33 33.28 38.39
C LEU C 529 31.16 34.43 38.94
N ASP C 530 30.72 34.97 40.06
CA ASP C 530 31.43 36.04 40.74
C ASP C 530 32.70 35.47 41.36
N GLY C 531 33.84 36.06 41.00
CA GLY C 531 35.10 35.64 41.57
C GLY C 531 36.03 34.98 40.58
N SER C 532 37.28 34.80 41.00
CA SER C 532 38.30 34.17 40.17
C SER C 532 38.48 32.72 40.58
N ALA C 533 37.68 32.28 41.54
CA ALA C 533 37.78 30.92 42.02
C ALA C 533 37.24 29.95 40.96
N GLN C 534 38.01 28.90 40.71
CA GLN C 534 37.63 27.90 39.74
C GLN C 534 36.49 27.03 40.26
N VAL C 535 35.46 26.82 39.43
CA VAL C 535 34.31 25.98 39.81
C VAL C 535 34.55 24.53 39.37
N THR C 536 34.21 23.58 40.24
CA THR C 536 34.43 22.17 39.93
C THR C 536 33.23 21.33 40.26
N SER C 537 32.16 21.99 40.72
CA SER C 537 30.97 21.31 41.23
C SER C 537 29.94 20.80 40.21
N HIS C 538 30.20 20.88 38.91
CA HIS C 538 29.24 20.42 37.90
C HIS C 538 29.90 19.32 37.05
N ASP C 539 29.20 18.84 36.05
CA ASP C 539 29.85 17.97 35.09
C ASP C 539 31.09 18.73 34.59
N ALA C 540 32.04 18.04 33.99
CA ALA C 540 33.28 18.69 33.57
C ALA C 540 33.12 19.81 32.51
N SER C 541 32.14 19.69 31.60
CA SER C 541 31.93 20.68 30.54
C SER C 541 31.54 22.02 31.13
N THR C 542 30.48 22.02 31.91
CA THR C 542 30.01 23.22 32.59
C THR C 542 31.13 23.85 33.42
N ASN C 543 31.93 23.03 34.10
CA ASN C 543 33.07 23.55 34.86
C ASN C 543 34.07 24.18 33.92
N GLY C 544 34.40 23.48 32.84
CA GLY C 544 35.41 23.99 31.90
C GLY C 544 35.01 25.33 31.27
N LEU C 545 33.74 25.45 30.89
CA LEU C 545 33.20 26.69 30.33
C LEU C 545 33.21 27.84 31.37
N ILE C 546 32.66 27.61 32.55
CA ILE C 546 32.73 28.63 33.58
C ILE C 546 34.16 29.10 33.77
N ASN C 547 35.09 28.16 33.91
CA ASN C 547 36.45 28.54 34.20
C ASN C 547 37.08 29.25 33.02
N PHE C 548 36.67 28.94 31.80
CA PHE C 548 37.24 29.63 30.65
C PHE C 548 36.73 31.06 30.69
N ILE C 549 35.49 31.22 31.13
CA ILE C 549 34.87 32.52 31.18
C ILE C 549 35.62 33.38 32.16
N LYS C 550 35.84 32.81 33.33
CA LYS C 550 36.52 33.50 34.42
C LYS C 550 37.89 33.95 34.01
N GLN C 551 38.60 33.10 33.29
CA GLN C 551 39.94 33.43 32.85
C GLN C 551 39.87 34.55 31.80
N GLN C 552 39.05 34.35 30.77
CA GLN C 552 38.95 35.31 29.67
C GLN C 552 38.31 36.63 30.03
N ARG C 553 37.73 36.68 31.21
CA ARG C 553 37.13 37.89 31.70
C ARG C 553 38.15 39.00 31.83
N GLU C 554 39.39 38.61 32.15
CA GLU C 554 40.48 39.55 32.41
C GLU C 554 41.26 39.95 31.17
N ALA C 555 41.05 39.19 30.09
CA ALA C 555 41.76 39.39 28.85
C ALA C 555 41.41 40.73 28.23
N ARG C 556 42.38 41.32 27.53
CA ARG C 556 42.16 42.59 26.85
C ARG C 556 42.46 42.39 25.40
N VAL C 557 41.42 42.37 24.59
CA VAL C 557 41.56 42.23 23.15
C VAL C 557 41.14 43.55 22.54
N MET D 1 24.14 3.68 -5.34
CA MET D 1 24.89 4.06 -4.11
C MET D 1 25.97 5.09 -4.40
N ALA D 2 26.10 6.07 -3.51
CA ALA D 2 27.14 7.10 -3.61
C ALA D 2 28.41 6.83 -2.78
N ALA D 3 29.39 7.70 -2.99
CA ALA D 3 30.72 7.65 -2.38
C ALA D 3 30.73 7.46 -0.88
N LEU D 4 29.99 8.30 -0.17
CA LEU D 4 29.96 8.18 1.27
C LEU D 4 29.47 6.80 1.71
N THR D 5 28.38 6.31 1.12
CA THR D 5 27.79 5.03 1.50
C THR D 5 28.67 3.81 1.22
N ARG D 6 29.53 3.91 0.20
CA ARG D 6 30.45 2.84 -0.13
C ARG D 6 31.68 2.89 0.77
N ASP D 7 32.03 4.10 1.17
CA ASP D 7 33.22 4.34 1.96
C ASP D 7 33.31 3.36 3.12
N PRO D 8 34.39 2.59 3.14
CA PRO D 8 34.64 1.67 4.24
C PRO D 8 34.50 2.35 5.60
N GLN D 9 35.09 3.52 5.77
CA GLN D 9 35.04 4.22 7.05
C GLN D 9 33.62 4.59 7.48
N PHE D 10 32.80 5.06 6.55
CA PHE D 10 31.41 5.39 6.86
C PHE D 10 30.68 4.15 7.33
N GLN D 11 30.85 3.07 6.60
CA GLN D 11 30.22 1.80 6.93
C GLN D 11 30.60 1.34 8.32
N LYS D 12 31.88 1.50 8.65
CA LYS D 12 32.37 1.14 9.98
C LYS D 12 31.66 2.06 10.98
N LEU D 13 31.53 3.33 10.65
CA LEU D 13 30.82 4.30 11.48
C LEU D 13 29.38 3.84 11.76
N GLN D 14 28.64 3.51 10.69
CA GLN D 14 27.24 3.08 10.78
C GLN D 14 27.12 1.85 11.64
N GLN D 15 27.94 0.86 11.33
CA GLN D 15 28.00 -0.34 12.13
C GLN D 15 28.17 0.04 13.60
N TRP D 16 29.12 0.91 13.91
CA TRP D 16 29.31 1.28 15.30
C TRP D 16 28.01 1.79 15.90
N TYR D 17 27.39 2.72 15.17
CA TYR D 17 26.13 3.30 15.59
C TYR D 17 25.10 2.24 15.96
N ARG D 18 24.90 1.30 15.04
CA ARG D 18 23.94 0.20 15.22
C ARG D 18 24.23 -0.66 16.45
N GLU D 19 25.51 -0.92 16.73
CA GLU D 19 25.83 -1.79 17.85
C GLU D 19 25.94 -1.12 19.23
N HIS D 20 26.12 0.21 19.28
CA HIS D 20 26.34 0.89 20.57
C HIS D 20 25.47 2.13 20.90
N ARG D 21 24.64 2.57 19.96
CA ARG D 21 23.77 3.70 20.25
C ARG D 21 23.44 3.79 21.74
N SER D 22 23.02 2.68 22.33
CA SER D 22 22.55 2.64 23.73
C SER D 22 23.55 3.08 24.81
N GLU D 23 24.83 3.08 24.52
CA GLU D 23 25.80 3.48 25.55
C GLU D 23 26.13 4.97 25.40
N LEU D 24 25.41 5.66 24.54
CA LEU D 24 25.67 7.07 24.36
C LEU D 24 24.75 7.90 25.26
N ASN D 25 25.11 7.94 26.55
CA ASN D 25 24.36 8.69 27.54
C ASN D 25 25.29 9.64 28.30
N LEU D 26 25.10 10.93 28.06
CA LEU D 26 25.98 11.97 28.60
C LEU D 26 26.16 11.99 30.12
N ARG D 27 25.10 11.81 30.88
CA ARG D 27 25.23 11.79 32.33
C ARG D 27 26.27 10.76 32.73
N ARG D 28 26.32 9.70 31.94
CA ARG D 28 27.19 8.58 32.22
C ARG D 28 28.61 8.78 31.70
N LEU D 29 28.73 9.30 30.49
CA LEU D 29 30.04 9.51 29.93
C LEU D 29 30.84 10.50 30.75
N PHE D 30 30.15 11.44 31.38
CA PHE D 30 30.81 12.45 32.20
C PHE D 30 31.18 11.87 33.57
N ASP D 31 30.28 11.10 34.16
CA ASP D 31 30.53 10.51 35.45
C ASP D 31 31.69 9.50 35.38
N ALA D 32 31.85 8.88 34.23
CA ALA D 32 32.93 7.92 34.05
C ALA D 32 34.27 8.57 33.77
N ASN D 33 34.29 9.81 33.26
CA ASN D 33 35.56 10.43 32.84
C ASN D 33 35.66 11.92 33.19
N LYS D 34 36.39 12.27 34.23
CA LYS D 34 36.58 13.68 34.60
C LYS D 34 37.42 14.44 33.57
N ASP D 35 38.14 13.71 32.73
CA ASP D 35 38.95 14.32 31.68
C ASP D 35 38.12 14.60 30.40
N ARG D 36 36.82 14.34 30.42
CA ARG D 36 35.98 14.46 29.23
C ARG D 36 36.00 15.86 28.61
N PHE D 37 36.00 16.88 29.47
CA PHE D 37 36.10 18.25 28.95
C PHE D 37 37.41 18.45 28.18
N ASN D 38 38.52 18.06 28.80
CA ASN D 38 39.87 18.26 28.21
C ASN D 38 40.05 17.54 26.87
N HIS D 39 39.51 16.35 26.75
CA HIS D 39 39.71 15.55 25.55
C HIS D 39 38.75 15.84 24.40
N PHE D 40 37.63 16.48 24.70
CA PHE D 40 36.60 16.73 23.71
C PHE D 40 36.33 18.25 23.57
N SER D 41 37.40 19.04 23.60
CA SER D 41 37.27 20.49 23.48
C SER D 41 38.52 21.04 22.83
N LEU D 42 38.42 22.24 22.28
CA LEU D 42 39.57 22.91 21.70
C LEU D 42 39.56 24.31 22.20
N THR D 43 40.70 24.81 22.63
CA THR D 43 40.75 26.21 22.94
C THR D 43 41.82 26.73 22.05
N LEU D 44 41.41 27.56 21.11
CA LEU D 44 42.32 28.23 20.18
C LEU D 44 42.56 29.65 20.67
N ASN D 45 43.82 30.07 20.53
CA ASN D 45 44.21 31.45 20.79
C ASN D 45 44.53 32.09 19.46
N THR D 46 43.77 33.11 19.06
CA THR D 46 44.03 33.78 17.80
C THR D 46 45.03 34.91 17.94
N ASN D 47 45.26 35.33 19.18
CA ASN D 47 46.11 36.50 19.51
C ASN D 47 45.28 37.79 19.44
N HIS D 48 44.03 37.61 19.05
CA HIS D 48 43.07 38.70 19.08
C HIS D 48 41.83 38.22 19.83
N GLY D 49 42.05 37.25 20.71
CA GLY D 49 41.00 36.67 21.52
C GLY D 49 40.99 35.15 21.45
N HIS D 50 40.41 34.53 22.47
CA HIS D 50 40.31 33.09 22.49
C HIS D 50 38.96 32.57 22.03
N ILE D 51 39.01 31.37 21.49
CA ILE D 51 37.84 30.63 21.03
C ILE D 51 37.87 29.23 21.62
N LEU D 52 36.93 28.92 22.50
CA LEU D 52 36.79 27.57 23.01
C LEU D 52 35.63 26.89 22.30
N VAL D 53 35.94 25.79 21.64
CA VAL D 53 34.95 25.00 20.98
C VAL D 53 34.90 23.77 21.85
N ASP D 54 33.86 23.70 22.69
CA ASP D 54 33.66 22.60 23.61
C ASP D 54 32.58 21.71 23.02
N TYR D 55 33.01 20.57 22.48
CA TYR D 55 32.10 19.63 21.83
C TYR D 55 31.85 18.44 22.72
N SER D 56 32.13 18.61 24.01
CA SER D 56 32.02 17.52 24.94
C SER D 56 30.62 17.06 25.32
N LYS D 57 29.60 17.92 25.18
CA LYS D 57 28.24 17.46 25.50
C LYS D 57 27.60 16.80 24.29
N ASN D 58 28.41 16.22 23.42
CA ASN D 58 27.91 15.47 22.27
C ASN D 58 27.87 13.98 22.54
N LEU D 59 27.10 13.26 21.74
CA LEU D 59 26.94 11.82 21.98
C LEU D 59 28.04 11.06 21.23
N VAL D 60 29.27 11.24 21.68
CA VAL D 60 30.45 10.63 21.08
C VAL D 60 31.46 10.17 22.13
N THR D 61 32.34 9.26 21.72
CA THR D 61 33.37 8.72 22.60
C THR D 61 34.67 8.84 21.87
N GLU D 62 35.77 8.53 22.51
CA GLU D 62 37.05 8.63 21.81
C GLU D 62 37.06 7.83 20.49
N ASP D 63 36.57 6.58 20.52
CA ASP D 63 36.53 5.74 19.32
C ASP D 63 35.70 6.41 18.19
N VAL D 64 34.49 6.86 18.51
CA VAL D 64 33.65 7.58 17.54
C VAL D 64 34.38 8.75 16.91
N MET D 65 35.02 9.59 17.72
CA MET D 65 35.79 10.69 17.15
C MET D 65 36.89 10.21 16.19
N ARG D 66 37.58 9.15 16.58
CA ARG D 66 38.68 8.62 15.77
C ARG D 66 38.15 8.10 14.45
N MET D 67 37.01 7.42 14.46
CA MET D 67 36.44 6.97 13.20
C MET D 67 36.04 8.17 12.31
N LEU D 68 35.49 9.22 12.93
CA LEU D 68 35.05 10.38 12.15
C LEU D 68 36.24 11.01 11.45
N VAL D 69 37.37 11.08 12.13
CA VAL D 69 38.57 11.63 11.53
C VAL D 69 38.97 10.76 10.36
N ASP D 70 38.92 9.44 10.55
CA ASP D 70 39.27 8.49 9.48
C ASP D 70 38.40 8.72 8.24
N LEU D 71 37.13 9.05 8.47
CA LEU D 71 36.22 9.36 7.39
C LEU D 71 36.67 10.58 6.63
N ALA D 72 37.18 11.57 7.35
CA ALA D 72 37.62 12.78 6.67
C ALA D 72 38.85 12.44 5.85
N LYS D 73 39.69 11.57 6.39
CA LYS D 73 40.93 11.17 5.72
C LYS D 73 40.55 10.38 4.47
N SER D 74 39.76 9.35 4.68
CA SER D 74 39.28 8.54 3.59
C SER D 74 38.51 9.36 2.52
N ARG D 75 37.75 10.37 2.94
CA ARG D 75 36.98 11.15 1.94
C ARG D 75 37.84 12.20 1.26
N GLY D 76 39.07 12.37 1.70
CA GLY D 76 40.00 13.26 1.03
C GLY D 76 39.85 14.73 1.38
N VAL D 77 39.48 15.00 2.62
CA VAL D 77 39.22 16.36 3.06
C VAL D 77 40.39 17.31 2.83
N GLU D 78 41.59 16.88 3.17
CA GLU D 78 42.79 17.73 3.07
C GLU D 78 43.20 18.03 1.66
N ALA D 79 43.13 17.01 0.80
CA ALA D 79 43.40 17.19 -0.62
C ALA D 79 42.41 18.20 -1.22
N ALA D 80 41.12 18.01 -0.93
CA ALA D 80 40.13 18.98 -1.42
C ALA D 80 40.42 20.36 -0.85
N ARG D 81 40.83 20.44 0.41
CA ARG D 81 41.11 21.73 1.01
C ARG D 81 42.18 22.42 0.16
N GLU D 82 43.26 21.69 -0.14
CA GLU D 82 44.35 22.26 -0.93
C GLU D 82 43.87 22.67 -2.31
N ARG D 83 43.02 21.85 -2.91
CA ARG D 83 42.46 22.20 -4.22
C ARG D 83 41.79 23.59 -4.12
N MET D 84 40.94 23.77 -3.11
CA MET D 84 40.28 25.07 -2.93
C MET D 84 41.33 26.16 -2.74
N PHE D 85 42.25 25.94 -1.82
CA PHE D 85 43.27 26.95 -1.53
C PHE D 85 44.26 27.16 -2.66
N ASN D 86 44.43 26.14 -3.51
CA ASN D 86 45.39 26.27 -4.61
C ASN D 86 44.78 26.90 -5.86
N GLY D 87 43.47 27.14 -5.83
CA GLY D 87 42.80 27.83 -6.92
C GLY D 87 42.22 26.98 -8.03
N GLU D 88 42.23 25.66 -7.86
CA GLU D 88 41.68 24.79 -8.89
C GLU D 88 40.18 25.01 -9.05
N LYS D 89 39.66 24.55 -10.19
CA LYS D 89 38.24 24.73 -10.53
C LYS D 89 37.31 23.76 -9.82
N ILE D 90 37.29 23.79 -8.49
CA ILE D 90 36.48 22.84 -7.70
C ILE D 90 34.94 23.06 -7.76
N ASN D 91 34.51 24.20 -8.30
CA ASN D 91 33.10 24.38 -8.58
C ASN D 91 32.92 23.71 -9.94
N TYR D 92 32.94 22.38 -9.95
CA TYR D 92 33.03 21.64 -11.18
C TYR D 92 31.91 21.89 -12.19
N THR D 93 30.68 21.97 -11.69
CA THR D 93 29.51 22.12 -12.56
C THR D 93 29.45 23.45 -13.28
N GLU D 94 30.16 24.45 -12.77
CA GLU D 94 30.18 25.77 -13.41
C GLU D 94 31.57 26.05 -14.00
N GLY D 95 32.52 25.19 -13.69
CA GLY D 95 33.89 25.39 -14.13
C GLY D 95 34.54 26.58 -13.43
N ARG D 96 34.36 26.72 -12.13
CA ARG D 96 34.97 27.86 -11.45
C ARG D 96 35.87 27.51 -10.30
N ALA D 97 36.84 28.37 -10.06
CA ALA D 97 37.63 28.24 -8.85
C ALA D 97 36.74 28.79 -7.72
N VAL D 98 37.06 28.42 -6.49
CA VAL D 98 36.29 28.83 -5.32
C VAL D 98 37.25 29.41 -4.31
N LEU D 99 37.26 30.72 -4.24
CA LEU D 99 38.33 31.44 -3.56
C LEU D 99 37.90 32.63 -2.71
N HIS D 100 37.00 32.37 -1.77
CA HIS D 100 36.62 33.45 -0.86
C HIS D 100 37.82 33.71 0.06
N VAL D 101 38.68 32.71 0.21
CA VAL D 101 39.88 32.83 1.04
C VAL D 101 40.88 33.84 0.50
N ALA D 102 40.88 34.02 -0.83
CA ALA D 102 41.76 34.96 -1.48
C ALA D 102 41.39 36.37 -1.10
N LEU D 103 40.09 36.60 -0.97
CA LEU D 103 39.58 37.91 -0.57
C LEU D 103 40.23 38.37 0.71
N ARG D 104 40.34 37.48 1.69
CA ARG D 104 40.88 37.90 2.97
C ARG D 104 42.30 37.41 3.18
N ASN D 105 42.99 37.14 2.06
CA ASN D 105 44.37 36.60 2.09
C ASN D 105 45.37 37.68 2.46
N ARG D 106 45.50 37.96 3.75
CA ARG D 106 46.27 39.11 4.20
C ARG D 106 47.77 39.00 3.98
N SER D 107 48.28 37.78 3.94
CA SER D 107 49.70 37.55 3.78
C SER D 107 50.12 37.89 2.34
N ASN D 108 49.14 37.85 1.45
CA ASN D 108 49.32 38.15 0.02
C ASN D 108 50.11 37.10 -0.77
N THR D 109 50.23 35.90 -0.20
CA THR D 109 50.85 34.81 -0.92
C THR D 109 50.11 34.69 -2.25
N PRO D 110 50.81 34.37 -3.33
CA PRO D 110 50.18 34.24 -4.65
C PRO D 110 49.18 33.08 -4.79
N ILE D 111 48.01 33.40 -5.32
CA ILE D 111 46.96 32.42 -5.60
C ILE D 111 46.59 32.57 -7.07
N LEU D 112 46.81 31.52 -7.84
CA LEU D 112 46.67 31.61 -9.28
C LEU D 112 45.45 30.93 -9.82
N VAL D 113 44.71 31.64 -10.66
CA VAL D 113 43.63 31.01 -11.38
C VAL D 113 44.01 31.22 -12.84
N ASP D 114 44.12 30.12 -13.58
CA ASP D 114 44.52 30.19 -14.98
C ASP D 114 45.94 30.78 -15.06
N GLY D 115 46.81 30.33 -14.16
CA GLY D 115 48.19 30.79 -14.11
C GLY D 115 48.35 32.25 -13.71
N LYS D 116 47.26 32.94 -13.42
CA LYS D 116 47.34 34.35 -13.03
C LYS D 116 47.05 34.59 -11.54
N ASP D 117 47.93 35.32 -10.88
CA ASP D 117 47.73 35.71 -9.49
C ASP D 117 46.56 36.71 -9.33
N VAL D 118 45.59 36.38 -8.49
CA VAL D 118 44.44 37.25 -8.23
C VAL D 118 44.66 38.31 -7.16
N MET D 119 45.68 38.13 -6.31
CA MET D 119 45.91 39.05 -5.20
C MET D 119 46.04 40.50 -5.64
N PRO D 120 46.73 40.76 -6.75
CA PRO D 120 46.89 42.14 -7.20
C PRO D 120 45.53 42.75 -7.50
N GLU D 121 44.67 41.96 -8.11
CA GLU D 121 43.34 42.43 -8.49
C GLU D 121 42.49 42.61 -7.22
N VAL D 122 42.55 41.62 -6.33
CA VAL D 122 41.84 41.71 -5.06
C VAL D 122 42.25 42.95 -4.29
N ASN D 123 43.56 43.20 -4.26
CA ASN D 123 44.07 44.31 -3.48
C ASN D 123 43.78 45.69 -4.05
N LYS D 124 43.51 45.74 -5.35
CA LYS D 124 43.20 46.99 -6.04
C LYS D 124 41.80 47.41 -5.62
N VAL D 125 40.86 46.46 -5.62
CA VAL D 125 39.51 46.79 -5.20
C VAL D 125 39.54 47.17 -3.72
N LEU D 126 40.30 46.44 -2.92
CA LEU D 126 40.42 46.79 -1.51
C LEU D 126 40.89 48.22 -1.36
N ASP D 127 41.96 48.62 -2.05
CA ASP D 127 42.45 50.01 -1.97
C ASP D 127 41.39 51.01 -2.41
N LYS D 128 40.74 50.67 -3.51
CA LYS D 128 39.68 51.50 -4.05
C LYS D 128 38.56 51.61 -3.00
N MET D 129 38.36 50.55 -2.23
CA MET D 129 37.33 50.58 -1.18
C MET D 129 37.81 51.45 -0.03
N LYS D 130 39.07 51.27 0.36
CA LYS D 130 39.63 52.05 1.44
C LYS D 130 39.52 53.54 1.13
N SER D 131 39.89 53.92 -0.09
CA SER D 131 39.84 55.34 -0.46
C SER D 131 38.43 55.89 -0.42
N PHE D 132 37.49 55.12 -0.96
CA PHE D 132 36.10 55.57 -1.04
C PHE D 132 35.48 55.77 0.36
N CYS D 133 35.75 54.84 1.28
CA CYS D 133 35.22 54.94 2.64
C CYS D 133 35.76 56.16 3.39
N GLN D 134 37.07 56.37 3.34
CA GLN D 134 37.69 57.56 3.95
C GLN D 134 37.01 58.83 3.39
N ARG D 135 36.80 58.83 2.08
CA ARG D 135 36.16 59.97 1.41
C ARG D 135 34.70 60.20 1.87
N VAL D 136 33.92 59.13 2.06
CA VAL D 136 32.54 59.28 2.53
C VAL D 136 32.46 59.48 4.04
N ARG D 137 33.41 58.92 4.76
CA ARG D 137 33.40 59.04 6.22
C ARG D 137 33.97 60.36 6.75
N SER D 138 34.83 61.02 5.96
CA SER D 138 35.42 62.29 6.37
C SER D 138 34.49 63.48 6.14
N GLY D 139 33.79 63.45 5.01
CA GLY D 139 32.90 64.52 4.61
C GLY D 139 33.24 64.93 3.18
N ASP D 140 34.48 64.62 2.80
CA ASP D 140 35.00 64.93 1.49
C ASP D 140 34.03 64.63 0.33
N TRP D 141 33.33 63.50 0.36
CA TRP D 141 32.37 63.16 -0.69
C TRP D 141 31.07 63.88 -0.42
N LYS D 142 30.62 64.70 -1.37
CA LYS D 142 29.47 65.56 -1.14
C LYS D 142 28.24 65.23 -1.99
N GLY D 143 27.06 65.54 -1.46
CA GLY D 143 25.81 65.31 -2.19
C GLY D 143 25.60 66.25 -3.36
N TYR D 144 24.50 66.09 -4.10
CA TYR D 144 24.27 66.92 -5.27
C TYR D 144 24.06 68.38 -4.90
N THR D 145 23.91 68.66 -3.59
CA THR D 145 23.77 70.01 -3.05
C THR D 145 24.88 70.37 -2.04
N GLY D 146 25.95 69.60 -2.00
CA GLY D 146 27.05 69.89 -1.10
C GLY D 146 26.89 69.45 0.36
N LYS D 147 25.98 68.51 0.64
CA LYS D 147 25.86 67.99 1.99
C LYS D 147 26.67 66.69 2.10
N THR D 148 27.08 66.38 3.33
CA THR D 148 27.77 65.12 3.60
C THR D 148 26.74 64.00 3.57
N ILE D 149 27.22 62.78 3.32
CA ILE D 149 26.37 61.60 3.34
C ILE D 149 26.05 61.19 4.77
N THR D 150 24.79 60.85 5.02
CA THR D 150 24.36 60.44 6.35
C THR D 150 23.74 59.06 6.32
N ASP D 151 23.52 58.52 5.12
CA ASP D 151 22.80 57.29 4.99
C ASP D 151 23.30 56.51 3.82
N VAL D 152 23.40 55.20 4.01
CA VAL D 152 23.90 54.32 2.98
C VAL D 152 22.88 53.20 2.86
N ILE D 153 22.39 52.99 1.65
CA ILE D 153 21.39 52.00 1.36
C ILE D 153 21.97 50.99 0.42
N ASN D 154 22.06 49.76 0.90
CA ASN D 154 22.52 48.68 0.08
C ASN D 154 21.28 48.13 -0.57
N ILE D 155 21.40 47.72 -1.84
CA ILE D 155 20.27 47.16 -2.58
C ILE D 155 20.77 45.90 -3.22
N GLY D 156 20.28 44.80 -2.70
CA GLY D 156 20.76 43.49 -3.08
C GLY D 156 19.93 42.47 -2.39
N ILE D 157 20.10 41.22 -2.79
CA ILE D 157 19.30 40.14 -2.25
C ILE D 157 20.16 38.90 -2.15
N GLY D 158 19.85 38.03 -1.20
CA GLY D 158 20.59 36.80 -1.05
C GLY D 158 22.00 37.08 -0.58
N GLY D 159 22.96 36.49 -1.29
CA GLY D 159 24.37 36.71 -1.02
C GLY D 159 24.82 38.14 -1.06
N SER D 160 24.04 39.03 -1.68
CA SER D 160 24.42 40.45 -1.80
C SER D 160 23.68 41.33 -0.79
N ASP D 161 23.19 40.71 0.26
CA ASP D 161 22.39 41.39 1.23
C ASP D 161 22.67 40.88 2.63
N LEU D 162 22.47 39.59 2.82
CA LEU D 162 22.50 38.99 4.16
C LEU D 162 23.84 39.11 4.90
N GLY D 163 24.95 38.89 4.20
CA GLY D 163 26.27 39.06 4.79
C GLY D 163 26.45 40.40 5.46
N PRO D 164 26.44 41.47 4.65
CA PRO D 164 26.63 42.82 5.16
C PRO D 164 25.55 43.22 6.18
N LEU D 165 24.32 42.76 6.00
CA LEU D 165 23.31 43.06 7.01
C LEU D 165 23.72 42.44 8.36
N MET D 166 24.03 41.15 8.33
CA MET D 166 24.40 40.39 9.55
C MET D 166 25.59 41.01 10.24
N VAL D 167 26.60 41.35 9.47
CA VAL D 167 27.82 41.91 10.02
C VAL D 167 27.65 43.30 10.61
N THR D 168 26.89 44.17 9.91
CA THR D 168 26.71 45.51 10.41
C THR D 168 25.89 45.44 11.69
N GLU D 169 24.86 44.62 11.67
CA GLU D 169 24.11 44.44 12.87
C GLU D 169 25.05 43.97 13.93
N ALA D 170 25.90 42.99 13.61
CA ALA D 170 26.76 42.39 14.63
C ALA D 170 27.84 43.34 15.13
N LEU D 171 28.20 44.32 14.31
CA LEU D 171 29.26 45.23 14.70
C LEU D 171 28.78 46.67 14.90
N LYS D 172 27.52 46.82 15.22
CA LYS D 172 26.94 48.15 15.43
C LYS D 172 27.81 49.02 16.37
N PRO D 173 28.41 48.47 17.41
CA PRO D 173 29.23 49.31 18.30
C PRO D 173 30.48 49.92 17.65
N TYR D 174 30.91 49.40 16.51
CA TYR D 174 32.08 49.95 15.81
C TYR D 174 31.68 50.95 14.70
N SER D 175 30.51 51.57 14.84
CA SER D 175 29.93 52.42 13.83
C SER D 175 29.86 53.92 14.20
N SER D 176 30.40 54.27 15.36
CA SER D 176 30.39 55.63 15.80
C SER D 176 31.13 56.40 14.75
N GLY D 177 30.55 57.52 14.34
CA GLY D 177 31.17 58.39 13.36
C GLY D 177 30.85 57.96 11.94
N GLY D 178 30.13 56.85 11.79
CA GLY D 178 29.78 56.36 10.47
C GLY D 178 28.35 56.74 10.12
N PRO D 179 28.03 56.66 8.83
CA PRO D 179 26.68 56.96 8.35
C PRO D 179 25.77 55.76 8.53
N ARG D 180 24.48 55.98 8.75
CA ARG D 180 23.55 54.87 8.93
C ARG D 180 23.58 53.94 7.73
N VAL D 181 23.34 52.65 7.95
CA VAL D 181 23.24 51.71 6.85
C VAL D 181 21.83 51.17 6.77
N TRP D 182 21.34 51.01 5.55
CA TRP D 182 20.02 50.48 5.33
C TRP D 182 20.15 49.32 4.36
N TYR D 183 19.30 48.31 4.53
CA TYR D 183 19.37 47.13 3.69
C TYR D 183 18.02 46.82 3.07
N VAL D 184 17.97 47.03 1.76
CA VAL D 184 16.81 46.86 0.95
C VAL D 184 17.04 45.66 0.07
N SER D 185 16.11 44.71 0.09
CA SER D 185 16.33 43.48 -0.59
C SER D 185 15.16 42.84 -1.23
N ASN D 186 14.05 42.69 -0.53
CA ASN D 186 12.83 42.05 -1.07
C ASN D 186 12.26 42.86 -2.21
N ILE D 187 11.70 42.20 -3.22
CA ILE D 187 11.01 42.93 -4.27
C ILE D 187 9.74 43.57 -3.74
N ASP D 188 9.12 42.96 -2.72
CA ASP D 188 7.95 43.53 -2.07
C ASP D 188 8.26 45.00 -1.90
N GLY D 189 7.41 45.83 -2.48
CA GLY D 189 7.66 47.25 -2.60
C GLY D 189 7.65 47.94 -1.27
N THR D 190 7.04 47.29 -0.29
CA THR D 190 7.06 47.81 1.05
C THR D 190 8.49 48.18 1.51
N HIS D 191 9.45 47.33 1.20
CA HIS D 191 10.84 47.49 1.66
C HIS D 191 11.50 48.80 1.21
N ILE D 192 11.64 48.98 -0.10
CA ILE D 192 12.20 50.22 -0.65
C ILE D 192 11.32 51.39 -0.22
N ALA D 193 10.01 51.21 -0.31
CA ALA D 193 9.08 52.30 0.02
C ALA D 193 9.21 52.84 1.45
N LYS D 194 9.36 51.96 2.42
CA LYS D 194 9.46 52.40 3.83
C LYS D 194 10.82 53.02 4.12
N THR D 195 11.80 52.65 3.31
CA THR D 195 13.15 53.15 3.47
C THR D 195 13.28 54.57 2.92
N LEU D 196 13.08 54.71 1.61
CA LEU D 196 13.09 56.01 0.95
C LEU D 196 12.29 57.04 1.69
N ALA D 197 11.16 56.66 2.26
CA ALA D 197 10.31 57.61 2.97
C ALA D 197 11.02 58.21 4.17
N GLN D 198 12.13 57.62 4.56
CA GLN D 198 12.86 58.08 5.73
C GLN D 198 14.17 58.75 5.33
N LEU D 199 14.36 58.93 4.02
CA LEU D 199 15.62 59.43 3.49
C LEU D 199 15.60 60.76 2.71
N ASN D 200 16.72 61.47 2.79
CA ASN D 200 16.91 62.71 2.07
C ASN D 200 17.81 62.40 0.90
N PRO D 201 17.35 62.65 -0.31
CA PRO D 201 18.14 62.36 -1.50
C PRO D 201 19.44 63.13 -1.54
N GLU D 202 19.49 64.25 -0.85
CA GLU D 202 20.70 65.08 -0.88
C GLU D 202 21.82 64.41 -0.12
N SER D 203 21.46 63.71 0.96
CA SER D 203 22.44 63.10 1.85
C SER D 203 22.52 61.58 1.80
N SER D 204 22.00 60.95 0.75
CA SER D 204 21.96 59.50 0.72
C SER D 204 22.74 58.85 -0.42
N LEU D 205 23.29 57.67 -0.17
CA LEU D 205 24.13 56.96 -1.13
C LEU D 205 23.68 55.53 -1.35
N PHE D 206 23.42 55.20 -2.60
CA PHE D 206 22.93 53.90 -2.93
C PHE D 206 24.03 53.06 -3.45
N ILE D 207 23.94 51.80 -3.06
CA ILE D 207 24.89 50.79 -3.41
C ILE D 207 24.09 49.67 -4.02
N ILE D 208 24.34 49.41 -5.29
CA ILE D 208 23.65 48.36 -6.00
C ILE D 208 24.55 47.15 -5.99
N ALA D 209 24.20 46.21 -5.13
CA ALA D 209 25.02 45.04 -4.94
C ALA D 209 24.37 43.88 -5.66
N SER D 210 25.05 43.40 -6.70
CA SER D 210 24.58 42.28 -7.51
C SER D 210 25.74 41.75 -8.37
N LYS D 211 26.13 40.49 -8.15
CA LYS D 211 27.22 39.89 -8.92
C LYS D 211 26.89 39.93 -10.41
N THR D 212 25.68 39.51 -10.76
CA THR D 212 25.24 39.50 -12.16
C THR D 212 24.72 40.84 -12.65
N PHE D 213 24.21 41.65 -11.74
CA PHE D 213 23.57 42.91 -12.09
C PHE D 213 22.37 42.69 -13.05
N THR D 214 21.76 41.51 -12.99
CA THR D 214 20.53 41.25 -13.74
C THR D 214 19.41 40.70 -12.84
N THR D 215 19.72 40.40 -11.57
CA THR D 215 18.72 39.81 -10.69
C THR D 215 17.46 40.67 -10.67
N GLN D 216 16.32 40.07 -11.00
CA GLN D 216 15.10 40.84 -11.17
C GLN D 216 14.84 41.73 -9.96
N GLU D 217 14.88 41.14 -8.77
CA GLU D 217 14.62 41.92 -7.57
C GLU D 217 15.52 43.14 -7.46
N THR D 218 16.83 42.97 -7.55
CA THR D 218 17.79 44.05 -7.31
C THR D 218 17.72 45.18 -8.34
N ILE D 219 17.59 44.82 -9.60
CA ILE D 219 17.50 45.83 -10.65
C ILE D 219 16.22 46.68 -10.51
N THR D 220 15.08 46.02 -10.31
CA THR D 220 13.82 46.73 -10.14
C THR D 220 13.93 47.73 -8.98
N ASN D 221 14.35 47.28 -7.79
CA ASN D 221 14.52 48.21 -6.66
C ASN D 221 15.49 49.30 -7.09
N ALA D 222 16.64 48.89 -7.62
CA ALA D 222 17.61 49.84 -8.13
C ALA D 222 16.94 50.85 -9.07
N GLU D 223 16.19 50.35 -10.07
CA GLU D 223 15.51 51.27 -10.99
C GLU D 223 14.57 52.21 -10.21
N THR D 224 13.96 51.71 -9.14
CA THR D 224 13.02 52.51 -8.36
C THR D 224 13.71 53.57 -7.54
N ALA D 225 14.87 53.21 -7.03
CA ALA D 225 15.59 54.12 -6.19
C ALA D 225 16.02 55.31 -7.06
N LYS D 226 16.56 54.98 -8.23
CA LYS D 226 17.00 55.97 -9.20
C LYS D 226 15.86 56.90 -9.61
N GLU D 227 14.68 56.33 -9.90
CA GLU D 227 13.53 57.15 -10.30
C GLU D 227 13.18 58.13 -9.18
N TRP D 228 13.31 57.68 -7.94
CA TRP D 228 13.06 58.52 -6.76
C TRP D 228 14.18 59.58 -6.55
N PHE D 229 15.42 59.23 -6.90
CA PHE D 229 16.50 60.18 -6.77
C PHE D 229 16.33 61.29 -7.83
N LEU D 230 16.03 60.87 -9.05
CA LEU D 230 15.86 61.79 -10.16
C LEU D 230 14.64 62.68 -9.95
N GLN D 231 13.56 62.11 -9.44
CA GLN D 231 12.37 62.89 -9.18
C GLN D 231 12.74 64.16 -8.42
N ALA D 232 13.85 64.12 -7.67
CA ALA D 232 14.26 65.27 -6.84
C ALA D 232 15.43 66.08 -7.38
N ALA D 233 16.43 65.40 -7.94
CA ALA D 233 17.66 66.04 -8.39
C ALA D 233 17.62 66.48 -9.87
N LYS D 234 16.73 65.89 -10.64
CA LYS D 234 16.51 66.27 -12.04
C LYS D 234 17.81 66.65 -12.70
N ASP D 235 18.62 65.65 -13.05
CA ASP D 235 19.92 65.89 -13.64
C ASP D 235 20.69 64.58 -13.64
N PRO D 236 20.54 63.83 -14.71
CA PRO D 236 21.07 62.47 -14.86
C PRO D 236 22.51 62.28 -14.43
N SER D 237 23.29 63.34 -14.35
CA SER D 237 24.70 63.24 -14.00
C SER D 237 24.96 63.28 -12.50
N ALA D 238 23.93 63.57 -11.70
CA ALA D 238 24.10 63.58 -10.26
C ALA D 238 24.17 62.13 -9.77
N VAL D 239 23.51 61.25 -10.52
CA VAL D 239 23.57 59.81 -10.29
C VAL D 239 24.96 59.37 -9.87
N ALA D 240 25.97 60.02 -10.44
CA ALA D 240 27.35 59.64 -10.20
C ALA D 240 27.85 59.99 -8.80
N LYS D 241 27.13 60.85 -8.09
CA LYS D 241 27.49 61.22 -6.73
C LYS D 241 26.66 60.44 -5.70
N HIS D 242 25.78 59.56 -6.18
CA HIS D 242 24.87 58.85 -5.30
C HIS D 242 24.57 57.38 -5.63
N PHE D 243 25.28 56.80 -6.60
CA PHE D 243 25.13 55.38 -6.93
C PHE D 243 26.45 54.79 -7.31
N VAL D 244 26.77 53.68 -6.68
CA VAL D 244 27.97 52.95 -7.01
C VAL D 244 27.52 51.52 -7.19
N ALA D 245 28.42 50.66 -7.64
CA ALA D 245 28.04 49.27 -7.93
C ALA D 245 29.08 48.29 -7.49
N LEU D 246 28.60 47.17 -6.95
CA LEU D 246 29.45 46.10 -6.54
C LEU D 246 29.05 44.97 -7.48
N SER D 247 29.89 44.63 -8.45
CA SER D 247 29.52 43.64 -9.45
C SER D 247 30.70 43.08 -10.25
N THR D 248 30.45 42.02 -11.00
CA THR D 248 31.46 41.45 -11.88
C THR D 248 31.16 41.75 -13.36
N ASN D 249 30.01 42.40 -13.62
CA ASN D 249 29.56 42.69 -14.98
C ASN D 249 29.57 44.18 -15.30
N THR D 250 30.71 44.65 -15.80
CA THR D 250 30.89 46.05 -16.13
C THR D 250 29.85 46.56 -17.12
N THR D 251 29.52 45.73 -18.10
CA THR D 251 28.61 46.11 -19.17
C THR D 251 27.20 46.47 -18.67
N LYS D 252 26.62 45.60 -17.86
CA LYS D 252 25.29 45.87 -17.32
C LYS D 252 25.28 47.07 -16.38
N VAL D 253 26.39 47.31 -15.70
CA VAL D 253 26.46 48.46 -14.81
C VAL D 253 26.34 49.72 -15.67
N LYS D 254 27.14 49.79 -16.73
CA LYS D 254 27.11 50.94 -17.63
C LYS D 254 25.70 51.10 -18.16
N GLU D 255 25.14 50.04 -18.70
CA GLU D 255 23.79 50.10 -19.23
C GLU D 255 22.78 50.55 -18.18
N PHE D 256 23.01 50.22 -16.91
CA PHE D 256 22.13 50.69 -15.84
C PHE D 256 22.32 52.19 -15.67
N GLY D 257 23.50 52.69 -16.03
CA GLY D 257 23.79 54.12 -15.94
C GLY D 257 24.75 54.51 -14.84
N ILE D 258 25.44 53.54 -14.26
CA ILE D 258 26.38 53.86 -13.20
C ILE D 258 27.76 54.16 -13.76
N ASP D 259 28.36 55.25 -13.31
CA ASP D 259 29.70 55.65 -13.71
C ASP D 259 30.68 54.47 -13.52
N PRO D 260 31.53 54.20 -14.52
CA PRO D 260 32.48 53.08 -14.43
C PRO D 260 33.49 53.24 -13.27
N GLN D 261 33.67 54.46 -12.78
CA GLN D 261 34.57 54.71 -11.66
C GLN D 261 33.86 54.42 -10.35
N ASN D 262 32.55 54.26 -10.41
CA ASN D 262 31.74 54.00 -9.22
C ASN D 262 31.43 52.52 -9.07
N MET D 263 32.16 51.70 -9.82
CA MET D 263 31.99 50.25 -9.73
C MET D 263 33.11 49.63 -8.90
N PHE D 264 32.75 48.82 -7.91
CA PHE D 264 33.72 48.05 -7.16
C PHE D 264 33.52 46.62 -7.59
N GLU D 265 34.57 46.04 -8.15
CA GLU D 265 34.50 44.72 -8.75
C GLU D 265 34.87 43.56 -7.87
N PHE D 266 34.29 42.40 -8.17
CA PHE D 266 34.75 41.13 -7.65
C PHE D 266 34.78 40.15 -8.83
N TRP D 267 34.87 38.86 -8.56
CA TRP D 267 35.10 37.90 -9.63
C TRP D 267 34.21 36.70 -9.48
N ASP D 268 34.19 35.84 -10.50
CA ASP D 268 33.24 34.74 -10.51
C ASP D 268 33.58 33.69 -9.50
N TRP D 269 34.83 33.69 -9.02
CA TRP D 269 35.21 32.67 -8.07
C TRP D 269 34.70 33.01 -6.67
N VAL D 270 34.03 34.17 -6.55
CA VAL D 270 33.43 34.55 -5.28
C VAL D 270 31.95 34.20 -5.22
N GLY D 271 31.63 33.17 -4.47
CA GLY D 271 30.23 32.81 -4.27
C GLY D 271 29.50 33.93 -3.54
N GLY D 272 28.22 34.09 -3.87
CA GLY D 272 27.37 35.12 -3.31
C GLY D 272 27.30 35.04 -1.80
N ARG D 273 26.97 33.85 -1.32
CA ARG D 273 26.89 33.60 0.09
C ARG D 273 28.28 33.50 0.73
N TYR D 274 29.33 33.76 -0.06
CA TYR D 274 30.72 33.82 0.44
C TYR D 274 31.32 35.15 0.01
N SER D 275 30.50 36.15 -0.24
CA SER D 275 30.95 37.37 -0.87
C SER D 275 31.19 38.57 0.00
N LEU D 276 30.75 38.55 1.24
CA LEU D 276 30.83 39.72 2.10
C LEU D 276 32.25 40.18 2.30
N TRP D 277 33.16 39.27 2.06
CA TRP D 277 34.58 39.52 2.23
C TRP D 277 35.06 40.38 1.09
N SER D 278 34.29 40.45 0.00
CA SER D 278 34.64 41.21 -1.22
C SER D 278 34.01 42.59 -1.23
N ALA D 279 33.93 43.20 -2.42
CA ALA D 279 33.32 44.51 -2.64
C ALA D 279 31.93 44.64 -2.04
N ILE D 280 31.21 43.53 -2.04
CA ILE D 280 29.87 43.44 -1.46
C ILE D 280 29.88 43.92 -0.06
N GLY D 281 31.02 43.76 0.61
CA GLY D 281 31.14 44.24 1.95
C GLY D 281 31.35 45.74 2.01
N LEU D 282 31.19 46.44 0.88
CA LEU D 282 31.46 47.86 0.91
C LEU D 282 30.61 48.56 1.99
N SER D 283 29.35 48.16 2.12
CA SER D 283 28.49 48.76 3.15
C SER D 283 29.04 48.49 4.56
N ILE D 284 29.71 47.37 4.76
CA ILE D 284 30.34 47.09 6.06
C ILE D 284 31.44 48.10 6.25
N ALA D 285 32.30 48.19 5.25
CA ALA D 285 33.44 49.11 5.29
C ALA D 285 33.02 50.53 5.59
N LEU D 286 31.94 50.99 4.97
CA LEU D 286 31.45 52.35 5.22
C LEU D 286 30.94 52.59 6.64
N HIS D 287 30.10 51.68 7.12
CA HIS D 287 29.48 51.82 8.46
C HIS D 287 30.49 51.76 9.58
N VAL D 288 31.46 50.85 9.47
CA VAL D 288 32.41 50.69 10.57
C VAL D 288 33.83 51.13 10.30
N GLY D 289 34.10 51.58 9.09
CA GLY D 289 35.41 52.09 8.75
C GLY D 289 36.25 51.02 8.11
N PHE D 290 37.16 51.41 7.23
CA PHE D 290 37.90 50.40 6.50
C PHE D 290 38.88 49.60 7.36
N ASP D 291 39.36 50.21 8.44
CA ASP D 291 40.29 49.49 9.34
C ASP D 291 39.57 48.30 10.02
N ASN D 292 38.34 48.53 10.49
CA ASN D 292 37.60 47.46 11.12
C ASN D 292 37.29 46.40 10.08
N PHE D 293 37.06 46.83 8.84
CA PHE D 293 36.83 45.88 7.77
C PHE D 293 38.05 44.98 7.59
N GLU D 294 39.22 45.58 7.75
CA GLU D 294 40.48 44.87 7.62
C GLU D 294 40.61 43.87 8.73
N GLN D 295 40.27 44.27 9.95
CA GLN D 295 40.27 43.32 11.05
C GLN D 295 39.38 42.11 10.71
N LEU D 296 38.22 42.37 10.12
CA LEU D 296 37.28 41.31 9.80
C LEU D 296 37.91 40.34 8.82
N LEU D 297 38.56 40.87 7.80
CA LEU D 297 39.24 40.02 6.83
C LEU D 297 40.31 39.22 7.54
N SER D 298 40.99 39.85 8.51
CA SER D 298 42.06 39.15 9.20
C SER D 298 41.56 38.04 10.09
N GLY D 299 40.44 38.25 10.78
CA GLY D 299 39.87 37.21 11.60
C GLY D 299 39.68 35.99 10.71
N ALA D 300 39.12 36.22 9.54
CA ALA D 300 38.89 35.13 8.59
C ALA D 300 40.19 34.51 8.11
N HIS D 301 41.17 35.35 7.82
CA HIS D 301 42.47 34.86 7.40
C HIS D 301 43.00 33.94 8.50
N TRP D 302 42.99 34.42 9.74
CA TRP D 302 43.48 33.60 10.80
C TRP D 302 42.85 32.22 10.80
N MET D 303 41.54 32.16 10.74
CA MET D 303 40.84 30.88 10.76
C MET D 303 41.13 30.02 9.52
N ASP D 304 41.33 30.66 8.36
CA ASP D 304 41.71 29.93 7.14
C ASP D 304 42.99 29.13 7.41
N GLN D 305 43.96 29.79 8.07
CA GLN D 305 45.25 29.18 8.33
C GLN D 305 45.05 28.07 9.33
N HIS D 306 44.18 28.28 10.33
CA HIS D 306 43.97 27.24 11.33
C HIS D 306 43.46 25.99 10.67
N PHE D 307 42.59 26.19 9.71
CA PHE D 307 41.93 25.11 9.00
C PHE D 307 42.95 24.36 8.16
N ARG D 308 43.84 25.12 7.55
CA ARG D 308 44.85 24.59 6.66
C ARG D 308 46.00 23.85 7.33
N THR D 309 46.47 24.33 8.48
CA THR D 309 47.70 23.82 9.09
C THR D 309 47.48 22.97 10.34
N THR D 310 46.24 22.77 10.74
CA THR D 310 46.00 22.00 11.95
C THR D 310 45.61 20.54 11.64
N PRO D 311 46.21 19.59 12.34
CA PRO D 311 45.82 18.19 12.15
C PRO D 311 44.32 17.99 12.40
N LEU D 312 43.72 17.20 11.54
CA LEU D 312 42.29 17.00 11.49
C LEU D 312 41.65 16.87 12.86
N GLU D 313 42.32 16.16 13.75
CA GLU D 313 41.81 15.84 15.06
C GLU D 313 41.70 17.03 16.02
N LYS D 314 42.37 18.12 15.68
CA LYS D 314 42.34 19.34 16.51
C LYS D 314 41.77 20.50 15.70
N ASN D 315 41.21 20.21 14.54
CA ASN D 315 40.83 21.23 13.56
C ASN D 315 39.35 21.60 13.72
N ALA D 316 39.06 22.74 14.33
CA ALA D 316 37.68 23.20 14.60
C ALA D 316 36.64 22.93 13.50
N PRO D 317 36.74 23.63 12.38
CA PRO D 317 35.73 23.48 11.33
C PRO D 317 35.51 22.02 10.98
N VAL D 318 36.59 21.23 10.96
CA VAL D 318 36.52 19.80 10.64
C VAL D 318 35.78 19.04 11.73
N LEU D 319 36.04 19.35 12.99
CA LEU D 319 35.34 18.63 14.05
C LEU D 319 33.82 18.98 14.03
N LEU D 320 33.46 20.24 13.83
CA LEU D 320 32.06 20.62 13.79
C LEU D 320 31.31 19.86 12.68
N ALA D 321 31.98 19.74 11.52
CA ALA D 321 31.42 19.05 10.35
C ALA D 321 31.21 17.56 10.61
N LEU D 322 32.24 16.92 11.13
CA LEU D 322 32.14 15.51 11.44
C LEU D 322 31.00 15.30 12.44
N LEU D 323 30.94 16.16 13.45
CA LEU D 323 29.88 16.09 14.47
C LEU D 323 28.53 16.13 13.80
N GLY D 324 28.42 16.97 12.78
CA GLY D 324 27.18 17.09 12.06
C GLY D 324 26.85 15.87 11.20
N ILE D 325 27.88 15.31 10.56
CA ILE D 325 27.73 14.10 9.76
C ILE D 325 27.20 12.98 10.64
N TRP D 326 27.78 12.86 11.82
CA TRP D 326 27.39 11.86 12.81
C TRP D 326 25.92 12.02 13.08
N TYR D 327 25.51 13.25 13.36
CA TYR D 327 24.10 13.54 13.66
C TYR D 327 23.16 13.40 12.46
N ILE D 328 23.59 13.82 11.28
CA ILE D 328 22.75 13.77 10.09
C ILE D 328 22.67 12.39 9.42
N ASN D 329 23.82 11.79 9.16
CA ASN D 329 23.88 10.54 8.46
C ASN D 329 23.76 9.30 9.36
N CYS D 330 24.08 9.42 10.65
CA CYS D 330 23.85 8.28 11.55
C CYS D 330 22.54 8.41 12.36
N PHE D 331 22.37 9.47 13.16
CA PHE D 331 21.14 9.62 13.95
C PHE D 331 19.95 10.04 13.09
N GLY D 332 20.23 10.61 11.93
CA GLY D 332 19.20 11.06 11.00
C GLY D 332 18.46 12.34 11.38
N CYS D 333 19.15 13.26 12.06
CA CYS D 333 18.53 14.51 12.51
C CYS D 333 18.41 15.45 11.34
N GLU D 334 17.20 15.96 11.10
CA GLU D 334 16.95 16.90 10.00
C GLU D 334 17.52 18.27 10.18
N THR D 335 17.62 18.76 11.42
CA THR D 335 17.97 20.17 11.66
C THR D 335 19.15 20.42 12.56
N HIS D 336 19.58 21.67 12.56
CA HIS D 336 20.75 22.10 13.31
C HIS D 336 20.49 23.52 13.76
N ALA D 337 20.43 23.71 15.06
CA ALA D 337 20.12 25.00 15.60
C ALA D 337 21.38 25.77 15.90
N MET D 338 21.35 27.05 15.60
CA MET D 338 22.43 27.97 15.90
C MET D 338 21.82 29.03 16.81
N LEU D 339 22.34 29.09 18.01
CA LEU D 339 21.72 29.89 19.03
C LEU D 339 22.73 30.81 19.68
N PRO D 340 22.93 31.99 19.11
CA PRO D 340 23.82 32.96 19.71
C PRO D 340 23.19 33.69 20.88
N TYR D 341 23.87 33.70 21.99
CA TYR D 341 23.37 34.37 23.18
C TYR D 341 23.97 35.75 23.10
N ASP D 342 23.50 36.47 22.08
CA ASP D 342 24.03 37.77 21.77
C ASP D 342 23.08 38.48 20.85
N GLN D 343 22.56 39.62 21.28
CA GLN D 343 21.60 40.37 20.49
C GLN D 343 22.18 40.94 19.19
N TYR D 344 23.49 41.20 19.18
CA TYR D 344 24.07 41.78 17.99
C TYR D 344 24.17 40.73 16.90
N LEU D 345 24.27 39.46 17.32
CA LEU D 345 24.26 38.34 16.40
C LEU D 345 22.83 37.94 16.02
N HIS D 346 21.88 38.85 16.12
CA HIS D 346 20.49 38.47 15.82
C HIS D 346 20.25 37.97 14.43
N ARG D 347 21.11 38.33 13.51
CA ARG D 347 20.93 37.83 12.18
C ARG D 347 21.97 36.74 11.86
N PHE D 348 22.67 36.23 12.88
CA PHE D 348 23.69 35.18 12.63
C PHE D 348 23.08 33.83 12.15
N ALA D 349 21.99 33.39 12.76
CA ALA D 349 21.40 32.13 12.34
C ALA D 349 20.92 32.19 10.91
N ALA D 350 20.27 33.29 10.55
CA ALA D 350 19.76 33.49 9.19
C ALA D 350 20.88 33.53 8.14
N TYR D 351 22.01 34.15 8.48
CA TYR D 351 23.11 34.17 7.52
C TYR D 351 23.52 32.73 7.20
N PHE D 352 23.66 31.87 8.21
CA PHE D 352 24.10 30.50 7.96
C PHE D 352 22.97 29.62 7.44
N GLN D 353 21.73 30.09 7.60
CA GLN D 353 20.65 29.41 6.93
C GLN D 353 21.01 29.44 5.47
N GLN D 354 21.37 30.63 4.98
CA GLN D 354 21.81 30.75 3.61
C GLN D 354 23.09 29.97 3.37
N GLY D 355 24.17 30.37 4.01
CA GLY D 355 25.47 29.73 3.79
C GLY D 355 25.48 28.23 3.83
N ASP D 356 24.77 27.67 4.78
CA ASP D 356 24.76 26.24 4.92
C ASP D 356 23.77 25.60 3.93
N MET D 357 22.51 26.01 4.00
CA MET D 357 21.46 25.38 3.23
C MET D 357 21.64 25.56 1.72
N GLU D 358 21.94 26.77 1.28
CA GLU D 358 22.18 26.99 -0.12
C GLU D 358 23.40 26.22 -0.64
N SER D 359 24.30 25.85 0.28
CA SER D 359 25.54 25.18 -0.10
C SER D 359 25.34 23.70 -0.17
N ASN D 360 24.82 23.10 0.91
CA ASN D 360 24.74 21.65 0.97
C ASN D 360 23.36 21.06 0.82
N GLY D 361 22.44 21.89 0.36
CA GLY D 361 21.11 21.42 0.08
C GLY D 361 21.18 20.86 -1.32
N LYS D 362 21.84 19.72 -1.47
CA LYS D 362 22.11 19.13 -2.76
C LYS D 362 21.85 17.63 -2.74
N TYR D 363 21.61 17.04 -3.92
CA TYR D 363 21.33 15.60 -4.00
C TYR D 363 22.03 14.87 -5.15
N ILE D 364 22.90 15.60 -5.86
CA ILE D 364 23.65 15.05 -6.99
C ILE D 364 25.14 15.13 -6.72
N THR D 365 25.79 13.95 -6.72
CA THR D 365 27.22 13.84 -6.43
C THR D 365 28.09 14.19 -7.62
N LYS D 366 29.41 14.17 -7.43
CA LYS D 366 30.32 14.62 -8.51
C LYS D 366 30.23 13.74 -9.77
N SER D 367 30.05 12.44 -9.58
CA SER D 367 29.90 11.51 -10.69
C SER D 367 28.54 11.60 -11.38
N GLY D 368 27.66 12.46 -10.87
CA GLY D 368 26.33 12.60 -11.42
C GLY D 368 25.36 11.63 -10.76
N THR D 369 25.85 10.86 -9.80
CA THR D 369 25.04 9.90 -9.09
C THR D 369 24.21 10.58 -8.01
N ARG D 370 22.92 10.27 -7.97
CA ARG D 370 22.05 10.79 -6.96
C ARG D 370 22.48 10.20 -5.61
N VAL D 371 22.53 11.00 -4.55
CA VAL D 371 22.91 10.47 -3.24
C VAL D 371 21.86 9.48 -2.73
N ASP D 372 22.27 8.62 -1.80
CA ASP D 372 21.34 7.70 -1.16
C ASP D 372 21.49 7.88 0.33
N HIS D 373 21.81 9.10 0.71
CA HIS D 373 21.99 9.46 2.09
C HIS D 373 21.68 10.95 2.26
N GLN D 374 21.46 11.38 3.50
CA GLN D 374 21.15 12.78 3.77
C GLN D 374 22.32 13.67 3.40
N THR D 375 22.01 14.90 3.00
CA THR D 375 23.01 15.94 2.87
C THR D 375 22.60 17.03 3.85
N GLY D 376 22.76 18.30 3.46
CA GLY D 376 22.52 19.43 4.36
C GLY D 376 21.32 19.41 5.28
N PRO D 377 21.50 19.96 6.48
CA PRO D 377 20.40 20.07 7.41
C PRO D 377 19.67 21.42 7.30
N ILE D 378 18.45 21.48 7.83
CA ILE D 378 17.73 22.73 7.94
C ILE D 378 18.33 23.46 9.13
N VAL D 379 19.01 24.56 8.89
CA VAL D 379 19.61 25.36 9.91
C VAL D 379 18.64 26.42 10.34
N TRP D 380 18.49 26.61 11.65
CA TRP D 380 17.59 27.63 12.19
C TRP D 380 18.04 28.09 13.55
N GLY D 381 17.37 29.11 14.10
CA GLY D 381 17.66 29.62 15.42
C GLY D 381 17.28 31.08 15.66
N GLU D 382 17.17 31.44 16.94
CA GLU D 382 16.95 32.81 17.42
C GLU D 382 17.91 33.01 18.58
N PRO D 383 18.28 34.23 18.86
CA PRO D 383 19.19 34.52 19.98
C PRO D 383 18.70 34.09 21.35
N GLY D 384 19.63 33.67 22.19
CA GLY D 384 19.37 33.38 23.59
C GLY D 384 19.40 34.75 24.26
N THR D 385 18.64 34.95 25.33
CA THR D 385 17.87 33.93 25.97
C THR D 385 16.42 33.78 25.48
N ASN D 386 16.01 34.56 24.47
CA ASN D 386 14.62 34.57 24.02
C ASN D 386 14.08 33.19 23.68
N GLY D 387 14.81 32.44 22.89
CA GLY D 387 14.41 31.08 22.59
C GLY D 387 14.07 30.23 23.81
N GLN D 388 14.63 30.54 24.97
CA GLN D 388 14.33 29.75 26.15
C GLN D 388 12.86 29.88 26.49
N HIS D 389 12.24 30.97 26.05
CA HIS D 389 10.84 31.27 26.37
C HIS D 389 9.90 31.04 25.17
N ALA D 390 10.48 30.49 24.11
CA ALA D 390 9.78 30.24 22.88
C ALA D 390 10.01 28.75 22.56
N PHE D 391 10.97 28.42 21.72
CA PHE D 391 11.03 27.06 21.22
C PHE D 391 11.83 26.03 22.09
N TYR D 392 12.52 26.46 23.14
CA TYR D 392 13.28 25.50 23.96
C TYR D 392 12.35 24.41 24.55
N GLN D 393 11.07 24.73 24.73
CA GLN D 393 10.10 23.77 25.21
C GLN D 393 10.20 22.50 24.36
N LEU D 394 10.24 22.65 23.05
CA LEU D 394 10.39 21.51 22.16
C LEU D 394 11.76 20.85 22.25
N ILE D 395 12.83 21.63 22.25
CA ILE D 395 14.18 21.07 22.36
C ILE D 395 14.34 20.16 23.59
N HIS D 396 13.81 20.65 24.71
CA HIS D 396 13.87 19.96 25.97
C HIS D 396 12.86 18.82 26.09
N GLN D 397 11.60 19.06 25.68
CA GLN D 397 10.52 18.10 25.89
C GLN D 397 9.68 17.61 24.66
N GLY D 398 10.16 17.82 23.44
CA GLY D 398 9.48 17.29 22.28
C GLY D 398 9.95 15.89 21.93
N THR D 399 9.85 15.52 20.66
CA THR D 399 10.21 14.18 20.18
C THR D 399 11.17 14.26 19.05
N LYS D 400 11.88 15.37 18.97
CA LYS D 400 12.90 15.59 17.94
C LYS D 400 14.27 15.72 18.59
N MET D 401 15.30 15.24 17.89
CA MET D 401 16.66 15.37 18.34
C MET D 401 17.20 16.54 17.57
N ILE D 402 17.74 17.54 18.26
CA ILE D 402 18.22 18.74 17.63
C ILE D 402 19.58 19.17 18.12
N PRO D 403 20.62 18.86 17.36
CA PRO D 403 21.96 19.34 17.69
C PRO D 403 21.91 20.86 17.70
N CYS D 404 22.36 21.46 18.80
CA CYS D 404 22.40 22.90 18.93
C CYS D 404 23.84 23.40 19.13
N ASP D 405 24.19 24.53 18.51
CA ASP D 405 25.45 25.22 18.83
C ASP D 405 25.05 26.42 19.62
N PHE D 406 25.52 26.53 20.86
CA PHE D 406 25.31 27.68 21.69
C PHE D 406 26.59 28.56 21.56
N LEU D 407 26.43 29.79 21.11
CA LEU D 407 27.56 30.69 21.01
C LEU D 407 27.46 31.89 21.94
N ILE D 408 28.61 32.32 22.47
CA ILE D 408 28.62 33.54 23.24
C ILE D 408 29.97 34.13 23.56
N PRO D 409 29.98 35.45 23.57
CA PRO D 409 31.16 36.18 23.97
C PRO D 409 31.23 36.32 25.48
N VAL D 410 32.41 36.10 26.03
CA VAL D 410 32.64 36.27 27.45
C VAL D 410 32.49 37.73 27.83
N GLN D 411 33.03 38.62 27.03
CA GLN D 411 32.98 40.05 27.32
C GLN D 411 31.91 40.74 26.48
N THR D 412 31.14 41.61 27.13
CA THR D 412 30.04 42.28 26.44
C THR D 412 30.42 43.67 26.01
N GLN D 413 29.81 44.13 24.94
CA GLN D 413 29.99 45.48 24.44
C GLN D 413 29.27 46.50 25.33
N HIS D 414 28.32 46.03 26.14
CA HIS D 414 27.60 46.96 26.95
C HIS D 414 27.49 46.44 28.35
N PRO D 415 28.51 46.62 29.17
CA PRO D 415 28.46 46.08 30.55
C PRO D 415 27.71 47.00 31.53
N ILE D 416 26.40 47.15 31.34
CA ILE D 416 25.57 47.99 32.19
C ILE D 416 25.33 47.35 33.54
N ARG D 417 24.89 48.14 34.51
CA ARG D 417 24.60 47.67 35.86
C ARG D 417 25.75 46.93 36.54
N LYS D 418 26.97 47.15 36.06
CA LYS D 418 28.19 46.59 36.60
C LYS D 418 28.34 45.13 36.14
N GLY D 419 27.92 44.85 34.92
CA GLY D 419 27.99 43.49 34.39
C GLY D 419 26.87 42.54 34.81
N LEU D 420 25.84 43.05 35.49
CA LEU D 420 24.73 42.21 35.93
C LEU D 420 24.02 41.51 34.77
N HIS D 421 23.71 42.25 33.71
CA HIS D 421 22.98 41.64 32.62
C HIS D 421 23.79 40.55 31.96
N HIS D 422 25.09 40.77 31.75
CA HIS D 422 25.89 39.77 31.04
C HIS D 422 26.06 38.51 31.89
N LYS D 423 26.03 38.70 33.20
CA LYS D 423 26.21 37.64 34.12
C LYS D 423 25.02 36.67 34.04
N ILE D 424 23.83 37.25 34.05
CA ILE D 424 22.64 36.47 33.98
C ILE D 424 22.66 35.72 32.63
N LEU D 425 23.04 36.43 31.59
CA LEU D 425 23.10 35.84 30.27
C LEU D 425 24.03 34.64 30.27
N LEU D 426 25.21 34.79 30.85
CA LEU D 426 26.14 33.70 30.88
C LEU D 426 25.54 32.52 31.63
N ALA D 427 24.88 32.79 32.76
CA ALA D 427 24.38 31.72 33.59
C ALA D 427 23.36 30.90 32.81
N ASN D 428 22.48 31.59 32.09
CA ASN D 428 21.52 30.91 31.25
C ASN D 428 22.23 30.07 30.15
N PHE D 429 23.18 30.70 29.46
CA PHE D 429 23.99 30.01 28.46
C PHE D 429 24.49 28.65 29.02
N LEU D 430 25.10 28.75 30.19
CA LEU D 430 25.71 27.60 30.82
C LEU D 430 24.66 26.60 31.24
N ALA D 431 23.61 27.09 31.89
CA ALA D 431 22.60 26.22 32.48
C ALA D 431 21.76 25.47 31.44
N GLN D 432 21.44 26.13 30.34
CA GLN D 432 20.65 25.48 29.31
C GLN D 432 21.33 24.25 28.73
N THR D 433 22.63 24.32 28.43
CA THR D 433 23.29 23.12 27.89
C THR D 433 23.41 22.05 28.97
N GLU D 434 23.70 22.48 30.19
CA GLU D 434 23.78 21.60 31.31
C GLU D 434 22.48 20.81 31.37
N ALA D 435 21.36 21.53 31.41
CA ALA D 435 20.03 20.88 31.52
C ALA D 435 19.68 19.98 30.34
N LEU D 436 20.01 20.39 29.13
CA LEU D 436 19.70 19.56 27.97
C LEU D 436 20.46 18.24 28.08
N MET D 437 21.56 18.30 28.80
CA MET D 437 22.40 17.14 28.98
C MET D 437 21.86 16.26 30.09
N ARG D 438 21.61 16.85 31.25
CA ARG D 438 21.29 16.05 32.42
C ARG D 438 19.84 15.61 32.52
N GLY D 439 18.92 16.44 32.03
CA GLY D 439 17.50 16.18 32.18
C GLY D 439 17.15 16.19 33.66
N LYS D 440 16.01 15.61 33.99
CA LYS D 440 15.54 15.52 35.36
C LYS D 440 14.71 14.22 35.44
N SER D 441 15.16 13.28 36.25
CA SER D 441 14.49 12.01 36.33
C SER D 441 13.17 12.10 37.09
N THR D 442 12.36 11.06 36.96
CA THR D 442 11.12 10.99 37.69
C THR D 442 11.40 11.16 39.18
N GLU D 443 12.45 10.51 39.66
CA GLU D 443 12.77 10.58 41.07
C GLU D 443 13.09 12.00 41.51
N GLU D 444 13.99 12.68 40.78
CA GLU D 444 14.37 14.03 41.22
C GLU D 444 13.14 14.92 41.15
N ALA D 445 12.32 14.74 40.13
CA ALA D 445 11.12 15.55 40.01
C ALA D 445 10.19 15.26 41.17
N ARG D 446 10.00 13.99 41.51
CA ARG D 446 9.09 13.66 42.62
C ARG D 446 9.58 14.32 43.91
N LYS D 447 10.88 14.26 44.14
CA LYS D 447 11.41 14.89 45.34
C LYS D 447 11.00 16.37 45.39
N GLU D 448 11.23 17.09 44.29
CA GLU D 448 10.85 18.52 44.23
C GLU D 448 9.35 18.78 44.47
N LEU D 449 8.47 17.99 43.86
CA LEU D 449 7.04 18.20 44.05
C LEU D 449 6.67 17.98 45.50
N GLN D 450 7.30 17.00 46.12
CA GLN D 450 7.03 16.66 47.51
C GLN D 450 7.54 17.79 48.38
N ALA D 451 8.80 18.14 48.18
CA ALA D 451 9.43 19.17 48.98
C ALA D 451 8.66 20.46 48.87
N ALA D 452 7.76 20.53 47.89
CA ALA D 452 7.02 21.75 47.59
C ALA D 452 5.64 21.79 48.23
N GLY D 453 5.25 20.69 48.89
CA GLY D 453 3.97 20.64 49.58
C GLY D 453 2.81 20.13 48.74
N LYS D 454 3.11 19.46 47.63
CA LYS D 454 2.06 18.95 46.76
C LYS D 454 1.45 17.70 47.41
N SER D 455 0.16 17.50 47.19
CA SER D 455 -0.57 16.37 47.75
C SER D 455 -0.45 15.18 46.80
N PRO D 456 -0.61 13.97 47.31
CA PRO D 456 -0.45 12.78 46.47
C PRO D 456 -1.16 12.97 45.14
N GLU D 457 -2.45 13.22 45.18
CA GLU D 457 -3.22 13.42 43.96
C GLU D 457 -2.67 14.57 43.09
N ASP D 458 -2.34 15.69 43.70
CA ASP D 458 -1.78 16.80 42.92
C ASP D 458 -0.43 16.40 42.32
N LEU D 459 0.42 15.82 43.16
CA LEU D 459 1.75 15.41 42.74
C LEU D 459 1.72 14.42 41.61
N GLU D 460 0.86 13.41 41.76
CA GLU D 460 0.76 12.32 40.82
C GLU D 460 0.38 12.78 39.43
N ARG D 461 -0.60 13.66 39.34
CA ARG D 461 -1.07 14.14 38.04
C ARG D 461 -0.06 15.07 37.38
N LEU D 462 0.79 15.66 38.20
CA LEU D 462 1.76 16.61 37.69
C LEU D 462 3.11 15.98 37.37
N LEU D 463 3.46 14.98 38.18
CA LEU D 463 4.77 14.39 38.13
C LEU D 463 5.34 14.04 36.75
N PRO D 464 4.61 13.29 35.95
CA PRO D 464 5.18 12.86 34.68
C PRO D 464 5.46 14.01 33.76
N HIS D 465 4.72 15.09 33.88
CA HIS D 465 4.90 16.20 32.92
C HIS D 465 6.16 16.98 33.20
N LYS D 466 6.65 16.85 34.41
CA LYS D 466 7.85 17.56 34.84
C LYS D 466 9.15 16.79 34.68
N VAL D 467 9.10 15.66 33.98
CA VAL D 467 10.30 14.85 33.78
C VAL D 467 10.98 15.23 32.48
N PHE D 468 12.30 15.31 32.51
CA PHE D 468 13.10 15.67 31.34
C PHE D 468 14.02 14.53 31.06
N GLU D 469 13.98 14.04 29.83
CA GLU D 469 14.74 12.88 29.49
C GLU D 469 16.23 13.16 29.34
N GLY D 470 16.59 14.37 28.91
CA GLY D 470 17.97 14.75 28.80
C GLY D 470 18.70 14.17 27.59
N ASN D 471 19.98 13.91 27.77
CA ASN D 471 20.79 13.33 26.71
C ASN D 471 20.65 14.05 25.38
N ARG D 472 20.35 15.36 25.44
CA ARG D 472 20.24 16.21 24.28
C ARG D 472 21.56 16.96 24.16
N PRO D 473 22.20 16.79 23.01
CA PRO D 473 23.55 17.30 22.81
C PRO D 473 23.69 18.66 22.19
N THR D 474 24.80 19.27 22.55
CA THR D 474 25.10 20.62 22.11
C THR D 474 26.60 20.84 22.01
N ASN D 475 26.96 21.84 21.24
CA ASN D 475 28.30 22.35 21.12
C ASN D 475 28.19 23.65 21.86
N SER D 476 29.23 24.02 22.63
CA SER D 476 29.29 25.35 23.22
C SER D 476 30.48 26.10 22.63
N ILE D 477 30.21 27.22 21.96
CA ILE D 477 31.27 28.02 21.36
C ILE D 477 31.34 29.34 22.08
N VAL D 478 32.45 29.53 22.75
CA VAL D 478 32.64 30.68 23.60
C VAL D 478 33.86 31.40 23.15
N PHE D 479 33.72 32.72 22.96
CA PHE D 479 34.80 33.58 22.47
C PHE D 479 34.98 34.81 23.39
N THR D 480 36.17 35.38 23.39
CA THR D 480 36.47 36.43 24.33
C THR D 480 35.55 37.65 24.23
N LYS D 481 35.43 38.18 23.03
CA LYS D 481 34.60 39.33 22.77
C LYS D 481 34.18 39.32 21.32
N LEU D 482 32.99 39.84 20.99
CA LEU D 482 32.62 39.88 19.56
C LEU D 482 33.16 41.14 18.84
N THR D 483 34.46 41.13 18.55
CA THR D 483 35.11 42.22 17.83
C THR D 483 35.04 41.94 16.33
N PRO D 484 35.37 42.90 15.48
CA PRO D 484 35.39 42.63 14.05
C PRO D 484 36.24 41.42 13.68
N PHE D 485 37.40 41.27 14.30
CA PHE D 485 38.29 40.16 14.02
C PHE D 485 37.66 38.82 14.43
N MET D 486 37.15 38.78 15.65
CA MET D 486 36.59 37.53 16.10
C MET D 486 35.41 37.10 15.23
N LEU D 487 34.57 38.06 14.83
CA LEU D 487 33.44 37.73 13.98
C LEU D 487 33.99 37.12 12.71
N GLY D 488 35.02 37.76 12.16
CA GLY D 488 35.64 37.24 10.97
C GLY D 488 36.00 35.78 11.16
N ALA D 489 36.68 35.50 12.26
CA ALA D 489 37.07 34.14 12.56
C ALA D 489 35.87 33.20 12.66
N LEU D 490 34.84 33.63 13.36
CA LEU D 490 33.68 32.79 13.55
C LEU D 490 33.01 32.48 12.22
N VAL D 491 32.84 33.47 11.37
CA VAL D 491 32.20 33.20 10.10
C VAL D 491 33.04 32.25 9.26
N ALA D 492 34.34 32.46 9.25
CA ALA D 492 35.21 31.63 8.44
C ALA D 492 35.10 30.18 8.90
N MET D 493 34.97 29.99 10.19
CA MET D 493 34.96 28.65 10.74
C MET D 493 33.76 27.89 10.24
N TYR D 494 32.60 28.53 10.16
CA TYR D 494 31.41 27.81 9.70
C TYR D 494 31.51 27.58 8.21
N GLU D 495 32.18 28.48 7.53
CA GLU D 495 32.36 28.31 6.09
C GLU D 495 33.09 26.97 5.85
N HIS D 496 34.22 26.79 6.51
CA HIS D 496 35.03 25.61 6.28
C HIS D 496 34.33 24.36 6.81
N LYS D 497 33.39 24.54 7.72
CA LYS D 497 32.60 23.42 8.22
C LYS D 497 31.67 22.97 7.10
N ILE D 498 31.08 23.94 6.43
CA ILE D 498 30.18 23.66 5.35
C ILE D 498 30.98 22.94 4.27
N PHE D 499 32.14 23.51 3.96
CA PHE D 499 33.05 22.94 2.98
C PHE D 499 33.36 21.47 3.24
N VAL D 500 33.76 21.16 4.47
CA VAL D 500 34.14 19.79 4.82
C VAL D 500 32.95 18.87 4.66
N GLN D 501 31.82 19.26 5.24
CA GLN D 501 30.62 18.45 5.15
C GLN D 501 30.32 18.10 3.68
N GLY D 502 30.53 19.05 2.78
CA GLY D 502 30.30 18.81 1.37
C GLY D 502 31.32 17.87 0.74
N ILE D 503 32.59 18.05 1.11
CA ILE D 503 33.61 17.20 0.54
C ILE D 503 33.25 15.77 0.90
N ILE D 504 32.88 15.57 2.16
CA ILE D 504 32.51 14.25 2.65
C ILE D 504 31.25 13.74 1.98
N TRP D 505 30.31 14.62 1.68
CA TRP D 505 29.10 14.19 1.00
C TRP D 505 29.34 14.04 -0.52
N ASP D 506 30.51 14.48 -0.98
CA ASP D 506 30.86 14.48 -2.39
C ASP D 506 29.88 15.29 -3.22
N ILE D 507 29.45 16.44 -2.72
CA ILE D 507 28.57 17.31 -3.50
C ILE D 507 29.28 18.62 -3.77
N ASN D 508 28.69 19.43 -4.64
CA ASN D 508 29.21 20.75 -4.96
C ASN D 508 28.62 21.76 -4.00
N SER D 509 29.39 22.24 -3.05
CA SER D 509 28.86 23.17 -2.07
C SER D 509 28.86 24.56 -2.63
N PHE D 510 29.27 24.71 -3.87
CA PHE D 510 29.44 26.05 -4.39
C PHE D 510 28.56 26.50 -5.56
N ASP D 511 27.75 25.60 -6.10
CA ASP D 511 26.73 26.00 -7.08
C ASP D 511 25.38 26.10 -6.37
N GLN D 512 24.35 26.57 -7.09
CA GLN D 512 22.99 26.60 -6.56
C GLN D 512 21.98 26.56 -7.71
N TRP D 513 21.91 25.43 -8.38
CA TRP D 513 21.04 25.30 -9.54
C TRP D 513 19.57 25.58 -9.24
N GLY D 514 19.15 25.33 -8.01
CA GLY D 514 17.77 25.57 -7.63
C GLY D 514 17.44 27.04 -7.54
N VAL D 515 18.48 27.86 -7.37
CA VAL D 515 18.30 29.29 -7.26
C VAL D 515 18.14 29.86 -8.66
N GLU D 516 18.83 29.23 -9.60
CA GLU D 516 18.76 29.64 -11.01
C GLU D 516 17.39 29.31 -11.56
N LEU D 517 16.91 28.09 -11.32
CA LEU D 517 15.57 27.76 -11.77
C LEU D 517 14.72 28.91 -11.28
N GLY D 518 14.89 29.26 -10.00
CA GLY D 518 14.10 30.31 -9.35
C GLY D 518 14.04 31.63 -10.09
N LYS D 519 15.20 32.14 -10.44
CA LYS D 519 15.30 33.40 -11.14
C LYS D 519 14.55 33.42 -12.48
N GLN D 520 14.28 32.26 -13.07
CA GLN D 520 13.60 32.19 -14.38
C GLN D 520 12.12 31.79 -14.28
N LEU D 521 11.65 31.43 -13.09
CA LEU D 521 10.30 30.89 -12.91
C LEU D 521 9.11 31.87 -13.04
N ALA D 522 9.29 33.06 -12.51
CA ALA D 522 8.24 34.06 -12.48
C ALA D 522 7.95 34.65 -13.85
N LYS D 523 8.97 34.63 -14.71
CA LYS D 523 8.90 35.27 -16.03
C LYS D 523 7.67 34.85 -16.80
N LYS D 524 7.38 33.56 -16.75
CA LYS D 524 6.26 33.02 -17.47
C LYS D 524 4.93 33.52 -16.90
N ILE D 525 4.86 33.67 -15.58
CA ILE D 525 3.60 34.05 -14.95
C ILE D 525 3.38 35.55 -14.95
N GLU D 526 4.46 36.32 -14.88
CA GLU D 526 4.33 37.78 -14.85
C GLU D 526 3.28 38.35 -15.81
N PRO D 527 3.53 38.29 -17.11
CA PRO D 527 2.60 38.88 -18.09
C PRO D 527 1.17 38.37 -17.93
N GLU D 528 1.03 37.10 -17.58
CA GLU D 528 -0.29 36.51 -17.40
C GLU D 528 -1.09 37.23 -16.31
N LEU D 529 -0.44 38.01 -15.45
CA LEU D 529 -1.18 38.65 -14.36
C LEU D 529 -1.94 39.87 -14.83
N ASP D 530 -1.42 40.50 -15.87
CA ASP D 530 -2.08 41.67 -16.44
C ASP D 530 -3.40 41.27 -17.06
N GLY D 531 -4.34 42.21 -17.08
CA GLY D 531 -5.62 41.98 -17.72
C GLY D 531 -6.53 41.14 -16.84
N SER D 532 -7.83 41.21 -17.13
CA SER D 532 -8.83 40.50 -16.33
C SER D 532 -9.10 39.08 -16.79
N ALA D 533 -8.44 38.64 -17.85
CA ALA D 533 -8.75 37.33 -18.41
C ALA D 533 -8.38 36.20 -17.45
N GLN D 534 -9.32 35.28 -17.22
CA GLN D 534 -9.01 34.10 -16.41
C GLN D 534 -7.78 33.48 -17.06
N VAL D 535 -7.02 32.72 -16.30
CA VAL D 535 -5.87 32.03 -16.85
C VAL D 535 -6.16 30.54 -16.79
N THR D 536 -5.77 29.81 -17.83
CA THR D 536 -5.99 28.37 -17.86
C THR D 536 -4.72 27.61 -18.22
N SER D 537 -3.65 28.35 -18.49
CA SER D 537 -2.40 27.77 -18.98
C SER D 537 -1.51 27.03 -17.95
N HIS D 538 -2.03 26.69 -16.77
CA HIS D 538 -1.24 25.91 -15.81
C HIS D 538 -2.08 24.82 -15.20
N ASP D 539 -1.50 24.19 -14.17
CA ASP D 539 -2.21 23.21 -13.37
C ASP D 539 -3.33 23.93 -12.64
N ALA D 540 -4.36 23.20 -12.26
CA ALA D 540 -5.53 23.80 -11.68
C ALA D 540 -5.25 24.73 -10.47
N SER D 541 -4.29 24.37 -9.61
CA SER D 541 -4.04 25.20 -8.41
C SER D 541 -3.54 26.54 -8.83
N THR D 542 -2.47 26.55 -9.61
CA THR D 542 -1.91 27.79 -10.08
C THR D 542 -2.98 28.67 -10.69
N ASN D 543 -3.70 28.13 -11.67
CA ASN D 543 -4.77 28.85 -12.35
C ASN D 543 -5.74 29.40 -11.32
N GLY D 544 -6.25 28.51 -10.49
CA GLY D 544 -7.17 28.91 -9.44
C GLY D 544 -6.68 30.07 -8.57
N LEU D 545 -5.38 30.09 -8.29
CA LEU D 545 -4.79 31.10 -7.41
C LEU D 545 -4.70 32.39 -8.19
N ILE D 546 -4.28 32.30 -9.44
CA ILE D 546 -4.20 33.48 -10.29
C ILE D 546 -5.61 34.07 -10.41
N ASN D 547 -6.60 33.22 -10.61
CA ASN D 547 -7.98 33.68 -10.75
C ASN D 547 -8.51 34.34 -9.51
N PHE D 548 -8.11 33.84 -8.35
CA PHE D 548 -8.52 34.46 -7.09
C PHE D 548 -7.87 35.85 -7.01
N ILE D 549 -6.62 35.93 -7.46
CA ILE D 549 -5.93 37.20 -7.42
C ILE D 549 -6.62 38.26 -8.28
N LYS D 550 -6.99 37.90 -9.50
CA LYS D 550 -7.66 38.88 -10.37
C LYS D 550 -9.01 39.28 -9.77
N GLN D 551 -9.76 38.30 -9.29
CA GLN D 551 -11.01 38.61 -8.60
C GLN D 551 -10.79 39.62 -7.45
N GLN D 552 -9.77 39.41 -6.63
CA GLN D 552 -9.66 40.22 -5.41
C GLN D 552 -8.86 41.51 -5.54
N ARG D 553 -8.16 41.66 -6.65
CA ARG D 553 -7.46 42.88 -6.97
C ARG D 553 -8.38 44.07 -6.88
N GLU D 554 -9.60 43.88 -7.37
CA GLU D 554 -10.59 44.95 -7.52
C GLU D 554 -11.35 45.29 -6.24
N ALA D 555 -11.40 44.35 -5.28
CA ALA D 555 -12.26 44.51 -4.11
C ALA D 555 -11.87 45.65 -3.16
N ARG D 556 -12.89 46.23 -2.55
CA ARG D 556 -12.71 47.35 -1.64
C ARG D 556 -12.85 46.85 -0.20
N VAL D 557 -11.74 46.42 0.40
CA VAL D 557 -11.78 45.97 1.79
C VAL D 557 -12.19 47.16 2.65
C1 E4P E . -22.37 -32.64 3.91
O1 E4P E . -22.35 -32.16 2.78
O1 E4P E . -23.32 -33.43 3.77
C2 E4P E . -23.02 -31.64 4.84
O2 E4P E . -23.95 -30.78 4.19
C3 E4P E . -21.85 -30.80 5.32
O3 E4P E . -21.09 -31.65 6.15
C4 E4P E . -22.25 -29.55 6.05
O4 E4P E . -23.10 -29.87 7.15
P E4P E . -23.65 -28.71 7.96
O1P E4P E . -22.59 -27.69 8.27
O2P E4P E . -24.72 -28.10 7.10
O3P E4P E . -24.24 -29.24 9.22
C1 E4P F . -6.30 -30.53 -27.48
O1 E4P F . -6.13 -30.44 -26.27
O1 E4P F . -5.44 -31.36 -27.25
C2 E4P F . -5.62 -29.41 -28.18
O2 E4P F . -4.72 -28.77 -27.29
C3 E4P F . -6.73 -28.43 -28.52
O3 E4P F . -7.66 -29.08 -29.37
C4 E4P F . -6.24 -27.12 -29.10
O4 E4P F . -5.47 -27.27 -30.27
P E4P F . -4.88 -25.97 -30.74
O1P E4P F . -5.96 -24.94 -30.91
O2P E4P F . -3.91 -25.43 -29.74
O3P E4P F . -4.19 -26.23 -32.04
C1 E4P G . 6.85 32.22 27.65
O1 E4P G . 6.97 33.08 26.78
O1 E4P G . 6.08 31.28 27.81
C2 E4P G . 6.32 33.26 28.65
O2 E4P G . 5.35 34.13 28.10
C3 E4P G . 7.48 34.14 29.11
O3 E4P G . 8.45 33.36 29.76
C4 E4P G . 7.13 35.34 29.99
O4 E4P G . 6.45 35.03 31.18
P E4P G . 5.89 36.23 31.88
O1P E4P G . 6.98 37.24 32.03
O2P E4P G . 4.84 36.89 31.01
O3P E4P G . 5.31 35.84 33.21
C1 E4P H . 22.15 34.09 -4.17
O1 E4P H . 22.45 34.16 -3.00
O1 E4P H . 23.04 33.24 -4.06
C2 E4P H . 22.73 35.27 -4.88
O2 E4P H . 23.77 35.88 -4.13
C3 E4P H . 21.55 36.23 -5.04
O3 E4P H . 20.57 35.59 -5.82
C4 E4P H . 21.91 37.55 -5.66
O4 E4P H . 22.60 37.30 -6.86
P E4P H . 23.29 38.45 -7.54
O1P E4P H . 22.29 39.55 -7.82
O2P E4P H . 24.37 39.06 -6.68
O3P E4P H . 23.83 37.78 -8.78
#